data_7ZFO
# 
_entry.id   7ZFO 
# 
_audit_conform.dict_name       mmcif_pdbx.dic 
_audit_conform.dict_version    5.384 
_audit_conform.dict_location   http://mmcif.pdb.org/dictionaries/ascii/mmcif_pdbx.dic 
# 
loop_
_database_2.database_id 
_database_2.database_code 
_database_2.pdbx_database_accession 
_database_2.pdbx_DOI 
PDB   7ZFO         pdb_00007zfo 10.2210/pdb7zfo/pdb 
WWPDB D_1292122177 ?            ?                   
# 
loop_
_pdbx_audit_revision_history.ordinal 
_pdbx_audit_revision_history.data_content_type 
_pdbx_audit_revision_history.major_revision 
_pdbx_audit_revision_history.minor_revision 
_pdbx_audit_revision_history.revision_date 
1 'Structure model' 1 0 2022-11-23 
2 'Structure model' 1 1 2022-12-07 
3 'Structure model' 1 2 2023-01-11 
4 'Structure model' 1 3 2024-01-31 
# 
_pdbx_audit_revision_details.ordinal             1 
_pdbx_audit_revision_details.revision_ordinal    1 
_pdbx_audit_revision_details.data_content_type   'Structure model' 
_pdbx_audit_revision_details.provider            repository 
_pdbx_audit_revision_details.type                'Initial release' 
_pdbx_audit_revision_details.description         ? 
_pdbx_audit_revision_details.details             ? 
# 
loop_
_pdbx_audit_revision_group.ordinal 
_pdbx_audit_revision_group.revision_ordinal 
_pdbx_audit_revision_group.data_content_type 
_pdbx_audit_revision_group.group 
1 2 'Structure model' 'Database references'    
2 3 'Structure model' 'Database references'    
3 4 'Structure model' 'Data collection'        
4 4 'Structure model' 'Refinement description' 
# 
loop_
_pdbx_audit_revision_category.ordinal 
_pdbx_audit_revision_category.revision_ordinal 
_pdbx_audit_revision_category.data_content_type 
_pdbx_audit_revision_category.category 
1 2 'Structure model' citation                      
2 2 'Structure model' citation_author               
3 3 'Structure model' citation_author               
4 4 'Structure model' chem_comp_atom                
5 4 'Structure model' chem_comp_bond                
6 4 'Structure model' pdbx_initial_refinement_model 
# 
loop_
_pdbx_audit_revision_item.ordinal 
_pdbx_audit_revision_item.revision_ordinal 
_pdbx_audit_revision_item.data_content_type 
_pdbx_audit_revision_item.item 
1 2 'Structure model' '_citation.journal_volume'          
2 2 'Structure model' '_citation.page_first'              
3 2 'Structure model' '_citation.page_last'               
4 2 'Structure model' '_citation_author.identifier_ORCID' 
5 3 'Structure model' '_citation_author.identifier_ORCID' 
# 
_pdbx_database_status.status_code                     REL 
_pdbx_database_status.status_code_sf                  REL 
_pdbx_database_status.status_code_mr                  ? 
_pdbx_database_status.entry_id                        7ZFO 
_pdbx_database_status.recvd_initial_deposition_date   2022-04-01 
_pdbx_database_status.SG_entry                        N 
_pdbx_database_status.deposit_site                    PDBE 
_pdbx_database_status.process_site                    PDBE 
_pdbx_database_status.status_code_cs                  ? 
_pdbx_database_status.status_code_nmr_data            ? 
_pdbx_database_status.methods_development_category    ? 
_pdbx_database_status.pdb_format_compatible           N 
# 
_pdbx_contact_author.id                 2 
_pdbx_contact_author.email              martin.noble@ncl.ac.uk 
_pdbx_contact_author.name_first         Martin 
_pdbx_contact_author.name_last          Noble 
_pdbx_contact_author.name_mi            E.M. 
_pdbx_contact_author.role               'principal investigator/group leader' 
_pdbx_contact_author.identifier_ORCID   0000-0002-3595-9807 
# 
loop_
_audit_author.name 
_audit_author.pdbx_ordinal 
_audit_author.identifier_ORCID 
'Turberville, S.' 1 0000-0003-2173-9675 
'Martin, M.P.'    2 0000-0003-4810-3351 
'Hope, I.'        3 ?                   
'Noble, M.E.M.'   4 0000-0002-3595-9807 
# 
_citation.abstract                  ? 
_citation.abstract_id_CAS           ? 
_citation.book_id_ISBN              ? 
_citation.book_publisher            ? 
_citation.book_publisher_city       ? 
_citation.book_title                ? 
_citation.coordinate_linkage        ? 
_citation.country                   US 
_citation.database_id_Medline       ? 
_citation.details                   ? 
_citation.id                        primary 
_citation.journal_abbrev            J.Med.Chem. 
_citation.journal_id_ASTM           JMCMAR 
_citation.journal_id_CSD            0151 
_citation.journal_id_ISSN           0022-2623 
_citation.journal_full              ? 
_citation.journal_issue             ? 
_citation.journal_volume            65 
_citation.language                  ? 
_citation.page_first                15416 
_citation.page_last                 15432 
_citation.title                     
;Mapping Ligand Interactions of Bromodomains BRD4 and ATAD2 with FragLites and PepLites&#9472;Halogenated Probes of Druglike and Peptide-like Molecular Interactions.
;
_citation.year                      2022 
_citation.database_id_CSD           ? 
_citation.pdbx_database_id_DOI      10.1021/acs.jmedchem.2c01357 
_citation.pdbx_database_id_PubMed   36367089 
_citation.pdbx_database_id_patent   ? 
_citation.unpublished_flag          ? 
# 
loop_
_citation_author.citation_id 
_citation_author.name 
_citation_author.ordinal 
_citation_author.identifier_ORCID 
primary 'Davison, G.'       1  0000-0001-5466-2702 
primary 'Martin, M.P.'      2  ?                   
primary 'Turberville, S.'   3  ?                   
primary 'Dormen, S.'        4  ?                   
primary 'Heath, R.'         5  ?                   
primary 'Heptinstall, A.B.' 6  ?                   
primary 'Lawson, M.'        7  ?                   
primary 'Miller, D.C.'      8  0000-0001-6846-2007 
primary 'Ng, Y.M.'          9  ?                   
primary 'Sanderson, J.N.'   10 0000-0003-1000-2897 
primary 'Hope, I.'          11 0000-0002-8002-5026 
primary 'Wood, D.J.'        12 ?                   
primary 'Cano, C.'          13 0000-0002-2032-2272 
primary 'Endicott, J.A.'    14 ?                   
primary 'Hardcastle, I.R.'  15 0000-0001-7495-3769 
primary 'Noble, M.E.M.'     16 ?                   
primary 'Waring, M.J.'      17 0000-0002-9110-8783 
# 
loop_
_entity.id 
_entity.type 
_entity.src_method 
_entity.pdbx_description 
_entity.formula_weight 
_entity.pdbx_number_of_molecules 
_entity.pdbx_ec 
_entity.pdbx_mutation 
_entity.pdbx_fragment 
_entity.details 
1 polymer     man 'Isoform C of Bromodomain-containing protein 4' 15294.578 1   ? ? ? ? 
2 non-polymer syn GLYCEROL                                        92.094    1   ? ? ? ? 
3 non-polymer syn '4-bromo-1-(2-hydroxyethyl)pyridin-2(1H)-one'   218.048   1   ? ? ? ? 
4 water       nat water                                           18.015    152 ? ? ? ? 
# 
_entity_name_com.entity_id   1 
_entity_name_com.name        'Protein HUNK1' 
# 
_entity_poly.entity_id                      1 
_entity_poly.type                           'polypeptide(L)' 
_entity_poly.nstd_linkage                   no 
_entity_poly.nstd_monomer                   no 
_entity_poly.pdbx_seq_one_letter_code       
;GSHMNPPPPETSNPNKPKRQTNQLQYLLRVVLKTLWKHQFAWPFQQPVDAVKLNLPDYYKIIKTPMDMGTIKKRLENNYY
WNAQECIQDFNTMFTNCYIYNKPGDDIVLMAEALEKLFLQKINELPTEE
;
_entity_poly.pdbx_seq_one_letter_code_can   
;GSHMNPPPPETSNPNKPKRQTNQLQYLLRVVLKTLWKHQFAWPFQQPVDAVKLNLPDYYKIIKTPMDMGTIKKRLENNYY
WNAQECIQDFNTMFTNCYIYNKPGDDIVLMAEALEKLFLQKINELPTEE
;
_entity_poly.pdbx_strand_id                 AAA 
_entity_poly.pdbx_target_identifier         ? 
# 
loop_
_pdbx_entity_nonpoly.entity_id 
_pdbx_entity_nonpoly.name 
_pdbx_entity_nonpoly.comp_id 
2 GLYCEROL                                      GOL 
3 '4-bromo-1-(2-hydroxyethyl)pyridin-2(1H)-one' UUS 
4 water                                         HOH 
# 
loop_
_entity_poly_seq.entity_id 
_entity_poly_seq.num 
_entity_poly_seq.mon_id 
_entity_poly_seq.hetero 
1 1   GLY n 
1 2   SER n 
1 3   HIS n 
1 4   MET n 
1 5   ASN n 
1 6   PRO n 
1 7   PRO n 
1 8   PRO n 
1 9   PRO n 
1 10  GLU n 
1 11  THR n 
1 12  SER n 
1 13  ASN n 
1 14  PRO n 
1 15  ASN n 
1 16  LYS n 
1 17  PRO n 
1 18  LYS n 
1 19  ARG n 
1 20  GLN n 
1 21  THR n 
1 22  ASN n 
1 23  GLN n 
1 24  LEU n 
1 25  GLN n 
1 26  TYR n 
1 27  LEU n 
1 28  LEU n 
1 29  ARG n 
1 30  VAL n 
1 31  VAL n 
1 32  LEU n 
1 33  LYS n 
1 34  THR n 
1 35  LEU n 
1 36  TRP n 
1 37  LYS n 
1 38  HIS n 
1 39  GLN n 
1 40  PHE n 
1 41  ALA n 
1 42  TRP n 
1 43  PRO n 
1 44  PHE n 
1 45  GLN n 
1 46  GLN n 
1 47  PRO n 
1 48  VAL n 
1 49  ASP n 
1 50  ALA n 
1 51  VAL n 
1 52  LYS n 
1 53  LEU n 
1 54  ASN n 
1 55  LEU n 
1 56  PRO n 
1 57  ASP n 
1 58  TYR n 
1 59  TYR n 
1 60  LYS n 
1 61  ILE n 
1 62  ILE n 
1 63  LYS n 
1 64  THR n 
1 65  PRO n 
1 66  MET n 
1 67  ASP n 
1 68  MET n 
1 69  GLY n 
1 70  THR n 
1 71  ILE n 
1 72  LYS n 
1 73  LYS n 
1 74  ARG n 
1 75  LEU n 
1 76  GLU n 
1 77  ASN n 
1 78  ASN n 
1 79  TYR n 
1 80  TYR n 
1 81  TRP n 
1 82  ASN n 
1 83  ALA n 
1 84  GLN n 
1 85  GLU n 
1 86  CYS n 
1 87  ILE n 
1 88  GLN n 
1 89  ASP n 
1 90  PHE n 
1 91  ASN n 
1 92  THR n 
1 93  MET n 
1 94  PHE n 
1 95  THR n 
1 96  ASN n 
1 97  CYS n 
1 98  TYR n 
1 99  ILE n 
1 100 TYR n 
1 101 ASN n 
1 102 LYS n 
1 103 PRO n 
1 104 GLY n 
1 105 ASP n 
1 106 ASP n 
1 107 ILE n 
1 108 VAL n 
1 109 LEU n 
1 110 MET n 
1 111 ALA n 
1 112 GLU n 
1 113 ALA n 
1 114 LEU n 
1 115 GLU n 
1 116 LYS n 
1 117 LEU n 
1 118 PHE n 
1 119 LEU n 
1 120 GLN n 
1 121 LYS n 
1 122 ILE n 
1 123 ASN n 
1 124 GLU n 
1 125 LEU n 
1 126 PRO n 
1 127 THR n 
1 128 GLU n 
1 129 GLU n 
# 
_entity_src_gen.entity_id                          1 
_entity_src_gen.pdbx_src_id                        1 
_entity_src_gen.pdbx_alt_source_flag               sample 
_entity_src_gen.pdbx_seq_type                      'Biological sequence' 
_entity_src_gen.pdbx_beg_seq_num                   1 
_entity_src_gen.pdbx_end_seq_num                   129 
_entity_src_gen.gene_src_common_name               human 
_entity_src_gen.gene_src_genus                     ? 
_entity_src_gen.pdbx_gene_src_gene                 'BRD4, HUNK1' 
_entity_src_gen.gene_src_species                   ? 
_entity_src_gen.gene_src_strain                    ? 
_entity_src_gen.gene_src_tissue                    ? 
_entity_src_gen.gene_src_tissue_fraction           ? 
_entity_src_gen.gene_src_details                   ? 
_entity_src_gen.pdbx_gene_src_fragment             ? 
_entity_src_gen.pdbx_gene_src_scientific_name      'Homo sapiens' 
_entity_src_gen.pdbx_gene_src_ncbi_taxonomy_id     9606 
_entity_src_gen.pdbx_gene_src_variant              ? 
_entity_src_gen.pdbx_gene_src_cell_line            ? 
_entity_src_gen.pdbx_gene_src_atcc                 ? 
_entity_src_gen.pdbx_gene_src_organ                ? 
_entity_src_gen.pdbx_gene_src_organelle            ? 
_entity_src_gen.pdbx_gene_src_cell                 ? 
_entity_src_gen.pdbx_gene_src_cellular_location    ? 
_entity_src_gen.host_org_common_name               ? 
_entity_src_gen.pdbx_host_org_scientific_name      'Escherichia coli BL21(DE3)' 
_entity_src_gen.pdbx_host_org_ncbi_taxonomy_id     469008 
_entity_src_gen.host_org_genus                     ? 
_entity_src_gen.pdbx_host_org_gene                 ? 
_entity_src_gen.pdbx_host_org_organ                ? 
_entity_src_gen.host_org_species                   ? 
_entity_src_gen.pdbx_host_org_tissue               ? 
_entity_src_gen.pdbx_host_org_tissue_fraction      ? 
_entity_src_gen.pdbx_host_org_strain               ? 
_entity_src_gen.pdbx_host_org_variant              ? 
_entity_src_gen.pdbx_host_org_cell_line            ? 
_entity_src_gen.pdbx_host_org_atcc                 ? 
_entity_src_gen.pdbx_host_org_culture_collection   ? 
_entity_src_gen.pdbx_host_org_cell                 ? 
_entity_src_gen.pdbx_host_org_organelle            ? 
_entity_src_gen.pdbx_host_org_cellular_location    ? 
_entity_src_gen.pdbx_host_org_vector_type          ? 
_entity_src_gen.pdbx_host_org_vector               ? 
_entity_src_gen.host_org_details                   ? 
_entity_src_gen.expression_system_id               ? 
_entity_src_gen.plasmid_name                       pET28b 
_entity_src_gen.plasmid_details                    ? 
_entity_src_gen.pdbx_description                   ? 
# 
loop_
_chem_comp.id 
_chem_comp.type 
_chem_comp.mon_nstd_flag 
_chem_comp.name 
_chem_comp.pdbx_synonyms 
_chem_comp.formula 
_chem_comp.formula_weight 
ALA 'L-peptide linking' y ALANINE                                       ?                               'C3 H7 N O2'     89.093  
ARG 'L-peptide linking' y ARGININE                                      ?                               'C6 H15 N4 O2 1' 175.209 
ASN 'L-peptide linking' y ASPARAGINE                                    ?                               'C4 H8 N2 O3'    132.118 
ASP 'L-peptide linking' y 'ASPARTIC ACID'                               ?                               'C4 H7 N O4'     133.103 
CYS 'L-peptide linking' y CYSTEINE                                      ?                               'C3 H7 N O2 S'   121.158 
GLN 'L-peptide linking' y GLUTAMINE                                     ?                               'C5 H10 N2 O3'   146.144 
GLU 'L-peptide linking' y 'GLUTAMIC ACID'                               ?                               'C5 H9 N O4'     147.129 
GLY 'peptide linking'   y GLYCINE                                       ?                               'C2 H5 N O2'     75.067  
GOL non-polymer         . GLYCEROL                                      'GLYCERIN; PROPANE-1,2,3-TRIOL' 'C3 H8 O3'       92.094  
HIS 'L-peptide linking' y HISTIDINE                                     ?                               'C6 H10 N3 O2 1' 156.162 
HOH non-polymer         . WATER                                         ?                               'H2 O'           18.015  
ILE 'L-peptide linking' y ISOLEUCINE                                    ?                               'C6 H13 N O2'    131.173 
LEU 'L-peptide linking' y LEUCINE                                       ?                               'C6 H13 N O2'    131.173 
LYS 'L-peptide linking' y LYSINE                                        ?                               'C6 H15 N2 O2 1' 147.195 
MET 'L-peptide linking' y METHIONINE                                    ?                               'C5 H11 N O2 S'  149.211 
PHE 'L-peptide linking' y PHENYLALANINE                                 ?                               'C9 H11 N O2'    165.189 
PRO 'L-peptide linking' y PROLINE                                       ?                               'C5 H9 N O2'     115.130 
SER 'L-peptide linking' y SERINE                                        ?                               'C3 H7 N O3'     105.093 
THR 'L-peptide linking' y THREONINE                                     ?                               'C4 H9 N O3'     119.119 
TRP 'L-peptide linking' y TRYPTOPHAN                                    ?                               'C11 H12 N2 O2'  204.225 
TYR 'L-peptide linking' y TYROSINE                                      ?                               'C9 H11 N O3'    181.189 
UUS non-polymer         . '4-bromo-1-(2-hydroxyethyl)pyridin-2(1H)-one' ?                               'C7 H8 Br N O2'  218.048 
VAL 'L-peptide linking' y VALINE                                        ?                               'C5 H11 N O2'    117.146 
# 
loop_
_pdbx_poly_seq_scheme.asym_id 
_pdbx_poly_seq_scheme.entity_id 
_pdbx_poly_seq_scheme.seq_id 
_pdbx_poly_seq_scheme.mon_id 
_pdbx_poly_seq_scheme.ndb_seq_num 
_pdbx_poly_seq_scheme.pdb_seq_num 
_pdbx_poly_seq_scheme.auth_seq_num 
_pdbx_poly_seq_scheme.pdb_mon_id 
_pdbx_poly_seq_scheme.auth_mon_id 
_pdbx_poly_seq_scheme.pdb_strand_id 
_pdbx_poly_seq_scheme.pdb_ins_code 
_pdbx_poly_seq_scheme.hetero 
A 1 1   GLY 1   40  40  GLY GLY AAA . n 
A 1 2   SER 2   41  41  SER SER AAA . n 
A 1 3   HIS 3   42  42  HIS HIS AAA . n 
A 1 4   MET 4   43  43  MET MET AAA . n 
A 1 5   ASN 5   44  44  ASN ASN AAA . n 
A 1 6   PRO 6   45  45  PRO PRO AAA . n 
A 1 7   PRO 7   46  46  PRO PRO AAA . n 
A 1 8   PRO 8   47  47  PRO PRO AAA . n 
A 1 9   PRO 9   48  48  PRO PRO AAA . n 
A 1 10  GLU 10  49  49  GLU GLU AAA . n 
A 1 11  THR 11  50  50  THR THR AAA . n 
A 1 12  SER 12  51  51  SER SER AAA . n 
A 1 13  ASN 13  52  52  ASN ASN AAA . n 
A 1 14  PRO 14  53  53  PRO PRO AAA . n 
A 1 15  ASN 15  54  54  ASN ASN AAA . n 
A 1 16  LYS 16  55  55  LYS LYS AAA . n 
A 1 17  PRO 17  56  56  PRO PRO AAA . n 
A 1 18  LYS 18  57  57  LYS LYS AAA . n 
A 1 19  ARG 19  58  58  ARG ARG AAA . n 
A 1 20  GLN 20  59  59  GLN GLN AAA . n 
A 1 21  THR 21  60  60  THR THR AAA . n 
A 1 22  ASN 22  61  61  ASN ASN AAA . n 
A 1 23  GLN 23  62  62  GLN GLN AAA . n 
A 1 24  LEU 24  63  63  LEU LEU AAA . n 
A 1 25  GLN 25  64  64  GLN GLN AAA . n 
A 1 26  TYR 26  65  65  TYR TYR AAA . n 
A 1 27  LEU 27  66  66  LEU LEU AAA . n 
A 1 28  LEU 28  67  67  LEU LEU AAA . n 
A 1 29  ARG 29  68  68  ARG ARG AAA . n 
A 1 30  VAL 30  69  69  VAL VAL AAA . n 
A 1 31  VAL 31  70  70  VAL VAL AAA . n 
A 1 32  LEU 32  71  71  LEU LEU AAA . n 
A 1 33  LYS 33  72  72  LYS LYS AAA . n 
A 1 34  THR 34  73  73  THR THR AAA . n 
A 1 35  LEU 35  74  74  LEU LEU AAA . n 
A 1 36  TRP 36  75  75  TRP TRP AAA . n 
A 1 37  LYS 37  76  76  LYS LYS AAA . n 
A 1 38  HIS 38  77  77  HIS HIS AAA . n 
A 1 39  GLN 39  78  78  GLN GLN AAA . n 
A 1 40  PHE 40  79  79  PHE PHE AAA . n 
A 1 41  ALA 41  80  80  ALA ALA AAA . n 
A 1 42  TRP 42  81  81  TRP TRP AAA . n 
A 1 43  PRO 43  82  82  PRO PRO AAA . n 
A 1 44  PHE 44  83  83  PHE PHE AAA . n 
A 1 45  GLN 45  84  84  GLN GLN AAA . n 
A 1 46  GLN 46  85  85  GLN GLN AAA . n 
A 1 47  PRO 47  86  86  PRO PRO AAA . n 
A 1 48  VAL 48  87  87  VAL VAL AAA . n 
A 1 49  ASP 49  88  88  ASP ASP AAA . n 
A 1 50  ALA 50  89  89  ALA ALA AAA . n 
A 1 51  VAL 51  90  90  VAL VAL AAA . n 
A 1 52  LYS 52  91  91  LYS LYS AAA . n 
A 1 53  LEU 53  92  92  LEU LEU AAA . n 
A 1 54  ASN 54  93  93  ASN ASN AAA . n 
A 1 55  LEU 55  94  94  LEU LEU AAA . n 
A 1 56  PRO 56  95  95  PRO PRO AAA . n 
A 1 57  ASP 57  96  96  ASP ASP AAA . n 
A 1 58  TYR 58  97  97  TYR TYR AAA . n 
A 1 59  TYR 59  98  98  TYR TYR AAA . n 
A 1 60  LYS 60  99  99  LYS LYS AAA . n 
A 1 61  ILE 61  100 100 ILE ILE AAA . n 
A 1 62  ILE 62  101 101 ILE ILE AAA . n 
A 1 63  LYS 63  102 102 LYS LYS AAA . n 
A 1 64  THR 64  103 103 THR THR AAA . n 
A 1 65  PRO 65  104 104 PRO PRO AAA . n 
A 1 66  MET 66  105 105 MET MET AAA . n 
A 1 67  ASP 67  106 106 ASP ASP AAA . n 
A 1 68  MET 68  107 107 MET MET AAA . n 
A 1 69  GLY 69  108 108 GLY GLY AAA . n 
A 1 70  THR 70  109 109 THR THR AAA . n 
A 1 71  ILE 71  110 110 ILE ILE AAA . n 
A 1 72  LYS 72  111 111 LYS LYS AAA . n 
A 1 73  LYS 73  112 112 LYS LYS AAA . n 
A 1 74  ARG 74  113 113 ARG ARG AAA . n 
A 1 75  LEU 75  114 114 LEU LEU AAA . n 
A 1 76  GLU 76  115 115 GLU GLU AAA . n 
A 1 77  ASN 77  116 116 ASN ASN AAA . n 
A 1 78  ASN 78  117 117 ASN ASN AAA . n 
A 1 79  TYR 79  118 118 TYR TYR AAA . n 
A 1 80  TYR 80  119 119 TYR TYR AAA . n 
A 1 81  TRP 81  120 120 TRP TRP AAA . n 
A 1 82  ASN 82  121 121 ASN ASN AAA . n 
A 1 83  ALA 83  122 122 ALA ALA AAA . n 
A 1 84  GLN 84  123 123 GLN GLN AAA . n 
A 1 85  GLU 85  124 124 GLU GLU AAA . n 
A 1 86  CYS 86  125 125 CYS CYS AAA . n 
A 1 87  ILE 87  126 126 ILE ILE AAA . n 
A 1 88  GLN 88  127 127 GLN GLN AAA . n 
A 1 89  ASP 89  128 128 ASP ASP AAA . n 
A 1 90  PHE 90  129 129 PHE PHE AAA . n 
A 1 91  ASN 91  130 130 ASN ASN AAA . n 
A 1 92  THR 92  131 131 THR THR AAA . n 
A 1 93  MET 93  132 132 MET MET AAA . n 
A 1 94  PHE 94  133 133 PHE PHE AAA . n 
A 1 95  THR 95  134 134 THR THR AAA . n 
A 1 96  ASN 96  135 135 ASN ASN AAA . n 
A 1 97  CYS 97  136 136 CYS CYS AAA . n 
A 1 98  TYR 98  137 137 TYR TYR AAA . n 
A 1 99  ILE 99  138 138 ILE ILE AAA . n 
A 1 100 TYR 100 139 139 TYR TYR AAA . n 
A 1 101 ASN 101 140 140 ASN ASN AAA . n 
A 1 102 LYS 102 141 141 LYS LYS AAA . n 
A 1 103 PRO 103 142 142 PRO PRO AAA . n 
A 1 104 GLY 104 143 143 GLY GLY AAA . n 
A 1 105 ASP 105 144 144 ASP ASP AAA . n 
A 1 106 ASP 106 145 145 ASP ASP AAA . n 
A 1 107 ILE 107 146 146 ILE ILE AAA . n 
A 1 108 VAL 108 147 147 VAL VAL AAA . n 
A 1 109 LEU 109 148 148 LEU LEU AAA . n 
A 1 110 MET 110 149 149 MET MET AAA . n 
A 1 111 ALA 111 150 150 ALA ALA AAA . n 
A 1 112 GLU 112 151 151 GLU GLU AAA . n 
A 1 113 ALA 113 152 152 ALA ALA AAA . n 
A 1 114 LEU 114 153 153 LEU LEU AAA . n 
A 1 115 GLU 115 154 154 GLU GLU AAA . n 
A 1 116 LYS 116 155 155 LYS LYS AAA . n 
A 1 117 LEU 117 156 156 LEU LEU AAA . n 
A 1 118 PHE 118 157 157 PHE PHE AAA . n 
A 1 119 LEU 119 158 158 LEU LEU AAA . n 
A 1 120 GLN 120 159 159 GLN GLN AAA . n 
A 1 121 LYS 121 160 160 LYS LYS AAA . n 
A 1 122 ILE 122 161 161 ILE ILE AAA . n 
A 1 123 ASN 123 162 162 ASN ASN AAA . n 
A 1 124 GLU 124 163 163 GLU GLU AAA . n 
A 1 125 LEU 125 164 164 LEU LEU AAA . n 
A 1 126 PRO 126 165 165 PRO PRO AAA . n 
A 1 127 THR 127 166 166 THR THR AAA . n 
A 1 128 GLU 128 167 167 GLU GLU AAA . n 
A 1 129 GLU 129 168 168 GLU GLU AAA . n 
# 
loop_
_pdbx_nonpoly_scheme.asym_id 
_pdbx_nonpoly_scheme.entity_id 
_pdbx_nonpoly_scheme.mon_id 
_pdbx_nonpoly_scheme.ndb_seq_num 
_pdbx_nonpoly_scheme.pdb_seq_num 
_pdbx_nonpoly_scheme.auth_seq_num 
_pdbx_nonpoly_scheme.pdb_mon_id 
_pdbx_nonpoly_scheme.auth_mon_id 
_pdbx_nonpoly_scheme.pdb_strand_id 
_pdbx_nonpoly_scheme.pdb_ins_code 
B 2 GOL 1   201 1   GOL GOL AAA . 
C 3 UUS 1   202 1   UUS DRG AAA . 
D 4 HOH 1   301 87  HOH HOH AAA . 
D 4 HOH 2   302 149 HOH HOH AAA . 
D 4 HOH 3   303 93  HOH HOH AAA . 
D 4 HOH 4   304 154 HOH HOH AAA . 
D 4 HOH 5   305 134 HOH HOH AAA . 
D 4 HOH 6   306 156 HOH HOH AAA . 
D 4 HOH 7   307 124 HOH HOH AAA . 
D 4 HOH 8   308 148 HOH HOH AAA . 
D 4 HOH 9   309 40  HOH HOH AAA . 
D 4 HOH 10  310 92  HOH HOH AAA . 
D 4 HOH 11  311 72  HOH HOH AAA . 
D 4 HOH 12  312 98  HOH HOH AAA . 
D 4 HOH 13  313 21  HOH HOH AAA . 
D 4 HOH 14  314 125 HOH HOH AAA . 
D 4 HOH 15  315 25  HOH HOH AAA . 
D 4 HOH 16  316 66  HOH HOH AAA . 
D 4 HOH 17  317 64  HOH HOH AAA . 
D 4 HOH 18  318 67  HOH HOH AAA . 
D 4 HOH 19  319 141 HOH HOH AAA . 
D 4 HOH 20  320 56  HOH HOH AAA . 
D 4 HOH 21  321 82  HOH HOH AAA . 
D 4 HOH 22  322 116 HOH HOH AAA . 
D 4 HOH 23  323 19  HOH HOH AAA . 
D 4 HOH 24  324 8   HOH HOH AAA . 
D 4 HOH 25  325 15  HOH HOH AAA . 
D 4 HOH 26  326 75  HOH HOH AAA . 
D 4 HOH 27  327 44  HOH HOH AAA . 
D 4 HOH 28  328 20  HOH HOH AAA . 
D 4 HOH 29  329 42  HOH HOH AAA . 
D 4 HOH 30  330 147 HOH HOH AAA . 
D 4 HOH 31  331 37  HOH HOH AAA . 
D 4 HOH 32  332 18  HOH HOH AAA . 
D 4 HOH 33  333 34  HOH HOH AAA . 
D 4 HOH 34  334 132 HOH HOH AAA . 
D 4 HOH 35  335 131 HOH HOH AAA . 
D 4 HOH 36  336 30  HOH HOH AAA . 
D 4 HOH 37  337 137 HOH HOH AAA . 
D 4 HOH 38  338 81  HOH HOH AAA . 
D 4 HOH 39  339 113 HOH HOH AAA . 
D 4 HOH 40  340 45  HOH HOH AAA . 
D 4 HOH 41  341 121 HOH HOH AAA . 
D 4 HOH 42  342 157 HOH HOH AAA . 
D 4 HOH 43  343 85  HOH HOH AAA . 
D 4 HOH 44  344 158 HOH HOH AAA . 
D 4 HOH 45  345 111 HOH HOH AAA . 
D 4 HOH 46  346 43  HOH HOH AAA . 
D 4 HOH 47  347 50  HOH HOH AAA . 
D 4 HOH 48  348 73  HOH HOH AAA . 
D 4 HOH 49  349 49  HOH HOH AAA . 
D 4 HOH 50  350 145 HOH HOH AAA . 
D 4 HOH 51  351 109 HOH HOH AAA . 
D 4 HOH 52  352 52  HOH HOH AAA . 
D 4 HOH 53  353 114 HOH HOH AAA . 
D 4 HOH 54  354 46  HOH HOH AAA . 
D 4 HOH 55  355 39  HOH HOH AAA . 
D 4 HOH 56  356 107 HOH HOH AAA . 
D 4 HOH 57  357 139 HOH HOH AAA . 
D 4 HOH 58  358 150 HOH HOH AAA . 
D 4 HOH 59  359 88  HOH HOH AAA . 
D 4 HOH 60  360 119 HOH HOH AAA . 
D 4 HOH 61  361 140 HOH HOH AAA . 
D 4 HOH 62  362 16  HOH HOH AAA . 
D 4 HOH 63  363 74  HOH HOH AAA . 
D 4 HOH 64  364 54  HOH HOH AAA . 
D 4 HOH 65  365 104 HOH HOH AAA . 
D 4 HOH 66  366 55  HOH HOH AAA . 
D 4 HOH 67  367 6   HOH HOH AAA . 
D 4 HOH 68  368 120 HOH HOH AAA . 
D 4 HOH 69  369 10  HOH HOH AAA . 
D 4 HOH 70  370 9   HOH HOH AAA . 
D 4 HOH 71  371 4   HOH HOH AAA . 
D 4 HOH 72  372 13  HOH HOH AAA . 
D 4 HOH 73  373 26  HOH HOH AAA . 
D 4 HOH 74  374 24  HOH HOH AAA . 
D 4 HOH 75  375 133 HOH HOH AAA . 
D 4 HOH 76  376 138 HOH HOH AAA . 
D 4 HOH 77  377 65  HOH HOH AAA . 
D 4 HOH 78  378 1   HOH HOH AAA . 
D 4 HOH 79  379 151 HOH HOH AAA . 
D 4 HOH 80  380 122 HOH HOH AAA . 
D 4 HOH 81  381 31  HOH HOH AAA . 
D 4 HOH 82  382 7   HOH HOH AAA . 
D 4 HOH 83  383 146 HOH HOH AAA . 
D 4 HOH 84  384 53  HOH HOH AAA . 
D 4 HOH 85  385 28  HOH HOH AAA . 
D 4 HOH 86  386 62  HOH HOH AAA . 
D 4 HOH 87  387 117 HOH HOH AAA . 
D 4 HOH 88  388 79  HOH HOH AAA . 
D 4 HOH 89  389 5   HOH HOH AAA . 
D 4 HOH 90  390 32  HOH HOH AAA . 
D 4 HOH 91  391 161 HOH HOH AAA . 
D 4 HOH 92  392 78  HOH HOH AAA . 
D 4 HOH 93  393 3   HOH HOH AAA . 
D 4 HOH 94  394 143 HOH HOH AAA . 
D 4 HOH 95  395 41  HOH HOH AAA . 
D 4 HOH 96  396 27  HOH HOH AAA . 
D 4 HOH 97  397 51  HOH HOH AAA . 
D 4 HOH 98  398 22  HOH HOH AAA . 
D 4 HOH 99  399 29  HOH HOH AAA . 
D 4 HOH 100 400 152 HOH HOH AAA . 
D 4 HOH 101 401 110 HOH HOH AAA . 
D 4 HOH 102 402 14  HOH HOH AAA . 
D 4 HOH 103 403 86  HOH HOH AAA . 
D 4 HOH 104 404 36  HOH HOH AAA . 
D 4 HOH 105 405 33  HOH HOH AAA . 
D 4 HOH 106 406 118 HOH HOH AAA . 
D 4 HOH 107 407 17  HOH HOH AAA . 
D 4 HOH 108 408 101 HOH HOH AAA . 
D 4 HOH 109 409 99  HOH HOH AAA . 
D 4 HOH 110 410 90  HOH HOH AAA . 
D 4 HOH 111 411 2   HOH HOH AAA . 
D 4 HOH 112 412 84  HOH HOH AAA . 
D 4 HOH 113 413 38  HOH HOH AAA . 
D 4 HOH 114 414 70  HOH HOH AAA . 
D 4 HOH 115 415 76  HOH HOH AAA . 
D 4 HOH 116 416 142 HOH HOH AAA . 
D 4 HOH 117 417 59  HOH HOH AAA . 
D 4 HOH 118 418 35  HOH HOH AAA . 
D 4 HOH 119 419 96  HOH HOH AAA . 
D 4 HOH 120 420 83  HOH HOH AAA . 
D 4 HOH 121 421 80  HOH HOH AAA . 
D 4 HOH 122 422 11  HOH HOH AAA . 
D 4 HOH 123 423 102 HOH HOH AAA . 
D 4 HOH 124 424 77  HOH HOH AAA . 
D 4 HOH 125 425 115 HOH HOH AAA . 
D 4 HOH 126 426 103 HOH HOH AAA . 
D 4 HOH 127 427 71  HOH HOH AAA . 
D 4 HOH 128 428 58  HOH HOH AAA . 
D 4 HOH 129 429 61  HOH HOH AAA . 
D 4 HOH 130 430 112 HOH HOH AAA . 
D 4 HOH 131 431 60  HOH HOH AAA . 
D 4 HOH 132 432 144 HOH HOH AAA . 
D 4 HOH 133 433 57  HOH HOH AAA . 
D 4 HOH 134 434 91  HOH HOH AAA . 
D 4 HOH 135 435 126 HOH HOH AAA . 
D 4 HOH 136 436 135 HOH HOH AAA . 
D 4 HOH 137 437 123 HOH HOH AAA . 
D 4 HOH 138 438 94  HOH HOH AAA . 
D 4 HOH 139 439 129 HOH HOH AAA . 
D 4 HOH 140 440 89  HOH HOH AAA . 
D 4 HOH 141 441 108 HOH HOH AAA . 
D 4 HOH 142 442 128 HOH HOH AAA . 
D 4 HOH 143 443 97  HOH HOH AAA . 
D 4 HOH 144 444 47  HOH HOH AAA . 
D 4 HOH 145 445 23  HOH HOH AAA . 
D 4 HOH 146 446 95  HOH HOH AAA . 
D 4 HOH 147 447 127 HOH HOH AAA . 
D 4 HOH 148 448 68  HOH HOH AAA . 
D 4 HOH 149 449 63  HOH HOH AAA . 
D 4 HOH 150 450 100 HOH HOH AAA . 
D 4 HOH 151 451 130 HOH HOH AAA . 
D 4 HOH 152 452 69  HOH HOH AAA . 
# 
loop_
_software.citation_id 
_software.classification 
_software.compiler_name 
_software.compiler_version 
_software.contact_author 
_software.contact_author_email 
_software.date 
_software.description 
_software.dependencies 
_software.hardware 
_software.language 
_software.location 
_software.mods 
_software.name 
_software.os 
_software.os_version 
_software.type 
_software.version 
_software.pdbx_ordinal 
? refinement       ? ? ? ? ? ? ? ? ? ? ? REFMAC  ? ? ? 5.8.0258 1 
? refinement       ? ? ? ? ? ? ? ? ? ? ? REFMAC  ? ? ? 5.8.0258 2 
? 'data scaling'   ? ? ? ? ? ? ? ? ? ? ? Aimless ? ? ? 0.7.4    3 
? 'data reduction' ? ? ? ? ? ? ? ? ? ? ? xia2    ? ? ? .        4 
? phasing          ? ? ? ? ? ? ? ? ? ? ? PHASER  ? ? ? .        5 
# 
_cell.angle_alpha                  90.000 
_cell.angle_alpha_esd              ? 
_cell.angle_beta                   90.000 
_cell.angle_beta_esd               ? 
_cell.angle_gamma                  90.000 
_cell.angle_gamma_esd              ? 
_cell.entry_id                     7ZFO 
_cell.details                      ? 
_cell.formula_units_Z              ? 
_cell.length_a                     37.968 
_cell.length_a_esd                 ? 
_cell.length_b                     43.135 
_cell.length_b_esd                 ? 
_cell.length_c                     79.130 
_cell.length_c_esd                 ? 
_cell.volume                       ? 
_cell.volume_esd                   ? 
_cell.Z_PDB                        4 
_cell.reciprocal_angle_alpha       ? 
_cell.reciprocal_angle_beta        ? 
_cell.reciprocal_angle_gamma       ? 
_cell.reciprocal_angle_alpha_esd   ? 
_cell.reciprocal_angle_beta_esd    ? 
_cell.reciprocal_angle_gamma_esd   ? 
_cell.reciprocal_length_a          ? 
_cell.reciprocal_length_b          ? 
_cell.reciprocal_length_c          ? 
_cell.reciprocal_length_a_esd      ? 
_cell.reciprocal_length_b_esd      ? 
_cell.reciprocal_length_c_esd      ? 
_cell.pdbx_unique_axis             ? 
# 
_symmetry.entry_id                         7ZFO 
_symmetry.cell_setting                     ? 
_symmetry.Int_Tables_number                19 
_symmetry.space_group_name_Hall            ? 
_symmetry.space_group_name_H-M             'P 21 21 21' 
_symmetry.pdbx_full_space_group_name_H-M   ? 
# 
_exptl.absorpt_coefficient_mu     ? 
_exptl.absorpt_correction_T_max   ? 
_exptl.absorpt_correction_T_min   ? 
_exptl.absorpt_correction_type    ? 
_exptl.absorpt_process_details    ? 
_exptl.entry_id                   7ZFO 
_exptl.crystals_number            1 
_exptl.details                    ? 
_exptl.method                     'X-RAY DIFFRACTION' 
_exptl.method_details             ? 
# 
_exptl_crystal.colour                      ? 
_exptl_crystal.density_diffrn              ? 
_exptl_crystal.density_Matthews            2.12 
_exptl_crystal.density_method              ? 
_exptl_crystal.density_percent_sol         41.94 
_exptl_crystal.description                 ? 
_exptl_crystal.F_000                       ? 
_exptl_crystal.id                          1 
_exptl_crystal.preparation                 ? 
_exptl_crystal.size_max                    ? 
_exptl_crystal.size_mid                    ? 
_exptl_crystal.size_min                    ? 
_exptl_crystal.size_rad                    ? 
_exptl_crystal.colour_lustre               ? 
_exptl_crystal.colour_modifier             ? 
_exptl_crystal.colour_primary              ? 
_exptl_crystal.density_meas                ? 
_exptl_crystal.density_meas_esd            ? 
_exptl_crystal.density_meas_gt             ? 
_exptl_crystal.density_meas_lt             ? 
_exptl_crystal.density_meas_temp           ? 
_exptl_crystal.density_meas_temp_esd       ? 
_exptl_crystal.density_meas_temp_gt        ? 
_exptl_crystal.density_meas_temp_lt        ? 
_exptl_crystal.pdbx_crystal_image_url      ? 
_exptl_crystal.pdbx_crystal_image_format   ? 
_exptl_crystal.pdbx_mosaicity              ? 
_exptl_crystal.pdbx_mosaicity_esd          ? 
# 
_exptl_crystal_grow.apparatus       ? 
_exptl_crystal_grow.atmosphere      ? 
_exptl_crystal_grow.crystal_id      1 
_exptl_crystal_grow.details         ? 
_exptl_crystal_grow.method          'VAPOR DIFFUSION, SITTING DROP' 
_exptl_crystal_grow.method_ref      ? 
_exptl_crystal_grow.pH              8.5 
_exptl_crystal_grow.pressure        ? 
_exptl_crystal_grow.pressure_esd    ? 
_exptl_crystal_grow.seeding         ? 
_exptl_crystal_grow.seeding_ref     ? 
_exptl_crystal_grow.temp            293 
_exptl_crystal_grow.temp_details    ? 
_exptl_crystal_grow.temp_esd        ? 
_exptl_crystal_grow.time            ? 
_exptl_crystal_grow.pdbx_details    
;0.1 M Buffer system 3 (1 M Tris, 1 M BICINE, pH 8.5), 34-44% Precipitant Solution 3 (20% PEG 4000, 40%) and 60-80 mM Halogens Mix (NaF, NaBr and NaI) solution
;
_exptl_crystal_grow.pdbx_pH_range   ? 
# 
_diffrn.ambient_environment              ? 
_diffrn.ambient_temp                     100 
_diffrn.ambient_temp_details             ? 
_diffrn.ambient_temp_esd                 ? 
_diffrn.crystal_id                       1 
_diffrn.crystal_support                  ? 
_diffrn.crystal_treatment                ? 
_diffrn.details                          ? 
_diffrn.id                               1 
_diffrn.ambient_pressure                 ? 
_diffrn.ambient_pressure_esd             ? 
_diffrn.ambient_pressure_gt              ? 
_diffrn.ambient_pressure_lt              ? 
_diffrn.ambient_temp_gt                  ? 
_diffrn.ambient_temp_lt                  ? 
_diffrn.pdbx_serial_crystal_experiment   N 
# 
_diffrn_detector.details                      ? 
_diffrn_detector.detector                     PIXEL 
_diffrn_detector.diffrn_id                    1 
_diffrn_detector.type                         'DECTRIS PILATUS 6M' 
_diffrn_detector.area_resol_mean              ? 
_diffrn_detector.dtime                        ? 
_diffrn_detector.pdbx_frames_total            ? 
_diffrn_detector.pdbx_collection_time_total   ? 
_diffrn_detector.pdbx_collection_date         2019-09-25 
_diffrn_detector.pdbx_frequency               ? 
# 
_diffrn_radiation.collimation                      ? 
_diffrn_radiation.diffrn_id                        1 
_diffrn_radiation.filter_edge                      ? 
_diffrn_radiation.inhomogeneity                    ? 
_diffrn_radiation.monochromator                    ? 
_diffrn_radiation.polarisn_norm                    ? 
_diffrn_radiation.polarisn_ratio                   ? 
_diffrn_radiation.probe                            ? 
_diffrn_radiation.type                             ? 
_diffrn_radiation.xray_symbol                      ? 
_diffrn_radiation.wavelength_id                    1 
_diffrn_radiation.pdbx_monochromatic_or_laue_m_l   M 
_diffrn_radiation.pdbx_wavelength_list             ? 
_diffrn_radiation.pdbx_wavelength                  ? 
_diffrn_radiation.pdbx_diffrn_protocol             'SINGLE WAVELENGTH' 
_diffrn_radiation.pdbx_analyzer                    ? 
_diffrn_radiation.pdbx_scattering_type             x-ray 
# 
_diffrn_radiation_wavelength.id           1 
_diffrn_radiation_wavelength.wavelength   0.911628 
_diffrn_radiation_wavelength.wt           1.0 
# 
_diffrn_source.current                     ? 
_diffrn_source.details                     ? 
_diffrn_source.diffrn_id                   1 
_diffrn_source.power                       ? 
_diffrn_source.size                        ? 
_diffrn_source.source                      SYNCHROTRON 
_diffrn_source.target                      ? 
_diffrn_source.type                        'DIAMOND BEAMLINE I04-1' 
_diffrn_source.voltage                     ? 
_diffrn_source.take-off_angle              ? 
_diffrn_source.pdbx_wavelength_list        0.911628 
_diffrn_source.pdbx_wavelength             ? 
_diffrn_source.pdbx_synchrotron_beamline   I04-1 
_diffrn_source.pdbx_synchrotron_site       Diamond 
# 
_reflns.B_iso_Wilson_estimate                          ? 
_reflns.entry_id                                       7ZFO 
_reflns.data_reduction_details                         ? 
_reflns.data_reduction_method                          ? 
_reflns.d_resolution_high                              1.09 
_reflns.d_resolution_low                               39.57 
_reflns.details                                        ? 
_reflns.limit_h_max                                    ? 
_reflns.limit_h_min                                    ? 
_reflns.limit_k_max                                    ? 
_reflns.limit_k_min                                    ? 
_reflns.limit_l_max                                    ? 
_reflns.limit_l_min                                    ? 
_reflns.number_all                                     ? 
_reflns.number_obs                                     55093 
_reflns.observed_criterion                             ? 
_reflns.observed_criterion_F_max                       ? 
_reflns.observed_criterion_F_min                       ? 
_reflns.observed_criterion_I_max                       ? 
_reflns.observed_criterion_I_min                       ? 
_reflns.observed_criterion_sigma_F                     ? 
_reflns.observed_criterion_sigma_I                     ? 
_reflns.percent_possible_obs                           100.0 
_reflns.R_free_details                                 ? 
_reflns.Rmerge_F_all                                   ? 
_reflns.Rmerge_F_obs                                   ? 
_reflns.Friedel_coverage                               ? 
_reflns.number_gt                                      ? 
_reflns.threshold_expression                           ? 
_reflns.pdbx_redundancy                                12.4 
_reflns.pdbx_Rmerge_I_obs                              0.083 
_reflns.pdbx_Rmerge_I_all                              ? 
_reflns.pdbx_Rsym_value                                ? 
_reflns.pdbx_netI_over_av_sigmaI                       ? 
_reflns.pdbx_netI_over_sigmaI                          10.6 
_reflns.pdbx_res_netI_over_av_sigmaI_2                 ? 
_reflns.pdbx_res_netI_over_sigmaI_2                    ? 
_reflns.pdbx_chi_squared                               ? 
_reflns.pdbx_scaling_rejects                           ? 
_reflns.pdbx_d_res_high_opt                            ? 
_reflns.pdbx_d_res_low_opt                             ? 
_reflns.pdbx_d_res_opt_method                          ? 
_reflns.phase_calculation_details                      ? 
_reflns.pdbx_Rrim_I_all                                0.090 
_reflns.pdbx_Rpim_I_all                                0.035 
_reflns.pdbx_d_opt                                     ? 
_reflns.pdbx_number_measured_all                       ? 
_reflns.pdbx_diffrn_id                                 1 
_reflns.pdbx_ordinal                                   1 
_reflns.pdbx_CC_half                                   0.999 
_reflns.pdbx_CC_star                                   ? 
_reflns.pdbx_R_split                                   ? 
_reflns.pdbx_aniso_diffraction_limit_axis_1_ortho[1]   ? 
_reflns.pdbx_aniso_diffraction_limit_axis_1_ortho[2]   ? 
_reflns.pdbx_aniso_diffraction_limit_axis_1_ortho[3]   ? 
_reflns.pdbx_aniso_diffraction_limit_axis_2_ortho[1]   ? 
_reflns.pdbx_aniso_diffraction_limit_axis_2_ortho[2]   ? 
_reflns.pdbx_aniso_diffraction_limit_axis_2_ortho[3]   ? 
_reflns.pdbx_aniso_diffraction_limit_axis_3_ortho[1]   ? 
_reflns.pdbx_aniso_diffraction_limit_axis_3_ortho[2]   ? 
_reflns.pdbx_aniso_diffraction_limit_axis_3_ortho[3]   ? 
_reflns.pdbx_aniso_diffraction_limit_1                 ? 
_reflns.pdbx_aniso_diffraction_limit_2                 ? 
_reflns.pdbx_aniso_diffraction_limit_3                 ? 
_reflns.pdbx_aniso_B_tensor_eigenvector_1_ortho[1]     ? 
_reflns.pdbx_aniso_B_tensor_eigenvector_1_ortho[2]     ? 
_reflns.pdbx_aniso_B_tensor_eigenvector_1_ortho[3]     ? 
_reflns.pdbx_aniso_B_tensor_eigenvector_2_ortho[1]     ? 
_reflns.pdbx_aniso_B_tensor_eigenvector_2_ortho[2]     ? 
_reflns.pdbx_aniso_B_tensor_eigenvector_2_ortho[3]     ? 
_reflns.pdbx_aniso_B_tensor_eigenvector_3_ortho[1]     ? 
_reflns.pdbx_aniso_B_tensor_eigenvector_3_ortho[2]     ? 
_reflns.pdbx_aniso_B_tensor_eigenvector_3_ortho[3]     ? 
_reflns.pdbx_aniso_B_tensor_eigenvalue_1               ? 
_reflns.pdbx_aniso_B_tensor_eigenvalue_2               ? 
_reflns.pdbx_aniso_B_tensor_eigenvalue_3               ? 
_reflns.pdbx_orthogonalization_convention              ? 
_reflns.pdbx_percent_possible_ellipsoidal              ? 
_reflns.pdbx_percent_possible_spherical                ? 
_reflns.pdbx_percent_possible_ellipsoidal_anomalous    ? 
_reflns.pdbx_percent_possible_spherical_anomalous      ? 
_reflns.pdbx_redundancy_anomalous                      ? 
_reflns.pdbx_CC_half_anomalous                         ? 
_reflns.pdbx_absDiff_over_sigma_anomalous              ? 
_reflns.pdbx_percent_possible_anomalous                ? 
_reflns.pdbx_observed_signal_threshold                 ? 
_reflns.pdbx_signal_type                               ? 
_reflns.pdbx_signal_details                            ? 
_reflns.pdbx_signal_software_id                        ? 
# 
loop_
_reflns_shell.d_res_high 
_reflns_shell.d_res_low 
_reflns_shell.meanI_over_sigI_all 
_reflns_shell.meanI_over_sigI_obs 
_reflns_shell.number_measured_all 
_reflns_shell.number_measured_obs 
_reflns_shell.number_possible 
_reflns_shell.number_unique_all 
_reflns_shell.number_unique_obs 
_reflns_shell.percent_possible_all 
_reflns_shell.percent_possible_obs 
_reflns_shell.Rmerge_F_all 
_reflns_shell.Rmerge_F_obs 
_reflns_shell.Rmerge_I_all 
_reflns_shell.Rmerge_I_obs 
_reflns_shell.meanI_over_sigI_gt 
_reflns_shell.meanI_over_uI_all 
_reflns_shell.meanI_over_uI_gt 
_reflns_shell.number_measured_gt 
_reflns_shell.number_unique_gt 
_reflns_shell.percent_possible_gt 
_reflns_shell.Rmerge_F_gt 
_reflns_shell.Rmerge_I_gt 
_reflns_shell.pdbx_redundancy 
_reflns_shell.pdbx_Rsym_value 
_reflns_shell.pdbx_chi_squared 
_reflns_shell.pdbx_netI_over_sigmaI_all 
_reflns_shell.pdbx_netI_over_sigmaI_obs 
_reflns_shell.pdbx_Rrim_I_all 
_reflns_shell.pdbx_Rpim_I_all 
_reflns_shell.pdbx_rejects 
_reflns_shell.pdbx_ordinal 
_reflns_shell.pdbx_diffrn_id 
_reflns_shell.pdbx_CC_half 
_reflns_shell.pdbx_CC_star 
_reflns_shell.pdbx_R_split 
_reflns_shell.pdbx_percent_possible_ellipsoidal 
_reflns_shell.pdbx_percent_possible_spherical 
_reflns_shell.pdbx_percent_possible_ellipsoidal_anomalous 
_reflns_shell.pdbx_percent_possible_spherical_anomalous 
_reflns_shell.pdbx_redundancy_anomalous 
_reflns_shell.pdbx_CC_half_anomalous 
_reflns_shell.pdbx_absDiff_over_sigma_anomalous 
_reflns_shell.pdbx_percent_possible_anomalous 
5.97 39.57 ? ? ? ? ? ? 418  ? ? ? ? ? 0.043 ? ? ? ? ? ? ? ? 10.9 ? ? ? ? 0.047 0.018 ? 1 1 0.998 ? ? ? ? ? ? ? ? ? ? 
1.09 1.11  ? ? ? ? ? ? 2716 ? ? ? ? ? 2.949 ? ? ? ? ? ? ? ? 9.1  ? ? ? ? 3.326 1.507 ? 2 1 0.339 ? ? ? ? ? ? ? ? ? ? 
# 
_refine.aniso_B[1][1]                            0.663 
_refine.aniso_B[1][2]                            0.000 
_refine.aniso_B[1][3]                            -0.000 
_refine.aniso_B[2][2]                            -0.793 
_refine.aniso_B[2][3]                            0.000 
_refine.aniso_B[3][3]                            0.130 
_refine.B_iso_max                                ? 
_refine.B_iso_mean                               17.854 
_refine.B_iso_min                                ? 
_refine.correlation_coeff_Fo_to_Fc               0.965 
_refine.correlation_coeff_Fo_to_Fc_free          0.953 
_refine.details                                  'Hydrogens have been added in their riding positions' 
_refine.diff_density_max                         ? 
_refine.diff_density_max_esd                     ? 
_refine.diff_density_min                         ? 
_refine.diff_density_min_esd                     ? 
_refine.diff_density_rms                         ? 
_refine.diff_density_rms_esd                     ? 
_refine.entry_id                                 7ZFO 
_refine.pdbx_refine_id                           'X-RAY DIFFRACTION' 
_refine.ls_abs_structure_details                 ? 
_refine.ls_abs_structure_Flack                   ? 
_refine.ls_abs_structure_Flack_esd               ? 
_refine.ls_abs_structure_Rogers                  ? 
_refine.ls_abs_structure_Rogers_esd              ? 
_refine.ls_d_res_high                            1.090 
_refine.ls_d_res_low                             39.57 
_refine.ls_extinction_coef                       ? 
_refine.ls_extinction_coef_esd                   ? 
_refine.ls_extinction_expression                 ? 
_refine.ls_extinction_method                     ? 
_refine.ls_goodness_of_fit_all                   ? 
_refine.ls_goodness_of_fit_all_esd               ? 
_refine.ls_goodness_of_fit_obs                   ? 
_refine.ls_goodness_of_fit_obs_esd               ? 
_refine.ls_hydrogen_treatment                    ? 
_refine.ls_matrix_type                           ? 
_refine.ls_number_constraints                    ? 
_refine.ls_number_parameters                     ? 
_refine.ls_number_reflns_all                     ? 
_refine.ls_number_reflns_obs                     55013 
_refine.ls_number_reflns_R_free                  2678 
_refine.ls_number_reflns_R_work                  52335 
_refine.ls_number_restraints                     ? 
_refine.ls_percent_reflns_obs                    99.938 
_refine.ls_percent_reflns_R_free                 4.868 
_refine.ls_R_factor_all                          0.211 
_refine.ls_R_factor_obs                          ? 
_refine.ls_R_factor_R_free                       0.2383 
_refine.ls_R_factor_R_free_error                 ? 
_refine.ls_R_factor_R_free_error_details         ? 
_refine.ls_R_factor_R_work                       0.2100 
_refine.ls_R_Fsqd_factor_obs                     ? 
_refine.ls_R_I_factor_obs                        ? 
_refine.ls_redundancy_reflns_all                 ? 
_refine.ls_redundancy_reflns_obs                 ? 
_refine.ls_restrained_S_all                      ? 
_refine.ls_restrained_S_obs                      ? 
_refine.ls_shift_over_esd_max                    ? 
_refine.ls_shift_over_esd_mean                   ? 
_refine.ls_structure_factor_coef                 ? 
_refine.ls_weighting_details                     ? 
_refine.ls_weighting_scheme                      ? 
_refine.ls_wR_factor_all                         ? 
_refine.ls_wR_factor_obs                         ? 
_refine.ls_wR_factor_R_free                      ? 
_refine.ls_wR_factor_R_work                      ? 
_refine.occupancy_max                            ? 
_refine.occupancy_min                            ? 
_refine.solvent_model_details                    'MASK BULK SOLVENT' 
_refine.solvent_model_param_bsol                 ? 
_refine.solvent_model_param_ksol                 ? 
_refine.pdbx_R_complete                          ? 
_refine.ls_R_factor_gt                           ? 
_refine.ls_goodness_of_fit_gt                    ? 
_refine.ls_goodness_of_fit_ref                   ? 
_refine.ls_shift_over_su_max                     ? 
_refine.ls_shift_over_su_max_lt                  ? 
_refine.ls_shift_over_su_mean                    ? 
_refine.ls_shift_over_su_mean_lt                 ? 
_refine.pdbx_ls_sigma_I                          ? 
_refine.pdbx_ls_sigma_F                          ? 
_refine.pdbx_ls_sigma_Fsqd                       ? 
_refine.pdbx_data_cutoff_high_absF               ? 
_refine.pdbx_data_cutoff_high_rms_absF           ? 
_refine.pdbx_data_cutoff_low_absF                ? 
_refine.pdbx_isotropic_thermal_model             ? 
_refine.pdbx_ls_cross_valid_method               'FREE R-VALUE' 
_refine.pdbx_method_to_determine_struct          'MOLECULAR REPLACEMENT' 
_refine.pdbx_starting_model                      5LRQ 
_refine.pdbx_stereochemistry_target_values       ? 
_refine.pdbx_R_Free_selection_details            ? 
_refine.pdbx_stereochem_target_val_spec_case     ? 
_refine.pdbx_overall_ESU_R                       0.038 
_refine.pdbx_overall_ESU_R_Free                  0.041 
_refine.pdbx_solvent_vdw_probe_radii             1.200 
_refine.pdbx_solvent_ion_probe_radii             0.800 
_refine.pdbx_solvent_shrinkage_radii             0.800 
_refine.pdbx_real_space_R                        ? 
_refine.pdbx_density_correlation                 ? 
_refine.pdbx_pd_number_of_powder_patterns        ? 
_refine.pdbx_pd_number_of_points                 ? 
_refine.pdbx_pd_meas_number_of_points            ? 
_refine.pdbx_pd_proc_ls_prof_R_factor            ? 
_refine.pdbx_pd_proc_ls_prof_wR_factor           ? 
_refine.pdbx_pd_Marquardt_correlation_coeff      ? 
_refine.pdbx_pd_Fsqrd_R_factor                   ? 
_refine.pdbx_pd_ls_matrix_band_width             ? 
_refine.pdbx_overall_phase_error                 ? 
_refine.pdbx_overall_SU_R_free_Cruickshank_DPI   ? 
_refine.pdbx_overall_SU_R_free_Blow_DPI          ? 
_refine.pdbx_overall_SU_R_Blow_DPI               ? 
_refine.pdbx_TLS_residual_ADP_flag               ? 
_refine.pdbx_diffrn_id                           1 
_refine.overall_SU_B                             0.765 
_refine.overall_SU_ML                            0.035 
_refine.overall_SU_R_Cruickshank_DPI             ? 
_refine.overall_SU_R_free                        ? 
_refine.overall_FOM_free_R_set                   ? 
_refine.overall_FOM_work_R_set                   ? 
_refine.pdbx_average_fsc_overall                 ? 
_refine.pdbx_average_fsc_work                    ? 
_refine.pdbx_average_fsc_free                    ? 
# 
_refine_hist.pdbx_refine_id                   'X-RAY DIFFRACTION' 
_refine_hist.cycle_id                         LAST 
_refine_hist.details                          ? 
_refine_hist.d_res_high                       1.090 
_refine_hist.d_res_low                        39.57 
_refine_hist.number_atoms_solvent             152 
_refine_hist.number_atoms_total               1245 
_refine_hist.number_reflns_all                ? 
_refine_hist.number_reflns_obs                ? 
_refine_hist.number_reflns_R_free             ? 
_refine_hist.number_reflns_R_work             ? 
_refine_hist.R_factor_all                     ? 
_refine_hist.R_factor_obs                     ? 
_refine_hist.R_factor_R_free                  ? 
_refine_hist.R_factor_R_work                  ? 
_refine_hist.pdbx_number_residues_total       ? 
_refine_hist.pdbx_B_iso_mean_ligand           ? 
_refine_hist.pdbx_B_iso_mean_solvent          ? 
_refine_hist.pdbx_number_atoms_protein        1076 
_refine_hist.pdbx_number_atoms_nucleic_acid   0 
_refine_hist.pdbx_number_atoms_ligand         17 
_refine_hist.pdbx_number_atoms_lipid          ? 
_refine_hist.pdbx_number_atoms_carb           ? 
_refine_hist.pdbx_pseudo_atom_details         ? 
# 
loop_
_refine_ls_restr.pdbx_refine_id 
_refine_ls_restr.criterion 
_refine_ls_restr.dev_ideal 
_refine_ls_restr.dev_ideal_target 
_refine_ls_restr.number 
_refine_ls_restr.rejects 
_refine_ls_restr.type 
_refine_ls_restr.weight 
_refine_ls_restr.pdbx_restraint_function 
'X-RAY DIFFRACTION' ? 0.011  0.012  1152 ? r_bond_refined_d               ? ? 
'X-RAY DIFFRACTION' ? 1.884  1.654  1573 ? r_angle_refined_deg            ? ? 
'X-RAY DIFFRACTION' ? 5.936  5.000  136  ? r_dihedral_angle_1_deg         ? ? 
'X-RAY DIFFRACTION' ? 36.278 25.000 58   ? r_dihedral_angle_2_deg         ? ? 
'X-RAY DIFFRACTION' ? 12.894 15.000 203  ? r_dihedral_angle_3_deg         ? ? 
'X-RAY DIFFRACTION' ? 33.216 15.000 3    ? r_dihedral_angle_4_deg         ? ? 
'X-RAY DIFFRACTION' ? 0.108  0.200  148  ? r_chiral_restr                 ? ? 
'X-RAY DIFFRACTION' ? 0.013  0.020  900  ? r_gen_planes_refined           ? ? 
'X-RAY DIFFRACTION' ? 0.245  0.200  558  ? r_nbd_refined                  ? ? 
'X-RAY DIFFRACTION' ? 0.325  0.200  792  ? r_nbtor_refined                ? ? 
'X-RAY DIFFRACTION' ? 0.216  0.200  97   ? r_xyhbond_nbd_refined          ? ? 
'X-RAY DIFFRACTION' ? 0.173  0.200  40   ? r_symmetry_nbd_refined         ? ? 
'X-RAY DIFFRACTION' ? 0.260  0.200  28   ? r_symmetry_xyhbond_nbd_refined ? ? 
'X-RAY DIFFRACTION' ? 1.383  1.426  532  ? r_mcbond_it                    ? ? 
'X-RAY DIFFRACTION' ? 1.962  2.141  669  ? r_mcangle_it                   ? ? 
'X-RAY DIFFRACTION' ? 2.694  1.723  620  ? r_scbond_it                    ? ? 
'X-RAY DIFFRACTION' ? 3.716  2.486  903  ? r_scangle_it                   ? ? 
'X-RAY DIFFRACTION' ? 5.233  21.410 1854 ? r_lrange_it                    ? ? 
# 
loop_
_refine_ls_shell.pdbx_refine_id 
_refine_ls_shell.d_res_high 
_refine_ls_shell.d_res_low 
_refine_ls_shell.number_reflns_all 
_refine_ls_shell.number_reflns_obs 
_refine_ls_shell.number_reflns_R_free 
_refine_ls_shell.number_reflns_R_work 
_refine_ls_shell.percent_reflns_obs 
_refine_ls_shell.percent_reflns_R_free 
_refine_ls_shell.R_factor_all 
_refine_ls_shell.R_factor_obs 
_refine_ls_shell.R_factor_R_free 
_refine_ls_shell.R_factor_R_free_error 
_refine_ls_shell.R_factor_R_work 
_refine_ls_shell.redundancy_reflns_all 
_refine_ls_shell.redundancy_reflns_obs 
_refine_ls_shell.wR_factor_all 
_refine_ls_shell.wR_factor_obs 
_refine_ls_shell.wR_factor_R_free 
_refine_ls_shell.wR_factor_R_work 
_refine_ls_shell.pdbx_R_complete 
_refine_ls_shell.pdbx_total_number_of_bins_used 
_refine_ls_shell.pdbx_phase_error 
_refine_ls_shell.pdbx_fsc_work 
_refine_ls_shell.pdbx_fsc_free 
'X-RAY DIFFRACTION' 1.090 1.118 . . 182 3826 99.7760  . . . 0.335 . 0.358 . . . . . . . . . . . 
'X-RAY DIFFRACTION' 1.118 1.149 . . 197 3719 100.0000 . . . 0.316 . 0.324 . . . . . . . . . . . 
'X-RAY DIFFRACTION' 1.149 1.182 . . 175 3621 99.9737  . . . 0.315 . 0.294 . . . . . . . . . . . 
'X-RAY DIFFRACTION' 1.182 1.219 . . 190 3529 100.0000 . . . 0.275 . 0.282 . . . . . . . . . . . 
'X-RAY DIFFRACTION' 1.219 1.259 . . 182 3385 99.9160  . . . 0.286 . 0.265 . . . . . . . . . . . 
'X-RAY DIFFRACTION' 1.259 1.303 . . 177 3308 99.9426  . . . 0.293 . 0.255 . . . . . . . . . . . 
'X-RAY DIFFRACTION' 1.303 1.352 . . 165 3191 99.9702  . . . 0.267 . 0.243 . . . . . . . . . . . 
'X-RAY DIFFRACTION' 1.352 1.407 . . 173 3072 100.0000 . . . 0.247 . 0.226 . . . . . . . . . . . 
'X-RAY DIFFRACTION' 1.407 1.470 . . 148 2956 100.0000 . . . 0.215 . 0.199 . . . . . . . . . . . 
'X-RAY DIFFRACTION' 1.470 1.541 . . 137 2836 100.0000 . . . 0.229 . 0.194 . . . . . . . . . . . 
'X-RAY DIFFRACTION' 1.541 1.625 . . 140 2697 100.0000 . . . 0.224 . 0.189 . . . . . . . . . . . 
'X-RAY DIFFRACTION' 1.625 1.723 . . 154 2559 100.0000 . . . 0.218 . 0.187 . . . . . . . . . . . 
'X-RAY DIFFRACTION' 1.723 1.842 . . 116 2414 100.0000 . . . 0.220 . 0.197 . . . . . . . . . . . 
'X-RAY DIFFRACTION' 1.842 1.990 . . 113 2267 100.0000 . . . 0.243 . 0.206 . . . . . . . . . . . 
'X-RAY DIFFRACTION' 1.990 2.179 . . 96  2082 100.0000 . . . 0.228 . 0.203 . . . . . . . . . . . 
'X-RAY DIFFRACTION' 2.179 2.436 . . 77  1916 100.0000 . . . 0.212 . 0.192 . . . . . . . . . . . 
'X-RAY DIFFRACTION' 2.436 2.813 . . 92  1682 100.0000 . . . 0.204 . 0.193 . . . . . . . . . . . 
'X-RAY DIFFRACTION' 2.813 3.444 . . 90  1432 100.0000 . . . 0.207 . 0.205 . . . . . . . . . . . 
'X-RAY DIFFRACTION' 3.444 4.866 . . 45  1163 100.0000 . . . 0.213 . 0.167 . . . . . . . . . . . 
'X-RAY DIFFRACTION' 4.866 39.57 . . 29  680  100.0000 . . . 0.436 . 0.258 . . . . . . . . . . . 
# 
_struct.entry_id                     7ZFO 
_struct.title                        'BRD4 in complex with FragLite28' 
_struct.pdbx_model_details           ? 
_struct.pdbx_formula_weight          ? 
_struct.pdbx_formula_weight_method   ? 
_struct.pdbx_model_type_details      ? 
_struct.pdbx_CASP_flag               N 
# 
_struct_keywords.entry_id        7ZFO 
_struct_keywords.text            'FragLites, anomalous, BRD4, Fragment screening, TRANSCRIPTION' 
_struct_keywords.pdbx_keywords   TRANSCRIPTION 
# 
loop_
_struct_asym.id 
_struct_asym.pdbx_blank_PDB_chainid_flag 
_struct_asym.pdbx_modified 
_struct_asym.entity_id 
_struct_asym.details 
A N N 1 ? 
B N N 2 ? 
C N N 3 ? 
D N N 4 ? 
# 
_struct_ref.id                         1 
_struct_ref.db_name                    UNP 
_struct_ref.db_code                    BRD4-2_HUMAN 
_struct_ref.pdbx_db_accession          O60885-2 
_struct_ref.pdbx_db_isoform            ? 
_struct_ref.entity_id                  1 
_struct_ref.pdbx_seq_one_letter_code   
;NPPPPETSNPNKPKRQTNQLQYLLRVVLKTLWKHQFAWPFQQPVDAVKLNLPDYYKIIKTPMDMGTIKKRLENNYYWNAQ
ECIQDFNTMFTNCYIYNKPGDDIVLMAEALEKLFLQKINELPTEE
;
_struct_ref.pdbx_align_begin           44 
# 
_struct_ref_seq.align_id                      1 
_struct_ref_seq.ref_id                        1 
_struct_ref_seq.pdbx_PDB_id_code              7ZFO 
_struct_ref_seq.pdbx_strand_id                AAA 
_struct_ref_seq.seq_align_beg                 5 
_struct_ref_seq.pdbx_seq_align_beg_ins_code   ? 
_struct_ref_seq.seq_align_end                 129 
_struct_ref_seq.pdbx_seq_align_end_ins_code   ? 
_struct_ref_seq.pdbx_db_accession             O60885-2 
_struct_ref_seq.db_align_beg                  44 
_struct_ref_seq.pdbx_db_align_beg_ins_code    ? 
_struct_ref_seq.db_align_end                  168 
_struct_ref_seq.pdbx_db_align_end_ins_code    ? 
_struct_ref_seq.pdbx_auth_seq_align_beg       44 
_struct_ref_seq.pdbx_auth_seq_align_end       168 
# 
loop_
_struct_ref_seq_dif.align_id 
_struct_ref_seq_dif.pdbx_pdb_id_code 
_struct_ref_seq_dif.mon_id 
_struct_ref_seq_dif.pdbx_pdb_strand_id 
_struct_ref_seq_dif.seq_num 
_struct_ref_seq_dif.pdbx_pdb_ins_code 
_struct_ref_seq_dif.pdbx_seq_db_name 
_struct_ref_seq_dif.pdbx_seq_db_accession_code 
_struct_ref_seq_dif.db_mon_id 
_struct_ref_seq_dif.pdbx_seq_db_seq_num 
_struct_ref_seq_dif.details 
_struct_ref_seq_dif.pdbx_auth_seq_num 
_struct_ref_seq_dif.pdbx_ordinal 
1 7ZFO GLY AAA 1 ? UNP O60885-2 ? ? 'expression tag' 40 1 
1 7ZFO SER AAA 2 ? UNP O60885-2 ? ? 'expression tag' 41 2 
1 7ZFO HIS AAA 3 ? UNP O60885-2 ? ? 'expression tag' 42 3 
1 7ZFO MET AAA 4 ? UNP O60885-2 ? ? 'expression tag' 43 4 
# 
_pdbx_struct_assembly.id                   1 
_pdbx_struct_assembly.details              author_and_software_defined_assembly 
_pdbx_struct_assembly.method_details       PISA 
_pdbx_struct_assembly.oligomeric_details   monomeric 
_pdbx_struct_assembly.oligomeric_count     1 
# 
loop_
_pdbx_struct_assembly_prop.biol_id 
_pdbx_struct_assembly_prop.type 
_pdbx_struct_assembly_prop.value 
_pdbx_struct_assembly_prop.details 
1 'ABSA (A^2)' 240  ? 
1 MORE         0    ? 
1 'SSA (A^2)'  7780 ? 
# 
_pdbx_struct_assembly_gen.assembly_id       1 
_pdbx_struct_assembly_gen.oper_expression   1 
_pdbx_struct_assembly_gen.asym_id_list      A,B,C,D 
# 
_pdbx_struct_assembly_auth_evidence.id                     1 
_pdbx_struct_assembly_auth_evidence.assembly_id            1 
_pdbx_struct_assembly_auth_evidence.experimental_support   'gel filtration' 
_pdbx_struct_assembly_auth_evidence.details                ? 
# 
_pdbx_struct_oper_list.id                   1 
_pdbx_struct_oper_list.type                 'identity operation' 
_pdbx_struct_oper_list.name                 1_555 
_pdbx_struct_oper_list.symmetry_operation   x,y,z 
_pdbx_struct_oper_list.matrix[1][1]         1.0000000000 
_pdbx_struct_oper_list.matrix[1][2]         0.0000000000 
_pdbx_struct_oper_list.matrix[1][3]         0.0000000000 
_pdbx_struct_oper_list.vector[1]            0.0000000000 
_pdbx_struct_oper_list.matrix[2][1]         0.0000000000 
_pdbx_struct_oper_list.matrix[2][2]         1.0000000000 
_pdbx_struct_oper_list.matrix[2][3]         0.0000000000 
_pdbx_struct_oper_list.vector[2]            0.0000000000 
_pdbx_struct_oper_list.matrix[3][1]         0.0000000000 
_pdbx_struct_oper_list.matrix[3][2]         0.0000000000 
_pdbx_struct_oper_list.matrix[3][3]         1.0000000000 
_pdbx_struct_oper_list.vector[3]            0.0000000000 
# 
loop_
_struct_conf.conf_type_id 
_struct_conf.id 
_struct_conf.pdbx_PDB_helix_id 
_struct_conf.beg_label_comp_id 
_struct_conf.beg_label_asym_id 
_struct_conf.beg_label_seq_id 
_struct_conf.pdbx_beg_PDB_ins_code 
_struct_conf.end_label_comp_id 
_struct_conf.end_label_asym_id 
_struct_conf.end_label_seq_id 
_struct_conf.pdbx_end_PDB_ins_code 
_struct_conf.beg_auth_comp_id 
_struct_conf.beg_auth_asym_id 
_struct_conf.beg_auth_seq_id 
_struct_conf.end_auth_comp_id 
_struct_conf.end_auth_asym_id 
_struct_conf.end_auth_seq_id 
_struct_conf.pdbx_PDB_helix_class 
_struct_conf.details 
_struct_conf.pdbx_PDB_helix_length 
HELX_P HELX_P1 AA1 THR A 21  ? VAL A 30  ? THR AAA 60  VAL AAA 69  1 ? 10 
HELX_P HELX_P2 AA2 VAL A 30  ? LYS A 37  ? VAL AAA 69  LYS AAA 76  1 ? 8  
HELX_P HELX_P3 AA3 ALA A 41  ? GLN A 45  ? ALA AAA 80  GLN AAA 84  5 ? 5  
HELX_P HELX_P4 AA4 ASP A 57  ? ILE A 62  ? ASP AAA 96  ILE AAA 101 1 ? 6  
HELX_P HELX_P5 AA5 ASP A 67  ? ASN A 77  ? ASP AAA 106 ASN AAA 116 1 ? 11 
HELX_P HELX_P6 AA6 ASN A 82  ? ASN A 101 ? ASN AAA 121 ASN AAA 140 1 ? 20 
HELX_P HELX_P7 AA7 ASP A 105 ? GLU A 124 ? ASP AAA 144 GLU AAA 163 1 ? 20 
# 
_struct_conf_type.id          HELX_P 
_struct_conf_type.criteria    ? 
_struct_conf_type.reference   ? 
# 
loop_
_pdbx_validate_close_contact.id 
_pdbx_validate_close_contact.PDB_model_num 
_pdbx_validate_close_contact.auth_atom_id_1 
_pdbx_validate_close_contact.auth_asym_id_1 
_pdbx_validate_close_contact.auth_comp_id_1 
_pdbx_validate_close_contact.auth_seq_id_1 
_pdbx_validate_close_contact.PDB_ins_code_1 
_pdbx_validate_close_contact.label_alt_id_1 
_pdbx_validate_close_contact.auth_atom_id_2 
_pdbx_validate_close_contact.auth_asym_id_2 
_pdbx_validate_close_contact.auth_comp_id_2 
_pdbx_validate_close_contact.auth_seq_id_2 
_pdbx_validate_close_contact.PDB_ins_code_2 
_pdbx_validate_close_contact.label_alt_id_2 
_pdbx_validate_close_contact.dist 
1 1 O   AAA HOH 334 ? ? O   AAA HOH 342 ? ? 1.65 
2 1 NE2 AAA GLN 59  ? ? OD1 AAA ASN 117 ? ? 1.89 
3 1 OD1 AAA ASN 135 ? ? O1  AAA GOL 201 ? ? 2.06 
4 1 O   AAA HOH 302 ? ? O   AAA HOH 314 ? ? 2.14 
# 
_pdbx_validate_rmsd_bond.id                        1 
_pdbx_validate_rmsd_bond.PDB_model_num             1 
_pdbx_validate_rmsd_bond.auth_atom_id_1            CD 
_pdbx_validate_rmsd_bond.auth_asym_id_1            AAA 
_pdbx_validate_rmsd_bond.auth_comp_id_1            GLU 
_pdbx_validate_rmsd_bond.auth_seq_id_1             124 
_pdbx_validate_rmsd_bond.PDB_ins_code_1            ? 
_pdbx_validate_rmsd_bond.label_alt_id_1            ? 
_pdbx_validate_rmsd_bond.auth_atom_id_2            OE2 
_pdbx_validate_rmsd_bond.auth_asym_id_2            AAA 
_pdbx_validate_rmsd_bond.auth_comp_id_2            GLU 
_pdbx_validate_rmsd_bond.auth_seq_id_2             124 
_pdbx_validate_rmsd_bond.PDB_ins_code_2            ? 
_pdbx_validate_rmsd_bond.label_alt_id_2            ? 
_pdbx_validate_rmsd_bond.bond_value                1.173 
_pdbx_validate_rmsd_bond.bond_target_value         1.252 
_pdbx_validate_rmsd_bond.bond_deviation            -0.079 
_pdbx_validate_rmsd_bond.bond_standard_deviation   0.011 
_pdbx_validate_rmsd_bond.linker_flag               N 
# 
loop_
_pdbx_validate_torsion.id 
_pdbx_validate_torsion.PDB_model_num 
_pdbx_validate_torsion.auth_comp_id 
_pdbx_validate_torsion.auth_asym_id 
_pdbx_validate_torsion.auth_seq_id 
_pdbx_validate_torsion.PDB_ins_code 
_pdbx_validate_torsion.label_alt_id 
_pdbx_validate_torsion.phi 
_pdbx_validate_torsion.psi 
1 1 ASN AAA 52  ? ? -167.77 103.81 
2 1 ASN AAA 117 ? ? 36.96   69.74  
# 
_pdbx_entry_details.entry_id                 7ZFO 
_pdbx_entry_details.has_ligand_of_interest   Y 
_pdbx_entry_details.compound_details         ? 
_pdbx_entry_details.source_details           ? 
_pdbx_entry_details.nonpolymer_details       ? 
_pdbx_entry_details.sequence_details         ? 
# 
loop_
_chem_comp_atom.comp_id 
_chem_comp_atom.atom_id 
_chem_comp_atom.type_symbol 
_chem_comp_atom.pdbx_aromatic_flag 
_chem_comp_atom.pdbx_stereo_config 
_chem_comp_atom.pdbx_ordinal 
ALA N    N  N N 1   
ALA CA   C  N S 2   
ALA C    C  N N 3   
ALA O    O  N N 4   
ALA CB   C  N N 5   
ALA OXT  O  N N 6   
ALA H    H  N N 7   
ALA H2   H  N N 8   
ALA HA   H  N N 9   
ALA HB1  H  N N 10  
ALA HB2  H  N N 11  
ALA HB3  H  N N 12  
ALA HXT  H  N N 13  
ARG N    N  N N 14  
ARG CA   C  N S 15  
ARG C    C  N N 16  
ARG O    O  N N 17  
ARG CB   C  N N 18  
ARG CG   C  N N 19  
ARG CD   C  N N 20  
ARG NE   N  N N 21  
ARG CZ   C  N N 22  
ARG NH1  N  N N 23  
ARG NH2  N  N N 24  
ARG OXT  O  N N 25  
ARG H    H  N N 26  
ARG H2   H  N N 27  
ARG HA   H  N N 28  
ARG HB2  H  N N 29  
ARG HB3  H  N N 30  
ARG HG2  H  N N 31  
ARG HG3  H  N N 32  
ARG HD2  H  N N 33  
ARG HD3  H  N N 34  
ARG HE   H  N N 35  
ARG HH11 H  N N 36  
ARG HH12 H  N N 37  
ARG HH21 H  N N 38  
ARG HH22 H  N N 39  
ARG HXT  H  N N 40  
ASN N    N  N N 41  
ASN CA   C  N S 42  
ASN C    C  N N 43  
ASN O    O  N N 44  
ASN CB   C  N N 45  
ASN CG   C  N N 46  
ASN OD1  O  N N 47  
ASN ND2  N  N N 48  
ASN OXT  O  N N 49  
ASN H    H  N N 50  
ASN H2   H  N N 51  
ASN HA   H  N N 52  
ASN HB2  H  N N 53  
ASN HB3  H  N N 54  
ASN HD21 H  N N 55  
ASN HD22 H  N N 56  
ASN HXT  H  N N 57  
ASP N    N  N N 58  
ASP CA   C  N S 59  
ASP C    C  N N 60  
ASP O    O  N N 61  
ASP CB   C  N N 62  
ASP CG   C  N N 63  
ASP OD1  O  N N 64  
ASP OD2  O  N N 65  
ASP OXT  O  N N 66  
ASP H    H  N N 67  
ASP H2   H  N N 68  
ASP HA   H  N N 69  
ASP HB2  H  N N 70  
ASP HB3  H  N N 71  
ASP HD2  H  N N 72  
ASP HXT  H  N N 73  
CYS N    N  N N 74  
CYS CA   C  N R 75  
CYS C    C  N N 76  
CYS O    O  N N 77  
CYS CB   C  N N 78  
CYS SG   S  N N 79  
CYS OXT  O  N N 80  
CYS H    H  N N 81  
CYS H2   H  N N 82  
CYS HA   H  N N 83  
CYS HB2  H  N N 84  
CYS HB3  H  N N 85  
CYS HG   H  N N 86  
CYS HXT  H  N N 87  
GLN N    N  N N 88  
GLN CA   C  N S 89  
GLN C    C  N N 90  
GLN O    O  N N 91  
GLN CB   C  N N 92  
GLN CG   C  N N 93  
GLN CD   C  N N 94  
GLN OE1  O  N N 95  
GLN NE2  N  N N 96  
GLN OXT  O  N N 97  
GLN H    H  N N 98  
GLN H2   H  N N 99  
GLN HA   H  N N 100 
GLN HB2  H  N N 101 
GLN HB3  H  N N 102 
GLN HG2  H  N N 103 
GLN HG3  H  N N 104 
GLN HE21 H  N N 105 
GLN HE22 H  N N 106 
GLN HXT  H  N N 107 
GLU N    N  N N 108 
GLU CA   C  N S 109 
GLU C    C  N N 110 
GLU O    O  N N 111 
GLU CB   C  N N 112 
GLU CG   C  N N 113 
GLU CD   C  N N 114 
GLU OE1  O  N N 115 
GLU OE2  O  N N 116 
GLU OXT  O  N N 117 
GLU H    H  N N 118 
GLU H2   H  N N 119 
GLU HA   H  N N 120 
GLU HB2  H  N N 121 
GLU HB3  H  N N 122 
GLU HG2  H  N N 123 
GLU HG3  H  N N 124 
GLU HE2  H  N N 125 
GLU HXT  H  N N 126 
GLY N    N  N N 127 
GLY CA   C  N N 128 
GLY C    C  N N 129 
GLY O    O  N N 130 
GLY OXT  O  N N 131 
GLY H    H  N N 132 
GLY H2   H  N N 133 
GLY HA2  H  N N 134 
GLY HA3  H  N N 135 
GLY HXT  H  N N 136 
GOL C1   C  N N 137 
GOL O1   O  N N 138 
GOL C2   C  N N 139 
GOL O2   O  N N 140 
GOL C3   C  N N 141 
GOL O3   O  N N 142 
GOL H11  H  N N 143 
GOL H12  H  N N 144 
GOL HO1  H  N N 145 
GOL H2   H  N N 146 
GOL HO2  H  N N 147 
GOL H31  H  N N 148 
GOL H32  H  N N 149 
GOL HO3  H  N N 150 
HIS N    N  N N 151 
HIS CA   C  N S 152 
HIS C    C  N N 153 
HIS O    O  N N 154 
HIS CB   C  N N 155 
HIS CG   C  Y N 156 
HIS ND1  N  Y N 157 
HIS CD2  C  Y N 158 
HIS CE1  C  Y N 159 
HIS NE2  N  Y N 160 
HIS OXT  O  N N 161 
HIS H    H  N N 162 
HIS H2   H  N N 163 
HIS HA   H  N N 164 
HIS HB2  H  N N 165 
HIS HB3  H  N N 166 
HIS HD1  H  N N 167 
HIS HD2  H  N N 168 
HIS HE1  H  N N 169 
HIS HE2  H  N N 170 
HIS HXT  H  N N 171 
HOH O    O  N N 172 
HOH H1   H  N N 173 
HOH H2   H  N N 174 
ILE N    N  N N 175 
ILE CA   C  N S 176 
ILE C    C  N N 177 
ILE O    O  N N 178 
ILE CB   C  N S 179 
ILE CG1  C  N N 180 
ILE CG2  C  N N 181 
ILE CD1  C  N N 182 
ILE OXT  O  N N 183 
ILE H    H  N N 184 
ILE H2   H  N N 185 
ILE HA   H  N N 186 
ILE HB   H  N N 187 
ILE HG12 H  N N 188 
ILE HG13 H  N N 189 
ILE HG21 H  N N 190 
ILE HG22 H  N N 191 
ILE HG23 H  N N 192 
ILE HD11 H  N N 193 
ILE HD12 H  N N 194 
ILE HD13 H  N N 195 
ILE HXT  H  N N 196 
LEU N    N  N N 197 
LEU CA   C  N S 198 
LEU C    C  N N 199 
LEU O    O  N N 200 
LEU CB   C  N N 201 
LEU CG   C  N N 202 
LEU CD1  C  N N 203 
LEU CD2  C  N N 204 
LEU OXT  O  N N 205 
LEU H    H  N N 206 
LEU H2   H  N N 207 
LEU HA   H  N N 208 
LEU HB2  H  N N 209 
LEU HB3  H  N N 210 
LEU HG   H  N N 211 
LEU HD11 H  N N 212 
LEU HD12 H  N N 213 
LEU HD13 H  N N 214 
LEU HD21 H  N N 215 
LEU HD22 H  N N 216 
LEU HD23 H  N N 217 
LEU HXT  H  N N 218 
LYS N    N  N N 219 
LYS CA   C  N S 220 
LYS C    C  N N 221 
LYS O    O  N N 222 
LYS CB   C  N N 223 
LYS CG   C  N N 224 
LYS CD   C  N N 225 
LYS CE   C  N N 226 
LYS NZ   N  N N 227 
LYS OXT  O  N N 228 
LYS H    H  N N 229 
LYS H2   H  N N 230 
LYS HA   H  N N 231 
LYS HB2  H  N N 232 
LYS HB3  H  N N 233 
LYS HG2  H  N N 234 
LYS HG3  H  N N 235 
LYS HD2  H  N N 236 
LYS HD3  H  N N 237 
LYS HE2  H  N N 238 
LYS HE3  H  N N 239 
LYS HZ1  H  N N 240 
LYS HZ2  H  N N 241 
LYS HZ3  H  N N 242 
LYS HXT  H  N N 243 
MET N    N  N N 244 
MET CA   C  N S 245 
MET C    C  N N 246 
MET O    O  N N 247 
MET CB   C  N N 248 
MET CG   C  N N 249 
MET SD   S  N N 250 
MET CE   C  N N 251 
MET OXT  O  N N 252 
MET H    H  N N 253 
MET H2   H  N N 254 
MET HA   H  N N 255 
MET HB2  H  N N 256 
MET HB3  H  N N 257 
MET HG2  H  N N 258 
MET HG3  H  N N 259 
MET HE1  H  N N 260 
MET HE2  H  N N 261 
MET HE3  H  N N 262 
MET HXT  H  N N 263 
PHE N    N  N N 264 
PHE CA   C  N S 265 
PHE C    C  N N 266 
PHE O    O  N N 267 
PHE CB   C  N N 268 
PHE CG   C  Y N 269 
PHE CD1  C  Y N 270 
PHE CD2  C  Y N 271 
PHE CE1  C  Y N 272 
PHE CE2  C  Y N 273 
PHE CZ   C  Y N 274 
PHE OXT  O  N N 275 
PHE H    H  N N 276 
PHE H2   H  N N 277 
PHE HA   H  N N 278 
PHE HB2  H  N N 279 
PHE HB3  H  N N 280 
PHE HD1  H  N N 281 
PHE HD2  H  N N 282 
PHE HE1  H  N N 283 
PHE HE2  H  N N 284 
PHE HZ   H  N N 285 
PHE HXT  H  N N 286 
PRO N    N  N N 287 
PRO CA   C  N S 288 
PRO C    C  N N 289 
PRO O    O  N N 290 
PRO CB   C  N N 291 
PRO CG   C  N N 292 
PRO CD   C  N N 293 
PRO OXT  O  N N 294 
PRO H    H  N N 295 
PRO HA   H  N N 296 
PRO HB2  H  N N 297 
PRO HB3  H  N N 298 
PRO HG2  H  N N 299 
PRO HG3  H  N N 300 
PRO HD2  H  N N 301 
PRO HD3  H  N N 302 
PRO HXT  H  N N 303 
SER N    N  N N 304 
SER CA   C  N S 305 
SER C    C  N N 306 
SER O    O  N N 307 
SER CB   C  N N 308 
SER OG   O  N N 309 
SER OXT  O  N N 310 
SER H    H  N N 311 
SER H2   H  N N 312 
SER HA   H  N N 313 
SER HB2  H  N N 314 
SER HB3  H  N N 315 
SER HG   H  N N 316 
SER HXT  H  N N 317 
THR N    N  N N 318 
THR CA   C  N S 319 
THR C    C  N N 320 
THR O    O  N N 321 
THR CB   C  N R 322 
THR OG1  O  N N 323 
THR CG2  C  N N 324 
THR OXT  O  N N 325 
THR H    H  N N 326 
THR H2   H  N N 327 
THR HA   H  N N 328 
THR HB   H  N N 329 
THR HG1  H  N N 330 
THR HG21 H  N N 331 
THR HG22 H  N N 332 
THR HG23 H  N N 333 
THR HXT  H  N N 334 
TRP N    N  N N 335 
TRP CA   C  N S 336 
TRP C    C  N N 337 
TRP O    O  N N 338 
TRP CB   C  N N 339 
TRP CG   C  Y N 340 
TRP CD1  C  Y N 341 
TRP CD2  C  Y N 342 
TRP NE1  N  Y N 343 
TRP CE2  C  Y N 344 
TRP CE3  C  Y N 345 
TRP CZ2  C  Y N 346 
TRP CZ3  C  Y N 347 
TRP CH2  C  Y N 348 
TRP OXT  O  N N 349 
TRP H    H  N N 350 
TRP H2   H  N N 351 
TRP HA   H  N N 352 
TRP HB2  H  N N 353 
TRP HB3  H  N N 354 
TRP HD1  H  N N 355 
TRP HE1  H  N N 356 
TRP HE3  H  N N 357 
TRP HZ2  H  N N 358 
TRP HZ3  H  N N 359 
TRP HH2  H  N N 360 
TRP HXT  H  N N 361 
TYR N    N  N N 362 
TYR CA   C  N S 363 
TYR C    C  N N 364 
TYR O    O  N N 365 
TYR CB   C  N N 366 
TYR CG   C  Y N 367 
TYR CD1  C  Y N 368 
TYR CD2  C  Y N 369 
TYR CE1  C  Y N 370 
TYR CE2  C  Y N 371 
TYR CZ   C  Y N 372 
TYR OH   O  N N 373 
TYR OXT  O  N N 374 
TYR H    H  N N 375 
TYR H2   H  N N 376 
TYR HA   H  N N 377 
TYR HB2  H  N N 378 
TYR HB3  H  N N 379 
TYR HD1  H  N N 380 
TYR HD2  H  N N 381 
TYR HE1  H  N N 382 
TYR HE2  H  N N 383 
TYR HH   H  N N 384 
TYR HXT  H  N N 385 
UUS C4   C  N N 386 
UUS C5   C  N N 387 
UUS C6   C  N N 388 
UUS N    N  N N 389 
UUS C    C  N N 390 
UUS O    O  N N 391 
UUS C1   C  N N 392 
UUS C2   C  N N 393 
UUS C3   C  N N 394 
UUS O1   O  N N 395 
UUS BR   BR N N 396 
UUS H1   H  N N 397 
UUS H2   H  N N 398 
UUS H3   H  N N 399 
UUS H4   H  N N 400 
UUS H5   H  N N 401 
UUS H6   H  N N 402 
UUS H7   H  N N 403 
UUS H8   H  N N 404 
VAL N    N  N N 405 
VAL CA   C  N S 406 
VAL C    C  N N 407 
VAL O    O  N N 408 
VAL CB   C  N N 409 
VAL CG1  C  N N 410 
VAL CG2  C  N N 411 
VAL OXT  O  N N 412 
VAL H    H  N N 413 
VAL H2   H  N N 414 
VAL HA   H  N N 415 
VAL HB   H  N N 416 
VAL HG11 H  N N 417 
VAL HG12 H  N N 418 
VAL HG13 H  N N 419 
VAL HG21 H  N N 420 
VAL HG22 H  N N 421 
VAL HG23 H  N N 422 
VAL HXT  H  N N 423 
# 
loop_
_chem_comp_bond.comp_id 
_chem_comp_bond.atom_id_1 
_chem_comp_bond.atom_id_2 
_chem_comp_bond.value_order 
_chem_comp_bond.pdbx_aromatic_flag 
_chem_comp_bond.pdbx_stereo_config 
_chem_comp_bond.pdbx_ordinal 
ALA N   CA   sing N N 1   
ALA N   H    sing N N 2   
ALA N   H2   sing N N 3   
ALA CA  C    sing N N 4   
ALA CA  CB   sing N N 5   
ALA CA  HA   sing N N 6   
ALA C   O    doub N N 7   
ALA C   OXT  sing N N 8   
ALA CB  HB1  sing N N 9   
ALA CB  HB2  sing N N 10  
ALA CB  HB3  sing N N 11  
ALA OXT HXT  sing N N 12  
ARG N   CA   sing N N 13  
ARG N   H    sing N N 14  
ARG N   H2   sing N N 15  
ARG CA  C    sing N N 16  
ARG CA  CB   sing N N 17  
ARG CA  HA   sing N N 18  
ARG C   O    doub N N 19  
ARG C   OXT  sing N N 20  
ARG CB  CG   sing N N 21  
ARG CB  HB2  sing N N 22  
ARG CB  HB3  sing N N 23  
ARG CG  CD   sing N N 24  
ARG CG  HG2  sing N N 25  
ARG CG  HG3  sing N N 26  
ARG CD  NE   sing N N 27  
ARG CD  HD2  sing N N 28  
ARG CD  HD3  sing N N 29  
ARG NE  CZ   sing N N 30  
ARG NE  HE   sing N N 31  
ARG CZ  NH1  sing N N 32  
ARG CZ  NH2  doub N N 33  
ARG NH1 HH11 sing N N 34  
ARG NH1 HH12 sing N N 35  
ARG NH2 HH21 sing N N 36  
ARG NH2 HH22 sing N N 37  
ARG OXT HXT  sing N N 38  
ASN N   CA   sing N N 39  
ASN N   H    sing N N 40  
ASN N   H2   sing N N 41  
ASN CA  C    sing N N 42  
ASN CA  CB   sing N N 43  
ASN CA  HA   sing N N 44  
ASN C   O    doub N N 45  
ASN C   OXT  sing N N 46  
ASN CB  CG   sing N N 47  
ASN CB  HB2  sing N N 48  
ASN CB  HB3  sing N N 49  
ASN CG  OD1  doub N N 50  
ASN CG  ND2  sing N N 51  
ASN ND2 HD21 sing N N 52  
ASN ND2 HD22 sing N N 53  
ASN OXT HXT  sing N N 54  
ASP N   CA   sing N N 55  
ASP N   H    sing N N 56  
ASP N   H2   sing N N 57  
ASP CA  C    sing N N 58  
ASP CA  CB   sing N N 59  
ASP CA  HA   sing N N 60  
ASP C   O    doub N N 61  
ASP C   OXT  sing N N 62  
ASP CB  CG   sing N N 63  
ASP CB  HB2  sing N N 64  
ASP CB  HB3  sing N N 65  
ASP CG  OD1  doub N N 66  
ASP CG  OD2  sing N N 67  
ASP OD2 HD2  sing N N 68  
ASP OXT HXT  sing N N 69  
CYS N   CA   sing N N 70  
CYS N   H    sing N N 71  
CYS N   H2   sing N N 72  
CYS CA  C    sing N N 73  
CYS CA  CB   sing N N 74  
CYS CA  HA   sing N N 75  
CYS C   O    doub N N 76  
CYS C   OXT  sing N N 77  
CYS CB  SG   sing N N 78  
CYS CB  HB2  sing N N 79  
CYS CB  HB3  sing N N 80  
CYS SG  HG   sing N N 81  
CYS OXT HXT  sing N N 82  
GLN N   CA   sing N N 83  
GLN N   H    sing N N 84  
GLN N   H2   sing N N 85  
GLN CA  C    sing N N 86  
GLN CA  CB   sing N N 87  
GLN CA  HA   sing N N 88  
GLN C   O    doub N N 89  
GLN C   OXT  sing N N 90  
GLN CB  CG   sing N N 91  
GLN CB  HB2  sing N N 92  
GLN CB  HB3  sing N N 93  
GLN CG  CD   sing N N 94  
GLN CG  HG2  sing N N 95  
GLN CG  HG3  sing N N 96  
GLN CD  OE1  doub N N 97  
GLN CD  NE2  sing N N 98  
GLN NE2 HE21 sing N N 99  
GLN NE2 HE22 sing N N 100 
GLN OXT HXT  sing N N 101 
GLU N   CA   sing N N 102 
GLU N   H    sing N N 103 
GLU N   H2   sing N N 104 
GLU CA  C    sing N N 105 
GLU CA  CB   sing N N 106 
GLU CA  HA   sing N N 107 
GLU C   O    doub N N 108 
GLU C   OXT  sing N N 109 
GLU CB  CG   sing N N 110 
GLU CB  HB2  sing N N 111 
GLU CB  HB3  sing N N 112 
GLU CG  CD   sing N N 113 
GLU CG  HG2  sing N N 114 
GLU CG  HG3  sing N N 115 
GLU CD  OE1  doub N N 116 
GLU CD  OE2  sing N N 117 
GLU OE2 HE2  sing N N 118 
GLU OXT HXT  sing N N 119 
GLY N   CA   sing N N 120 
GLY N   H    sing N N 121 
GLY N   H2   sing N N 122 
GLY CA  C    sing N N 123 
GLY CA  HA2  sing N N 124 
GLY CA  HA3  sing N N 125 
GLY C   O    doub N N 126 
GLY C   OXT  sing N N 127 
GLY OXT HXT  sing N N 128 
GOL C1  O1   sing N N 129 
GOL C1  C2   sing N N 130 
GOL C1  H11  sing N N 131 
GOL C1  H12  sing N N 132 
GOL O1  HO1  sing N N 133 
GOL C2  O2   sing N N 134 
GOL C2  C3   sing N N 135 
GOL C2  H2   sing N N 136 
GOL O2  HO2  sing N N 137 
GOL C3  O3   sing N N 138 
GOL C3  H31  sing N N 139 
GOL C3  H32  sing N N 140 
GOL O3  HO3  sing N N 141 
HIS N   CA   sing N N 142 
HIS N   H    sing N N 143 
HIS N   H2   sing N N 144 
HIS CA  C    sing N N 145 
HIS CA  CB   sing N N 146 
HIS CA  HA   sing N N 147 
HIS C   O    doub N N 148 
HIS C   OXT  sing N N 149 
HIS CB  CG   sing N N 150 
HIS CB  HB2  sing N N 151 
HIS CB  HB3  sing N N 152 
HIS CG  ND1  sing Y N 153 
HIS CG  CD2  doub Y N 154 
HIS ND1 CE1  doub Y N 155 
HIS ND1 HD1  sing N N 156 
HIS CD2 NE2  sing Y N 157 
HIS CD2 HD2  sing N N 158 
HIS CE1 NE2  sing Y N 159 
HIS CE1 HE1  sing N N 160 
HIS NE2 HE2  sing N N 161 
HIS OXT HXT  sing N N 162 
HOH O   H1   sing N N 163 
HOH O   H2   sing N N 164 
ILE N   CA   sing N N 165 
ILE N   H    sing N N 166 
ILE N   H2   sing N N 167 
ILE CA  C    sing N N 168 
ILE CA  CB   sing N N 169 
ILE CA  HA   sing N N 170 
ILE C   O    doub N N 171 
ILE C   OXT  sing N N 172 
ILE CB  CG1  sing N N 173 
ILE CB  CG2  sing N N 174 
ILE CB  HB   sing N N 175 
ILE CG1 CD1  sing N N 176 
ILE CG1 HG12 sing N N 177 
ILE CG1 HG13 sing N N 178 
ILE CG2 HG21 sing N N 179 
ILE CG2 HG22 sing N N 180 
ILE CG2 HG23 sing N N 181 
ILE CD1 HD11 sing N N 182 
ILE CD1 HD12 sing N N 183 
ILE CD1 HD13 sing N N 184 
ILE OXT HXT  sing N N 185 
LEU N   CA   sing N N 186 
LEU N   H    sing N N 187 
LEU N   H2   sing N N 188 
LEU CA  C    sing N N 189 
LEU CA  CB   sing N N 190 
LEU CA  HA   sing N N 191 
LEU C   O    doub N N 192 
LEU C   OXT  sing N N 193 
LEU CB  CG   sing N N 194 
LEU CB  HB2  sing N N 195 
LEU CB  HB3  sing N N 196 
LEU CG  CD1  sing N N 197 
LEU CG  CD2  sing N N 198 
LEU CG  HG   sing N N 199 
LEU CD1 HD11 sing N N 200 
LEU CD1 HD12 sing N N 201 
LEU CD1 HD13 sing N N 202 
LEU CD2 HD21 sing N N 203 
LEU CD2 HD22 sing N N 204 
LEU CD2 HD23 sing N N 205 
LEU OXT HXT  sing N N 206 
LYS N   CA   sing N N 207 
LYS N   H    sing N N 208 
LYS N   H2   sing N N 209 
LYS CA  C    sing N N 210 
LYS CA  CB   sing N N 211 
LYS CA  HA   sing N N 212 
LYS C   O    doub N N 213 
LYS C   OXT  sing N N 214 
LYS CB  CG   sing N N 215 
LYS CB  HB2  sing N N 216 
LYS CB  HB3  sing N N 217 
LYS CG  CD   sing N N 218 
LYS CG  HG2  sing N N 219 
LYS CG  HG3  sing N N 220 
LYS CD  CE   sing N N 221 
LYS CD  HD2  sing N N 222 
LYS CD  HD3  sing N N 223 
LYS CE  NZ   sing N N 224 
LYS CE  HE2  sing N N 225 
LYS CE  HE3  sing N N 226 
LYS NZ  HZ1  sing N N 227 
LYS NZ  HZ2  sing N N 228 
LYS NZ  HZ3  sing N N 229 
LYS OXT HXT  sing N N 230 
MET N   CA   sing N N 231 
MET N   H    sing N N 232 
MET N   H2   sing N N 233 
MET CA  C    sing N N 234 
MET CA  CB   sing N N 235 
MET CA  HA   sing N N 236 
MET C   O    doub N N 237 
MET C   OXT  sing N N 238 
MET CB  CG   sing N N 239 
MET CB  HB2  sing N N 240 
MET CB  HB3  sing N N 241 
MET CG  SD   sing N N 242 
MET CG  HG2  sing N N 243 
MET CG  HG3  sing N N 244 
MET SD  CE   sing N N 245 
MET CE  HE1  sing N N 246 
MET CE  HE2  sing N N 247 
MET CE  HE3  sing N N 248 
MET OXT HXT  sing N N 249 
PHE N   CA   sing N N 250 
PHE N   H    sing N N 251 
PHE N   H2   sing N N 252 
PHE CA  C    sing N N 253 
PHE CA  CB   sing N N 254 
PHE CA  HA   sing N N 255 
PHE C   O    doub N N 256 
PHE C   OXT  sing N N 257 
PHE CB  CG   sing N N 258 
PHE CB  HB2  sing N N 259 
PHE CB  HB3  sing N N 260 
PHE CG  CD1  doub Y N 261 
PHE CG  CD2  sing Y N 262 
PHE CD1 CE1  sing Y N 263 
PHE CD1 HD1  sing N N 264 
PHE CD2 CE2  doub Y N 265 
PHE CD2 HD2  sing N N 266 
PHE CE1 CZ   doub Y N 267 
PHE CE1 HE1  sing N N 268 
PHE CE2 CZ   sing Y N 269 
PHE CE2 HE2  sing N N 270 
PHE CZ  HZ   sing N N 271 
PHE OXT HXT  sing N N 272 
PRO N   CA   sing N N 273 
PRO N   CD   sing N N 274 
PRO N   H    sing N N 275 
PRO CA  C    sing N N 276 
PRO CA  CB   sing N N 277 
PRO CA  HA   sing N N 278 
PRO C   O    doub N N 279 
PRO C   OXT  sing N N 280 
PRO CB  CG   sing N N 281 
PRO CB  HB2  sing N N 282 
PRO CB  HB3  sing N N 283 
PRO CG  CD   sing N N 284 
PRO CG  HG2  sing N N 285 
PRO CG  HG3  sing N N 286 
PRO CD  HD2  sing N N 287 
PRO CD  HD3  sing N N 288 
PRO OXT HXT  sing N N 289 
SER N   CA   sing N N 290 
SER N   H    sing N N 291 
SER N   H2   sing N N 292 
SER CA  C    sing N N 293 
SER CA  CB   sing N N 294 
SER CA  HA   sing N N 295 
SER C   O    doub N N 296 
SER C   OXT  sing N N 297 
SER CB  OG   sing N N 298 
SER CB  HB2  sing N N 299 
SER CB  HB3  sing N N 300 
SER OG  HG   sing N N 301 
SER OXT HXT  sing N N 302 
THR N   CA   sing N N 303 
THR N   H    sing N N 304 
THR N   H2   sing N N 305 
THR CA  C    sing N N 306 
THR CA  CB   sing N N 307 
THR CA  HA   sing N N 308 
THR C   O    doub N N 309 
THR C   OXT  sing N N 310 
THR CB  OG1  sing N N 311 
THR CB  CG2  sing N N 312 
THR CB  HB   sing N N 313 
THR OG1 HG1  sing N N 314 
THR CG2 HG21 sing N N 315 
THR CG2 HG22 sing N N 316 
THR CG2 HG23 sing N N 317 
THR OXT HXT  sing N N 318 
TRP N   CA   sing N N 319 
TRP N   H    sing N N 320 
TRP N   H2   sing N N 321 
TRP CA  C    sing N N 322 
TRP CA  CB   sing N N 323 
TRP CA  HA   sing N N 324 
TRP C   O    doub N N 325 
TRP C   OXT  sing N N 326 
TRP CB  CG   sing N N 327 
TRP CB  HB2  sing N N 328 
TRP CB  HB3  sing N N 329 
TRP CG  CD1  doub Y N 330 
TRP CG  CD2  sing Y N 331 
TRP CD1 NE1  sing Y N 332 
TRP CD1 HD1  sing N N 333 
TRP CD2 CE2  doub Y N 334 
TRP CD2 CE3  sing Y N 335 
TRP NE1 CE2  sing Y N 336 
TRP NE1 HE1  sing N N 337 
TRP CE2 CZ2  sing Y N 338 
TRP CE3 CZ3  doub Y N 339 
TRP CE3 HE3  sing N N 340 
TRP CZ2 CH2  doub Y N 341 
TRP CZ2 HZ2  sing N N 342 
TRP CZ3 CH2  sing Y N 343 
TRP CZ3 HZ3  sing N N 344 
TRP CH2 HH2  sing N N 345 
TRP OXT HXT  sing N N 346 
TYR N   CA   sing N N 347 
TYR N   H    sing N N 348 
TYR N   H2   sing N N 349 
TYR CA  C    sing N N 350 
TYR CA  CB   sing N N 351 
TYR CA  HA   sing N N 352 
TYR C   O    doub N N 353 
TYR C   OXT  sing N N 354 
TYR CB  CG   sing N N 355 
TYR CB  HB2  sing N N 356 
TYR CB  HB3  sing N N 357 
TYR CG  CD1  doub Y N 358 
TYR CG  CD2  sing Y N 359 
TYR CD1 CE1  sing Y N 360 
TYR CD1 HD1  sing N N 361 
TYR CD2 CE2  doub Y N 362 
TYR CD2 HD2  sing N N 363 
TYR CE1 CZ   doub Y N 364 
TYR CE1 HE1  sing N N 365 
TYR CE2 CZ   sing Y N 366 
TYR CE2 HE2  sing N N 367 
TYR CZ  OH   sing N N 368 
TYR OH  HH   sing N N 369 
TYR OXT HXT  sing N N 370 
UUS O   C    doub N N 371 
UUS C2  O1   sing N N 372 
UUS C2  C1   sing N N 373 
UUS C   C6   sing N N 374 
UUS C   N    sing N N 375 
UUS C6  C5   doub N N 376 
UUS C1  N    sing N N 377 
UUS N   C3   sing N N 378 
UUS C5  BR   sing N N 379 
UUS C5  C4   sing N N 380 
UUS C3  C4   doub N N 381 
UUS C4  H1   sing N N 382 
UUS C6  H2   sing N N 383 
UUS C1  H3   sing N N 384 
UUS C1  H4   sing N N 385 
UUS C2  H5   sing N N 386 
UUS C2  H6   sing N N 387 
UUS C3  H7   sing N N 388 
UUS O1  H8   sing N N 389 
VAL N   CA   sing N N 390 
VAL N   H    sing N N 391 
VAL N   H2   sing N N 392 
VAL CA  C    sing N N 393 
VAL CA  CB   sing N N 394 
VAL CA  HA   sing N N 395 
VAL C   O    doub N N 396 
VAL C   OXT  sing N N 397 
VAL CB  CG1  sing N N 398 
VAL CB  CG2  sing N N 399 
VAL CB  HB   sing N N 400 
VAL CG1 HG11 sing N N 401 
VAL CG1 HG12 sing N N 402 
VAL CG1 HG13 sing N N 403 
VAL CG2 HG21 sing N N 404 
VAL CG2 HG22 sing N N 405 
VAL CG2 HG23 sing N N 406 
VAL OXT HXT  sing N N 407 
# 
loop_
_pdbx_audit_support.funding_organization 
_pdbx_audit_support.country 
_pdbx_audit_support.grant_number 
_pdbx_audit_support.ordinal 
'Cancer Research UK' 'United Kingdom' C57659/A27310 1 
'Cancer Research UK' 'United Kingdom' C1362/A20263  2 
'Cancer Research UK' 'United Kingdom' C2215/A21421  3 
# 
_pdbx_entity_instance_feature.ordinal        1 
_pdbx_entity_instance_feature.comp_id        UUS 
_pdbx_entity_instance_feature.asym_id        ? 
_pdbx_entity_instance_feature.seq_num        ? 
_pdbx_entity_instance_feature.auth_comp_id   UUS 
_pdbx_entity_instance_feature.auth_asym_id   ? 
_pdbx_entity_instance_feature.auth_seq_num   ? 
_pdbx_entity_instance_feature.feature_type   'SUBJECT OF INVESTIGATION' 
_pdbx_entity_instance_feature.details        ? 
# 
_pdbx_initial_refinement_model.id               1 
_pdbx_initial_refinement_model.entity_id_list   ? 
_pdbx_initial_refinement_model.type             'experimental model' 
_pdbx_initial_refinement_model.source_name      PDB 
_pdbx_initial_refinement_model.accession_code   5LRQ 
_pdbx_initial_refinement_model.details          ? 
# 
_atom_sites.entry_id                    7ZFO 
_atom_sites.Cartn_transf_matrix[1][1]   ? 
_atom_sites.Cartn_transf_matrix[1][2]   ? 
_atom_sites.Cartn_transf_matrix[1][3]   ? 
_atom_sites.Cartn_transf_matrix[2][1]   ? 
_atom_sites.Cartn_transf_matrix[2][2]   ? 
_atom_sites.Cartn_transf_matrix[2][3]   ? 
_atom_sites.Cartn_transf_matrix[3][1]   ? 
_atom_sites.Cartn_transf_matrix[3][2]   ? 
_atom_sites.Cartn_transf_matrix[3][3]   ? 
_atom_sites.Cartn_transf_vector[1]      ? 
_atom_sites.Cartn_transf_vector[2]      ? 
_atom_sites.Cartn_transf_vector[3]      ? 
_atom_sites.fract_transf_matrix[1][1]   0.01466227 
_atom_sites.fract_transf_matrix[1][2]   0.00752896 
_atom_sites.fract_transf_matrix[1][3]   -0.02054319 
_atom_sites.fract_transf_matrix[2][1]   -0.01388651 
_atom_sites.fract_transf_matrix[2][2]   0.01828418 
_atom_sites.fract_transf_matrix[2][3]   -0.00321016 
_atom_sites.fract_transf_matrix[3][1]   0.00727362 
_atom_sites.fract_transf_matrix[3][2]   0.00687822 
_atom_sites.fract_transf_matrix[3][3]   0.00771222 
_atom_sites.fract_transf_vector[1]      -0.319649 
_atom_sites.fract_transf_vector[2]      0.067451 
_atom_sites.fract_transf_vector[3]      -0.118891 
_atom_sites.solution_primary            ? 
_atom_sites.solution_secondary          ? 
_atom_sites.solution_hydrogens          ? 
_atom_sites.special_details             ? 
# 
loop_
_atom_type.symbol 
_atom_type.pdbx_scat_Z 
_atom_type.pdbx_N_electrons 
_atom_type.scat_Cromer_Mann_a1 
_atom_type.scat_Cromer_Mann_b1 
_atom_type.scat_Cromer_Mann_a2 
_atom_type.scat_Cromer_Mann_b2 
_atom_type.scat_Cromer_Mann_a3 
_atom_type.scat_Cromer_Mann_b3 
_atom_type.scat_Cromer_Mann_a4 
_atom_type.scat_Cromer_Mann_b4 
_atom_type.scat_Cromer_Mann_c 
BR 35 35 17.182 2.172  5.237 16.580 5.639 0.261  3.986 41.433 -1.142  
C  6  6  2.310  20.844 1.020 10.208 1.589 0.569  0.865 51.651 0.216   
N  7  7  12.222 0.006  3.135 9.893  2.014 28.997 1.167 0.583  -11.538 
O  8  8  3.049  13.277 2.287 5.701  1.546 0.324  0.867 32.909 0.251   
S  16 16 6.905  1.468  5.203 22.215 1.438 0.254  1.586 56.172 1.030   
# 
loop_
_atom_site.group_PDB 
_atom_site.id 
_atom_site.type_symbol 
_atom_site.label_atom_id 
_atom_site.label_alt_id 
_atom_site.label_comp_id 
_atom_site.label_asym_id 
_atom_site.label_entity_id 
_atom_site.label_seq_id 
_atom_site.pdbx_PDB_ins_code 
_atom_site.Cartn_x 
_atom_site.Cartn_y 
_atom_site.Cartn_z 
_atom_site.occupancy 
_atom_site.B_iso_or_equiv 
_atom_site.pdbx_formal_charge 
_atom_site.auth_seq_id 
_atom_site.auth_comp_id 
_atom_site.auth_asym_id 
_atom_site.auth_atom_id 
_atom_site.pdbx_PDB_model_num 
_atom_site.calc_flag 
ATOM   1    N  N   . GLY A 1 1   ? 10.505  -15.835 -3.450  1.000 32.801 ? 40  GLY AAA N   1 ? 
ATOM   2    C  CA  . GLY A 1 1   ? 11.582  -15.586 -2.497  1.000 23.578 ? 40  GLY AAA CA  1 ? 
ATOM   3    C  C   . GLY A 1 1   ? 11.564  -16.632 -1.385  1.000 20.282 ? 40  GLY AAA C   1 ? 
ATOM   4    O  O   . GLY A 1 1   ? 11.171  -17.779 -1.622  1.000 22.762 ? 40  GLY AAA O   1 ? 
ATOM   5    N  N   . SER A 1 2   ? 11.921  -16.204 -0.173  1.000 19.673 ? 41  SER AAA N   1 ? 
ATOM   6    C  CA  . SER A 1 2   ? 12.065  -17.093 0.971   1.000 17.639 ? 41  SER AAA CA  1 ? 
ATOM   7    C  C   . SER A 1 2   ? 10.727  -17.664 1.385   1.000 16.257 ? 41  SER AAA C   1 ? 
ATOM   8    O  O   . SER A 1 2   ? 9.748   -16.909 1.540   1.000 16.177 ? 41  SER AAA O   1 ? 
ATOM   9    C  CB  . SER A 1 2   ? 12.674  -16.378 2.125   1.000 19.002 ? 41  SER AAA CB  1 ? 
ATOM   10   O  OG  . SER A 1 2   ? 12.675  -17.243 3.251   1.000 15.957 ? 41  SER AAA OG  1 ? 
ATOM   11   N  N   . HIS A 1 3   ? 10.729  -18.954 1.750   1.000 14.935 ? 42  HIS AAA N   1 ? 
ATOM   12   C  CA  . HIS A 1 3   ? 9.617   -19.596 2.396   1.000 14.915 ? 42  HIS AAA CA  1 ? 
ATOM   13   C  C   . HIS A 1 3   ? 9.255   -18.982 3.747   1.000 15.910 ? 42  HIS AAA C   1 ? 
ATOM   14   O  O   . HIS A 1 3   ? 8.196   -19.208 4.313   1.000 17.242 ? 42  HIS AAA O   1 ? 
ATOM   15   C  CB  . HIS A 1 3   ? 9.856   -21.124 2.522   1.000 18.201 ? 42  HIS AAA CB  1 ? 
ATOM   16   C  CG  . HIS A 1 3   ? 10.772  -21.482 3.648   1.000 17.591 ? 42  HIS AAA CG  1 ? 
ATOM   17   N  ND1 . HIS A 1 3   ? 12.098  -21.174 3.631   1.000 18.494 ? 42  HIS AAA ND1 1 ? 
ATOM   18   C  CD2 . HIS A 1 3   ? 10.558  -22.122 4.816   1.000 21.733 ? 42  HIS AAA CD2 1 ? 
ATOM   19   C  CE1 . HIS A 1 3   ? 12.693  -21.609 4.742   1.000 20.951 ? 42  HIS AAA CE1 1 ? 
ATOM   20   N  NE2 . HIS A 1 3   ? 11.761  -22.163 5.490   1.000 19.554 ? 42  HIS AAA NE2 1 ? 
ATOM   21   N  N   . MET A 1 4   ? 10.175  -18.215 4.337   1.000 13.705 ? 43  MET AAA N   1 ? 
ATOM   22   C  CA  . MET A 1 4   ? 9.895   -17.606 5.615   1.000 14.069 ? 43  MET AAA CA  1 ? 
ATOM   23   C  C   . MET A 1 4   ? 9.160   -16.270 5.516   1.000 13.258 ? 43  MET AAA C   1 ? 
ATOM   24   O  O   . MET A 1 4   ? 8.776   -15.711 6.554   1.000 16.371 ? 43  MET AAA O   1 ? 
ATOM   25   C  CB  . MET A 1 4   ? 11.199  -17.390 6.376   1.000 16.365 ? 43  MET AAA CB  1 ? 
ATOM   26   C  CG  . MET A 1 4   ? 11.870  -18.722 6.701   1.000 16.003 ? 43  MET AAA CG  1 ? 
ATOM   27   S  SD  . MET A 1 4   ? 13.212  -18.680 7.860   1.000 20.847 ? 43  MET AAA SD  1 ? 
ATOM   28   C  CE  . MET A 1 4   ? 13.805  -17.003 7.806   1.000 25.558 ? 43  MET AAA CE  1 ? 
ATOM   29   N  N   . ASN A 1 5   ? 8.963   -15.740 4.308   1.000 12.354 ? 44  ASN AAA N   1 ? 
ATOM   30   C  CA  . ASN A 1 5   ? 8.073   -14.606 4.103   1.000 11.845 ? 44  ASN AAA CA  1 ? 
ATOM   31   C  C   . ASN A 1 5   ? 6.716   -15.147 3.710   1.000 13.518 ? 44  ASN AAA C   1 ? 
ATOM   32   O  O   . ASN A 1 5   ? 6.652   -16.166 3.011   1.000 15.110 ? 44  ASN AAA O   1 ? 
ATOM   33   C  CB  . ASN A 1 5   ? 8.601   -13.674 3.018   1.000 12.401 ? 44  ASN AAA CB  1 ? 
ATOM   34   C  CG  . ASN A 1 5   ? 9.795   -12.865 3.470   1.000 12.194 ? 44  ASN AAA CG  1 ? 
ATOM   35   O  OD1 . ASN A 1 5   ? 9.808   -12.350 4.586   1.000 13.474 ? 44  ASN AAA OD1 1 ? 
ATOM   36   N  ND2 . ASN A 1 5   ? 10.798  -12.783 2.627   1.000 13.118 ? 44  ASN AAA ND2 1 ? 
ATOM   37   N  N   . PRO A 1 6   ? 5.594   -14.536 4.095   1.000 13.266 ? 45  PRO AAA N   1 ? 
ATOM   38   C  CA  . PRO A 1 6   ? 4.282   -15.003 3.662   1.000 13.308 ? 45  PRO AAA CA  1 ? 
ATOM   39   C  C   . PRO A 1 6   ? 4.131   -14.765 2.173   1.000 13.874 ? 45  PRO AAA C   1 ? 
ATOM   40   O  O   . PRO A 1 6   ? 4.784   -13.895 1.605   1.000 13.811 ? 45  PRO AAA O   1 ? 
ATOM   41   C  CB  . PRO A 1 6   ? 3.313   -14.143 4.502   1.000 13.858 ? 45  PRO AAA CB  1 ? 
ATOM   42   C  CG  . PRO A 1 6   ? 4.089   -12.859 4.669   1.000 14.110 ? 45  PRO AAA CG  1 ? 
ATOM   43   C  CD  . PRO A 1 6   ? 5.520   -13.306 4.909   1.000 13.251 ? 45  PRO AAA CD  1 ? 
ATOM   44   N  N   . PRO A 1 7   ? 3.165   -15.441 1.493   1.000 14.729 ? 46  PRO AAA N   1 ? 
ATOM   45   C  CA  . PRO A 1 7   ? 2.818   -15.020 0.143   1.000 14.399 ? 46  PRO AAA CA  1 ? 
ATOM   46   C  C   . PRO A 1 7   ? 2.312   -13.578 0.204   1.000 13.818 ? 46  PRO AAA C   1 ? 
ATOM   47   O  O   . PRO A 1 7   ? 1.796   -13.127 1.231   1.000 14.743 ? 46  PRO AAA O   1 ? 
ATOM   48   C  CB  . PRO A 1 7   ? 1.644   -15.966 -0.239  1.000 16.732 ? 46  PRO AAA CB  1 ? 
ATOM   49   C  CG  . PRO A 1 7   ? 1.090   -16.305 1.063   1.000 19.630 ? 46  PRO AAA CG  1 ? 
ATOM   50   C  CD  . PRO A 1 7   ? 2.245   -16.441 2.056   1.000 16.734 ? 46  PRO AAA CD  1 ? 
ATOM   51   N  N   . PRO A 1 8   ? 2.524   -12.833 -0.876  1.000 15.997 ? 47  PRO AAA N   1 ? 
ATOM   52   C  CA  . PRO A 1 8   ? 2.057   -11.451 -0.921  1.000 16.211 ? 47  PRO AAA CA  1 ? 
ATOM   53   C  C   . PRO A 1 8   ? 0.539   -11.355 -0.903  1.000 13.811 ? 47  PRO AAA C   1 ? 
ATOM   54   O  O   . PRO A 1 8   ? -0.158  -12.362 -1.113  1.000 16.054 ? 47  PRO AAA O   1 ? 
ATOM   55   C  CB  . PRO A 1 8   ? 2.631   -10.938 -2.236  1.000 19.963 ? 47  PRO AAA CB  1 ? 
ATOM   56   C  CG  . PRO A 1 8   ? 2.746   -12.193 -3.091  1.000 21.532 ? 47  PRO AAA CG  1 ? 
ATOM   57   C  CD  . PRO A 1 8   ? 3.191   -13.259 -2.117  1.000 18.836 ? 47  PRO AAA CD  1 ? 
ATOM   58   N  N   . PRO A 1 9   ? -0.064  -10.185 -0.653  1.000 13.627 ? 48  PRO AAA N   1 ? 
ATOM   59   C  CA  . PRO A 1 9   ? -1.509  -10.075 -0.779  1.000 13.436 ? 48  PRO AAA CA  1 ? 
ATOM   60   C  C   . PRO A 1 9   ? -1.914  -10.404 -2.216  1.000 15.529 ? 48  PRO AAA C   1 ? 
ATOM   61   O  O   . PRO A 1 9   ? -1.162  -10.170 -3.132  1.000 14.855 ? 48  PRO AAA O   1 ? 
ATOM   62   C  CB  . PRO A 1 9   ? -1.802  -8.601  -0.413  1.000 13.334 ? 48  PRO AAA CB  1 ? 
ATOM   63   C  CG  . PRO A 1 9   ? -0.545  -8.196  0.376   1.000 13.944 ? 48  PRO AAA CG  1 ? 
ATOM   64   C  CD  . PRO A 1 9   ? 0.611   -8.909  -0.282  1.000 13.016 ? 48  PRO AAA CD  1 ? 
ATOM   65   N  N   . GLU A 1 10  ? -3.157  -10.937 -2.285  1.000 17.015 ? 49  GLU AAA N   1 ? 
ATOM   66   C  CA  . GLU A 1 10  ? -3.820  -11.292 -3.534  1.000 17.232 ? 49  GLU AAA CA  1 ? 
ATOM   67   C  C   . GLU A 1 10  ? -3.785  -10.114 -4.518  1.000 16.615 ? 49  GLU AAA C   1 ? 
ATOM   68   O  O   . GLU A 1 10  ? -4.228  -9.020  -4.134  1.000 15.003 ? 49  GLU AAA O   1 ? 
ATOM   69   C  CB  . GLU A 1 10  ? -5.295  -11.639 -3.258  1.000 17.241 ? 49  GLU AAA CB  1 ? 
ATOM   70   C  CG  . GLU A 1 10  ? -5.959  -12.336 -4.415  1.000 19.691 ? 49  GLU AAA CG  1 ? 
ATOM   71   C  CD  . GLU A 1 10  ? -7.338  -12.771 -4.065  1.000 20.939 ? 49  GLU AAA CD  1 ? 
ATOM   72   O  OE1 . GLU A 1 10  ? -7.576  -14.016 -3.991  1.000 25.670 ? 49  GLU AAA OE1 1 ? 
ATOM   73   O  OE2 . GLU A 1 10  ? -8.165  -11.910 -3.886  1.000 18.715 ? 49  GLU AAA OE2 1 ? 
ATOM   74   N  N   . THR A 1 11  ? -3.361  -10.310 -5.773  1.000 16.486 ? 50  THR AAA N   1 ? 
ATOM   75   C  CA  . THR A 1 11  ? -3.513  -9.289  -6.806  1.000 16.165 ? 50  THR AAA CA  1 ? 
ATOM   76   C  C   . THR A 1 11  ? -4.315  -9.748  -8.041  1.000 14.603 ? 50  THR AAA C   1 ? 
ATOM   77   O  O   . THR A 1 11  ? -4.554  -8.943  -8.917  1.000 16.555 ? 50  THR AAA O   1 ? 
ATOM   78   C  CB  . THR A 1 11  ? -2.149  -8.788  -7.281  1.000 17.390 ? 50  THR AAA CB  1 ? 
ATOM   79   O  OG1 . THR A 1 11  ? -1.378  -9.964  -7.586  1.000 19.869 ? 50  THR AAA OG1 1 ? 
ATOM   80   C  CG2 . THR A 1 11  ? -1.424  -8.055  -6.176  1.000 18.873 ? 50  THR AAA CG2 1 ? 
ATOM   81   N  N   A SER A 1 12  ? -4.664  -11.041 -8.042  0.500 15.657 ? 51  SER AAA N   1 ? 
ATOM   82   N  N   B SER A 1 12  ? -4.656  -11.026 -8.125  0.500 16.677 ? 51  SER AAA N   1 ? 
ATOM   83   C  CA  A SER A 1 12  ? -5.335  -11.755 -9.118  0.500 15.734 ? 51  SER AAA CA  1 ? 
ATOM   84   C  CA  B SER A 1 12  ? -5.428  -11.527 -9.251  0.500 16.738 ? 51  SER AAA CA  1 ? 
ATOM   85   C  C   A SER A 1 12  ? -6.383  -12.648 -8.481  0.500 16.530 ? 51  SER AAA C   1 ? 
ATOM   86   C  C   B SER A 1 12  ? -6.313  -12.635 -8.695  0.500 18.210 ? 51  SER AAA C   1 ? 
ATOM   87   O  O   A SER A 1 12  ? -6.082  -13.479 -7.617  0.500 16.338 ? 51  SER AAA O   1 ? 
ATOM   88   O  O   B SER A 1 12  ? -5.835  -13.562 -8.036  0.500 20.517 ? 51  SER AAA O   1 ? 
ATOM   89   C  CB  A SER A 1 12  ? -4.346  -12.620 -9.881  0.500 15.497 ? 51  SER AAA CB  1 ? 
ATOM   90   C  CB  B SER A 1 12  ? -4.486  -12.051 -10.333 0.500 18.856 ? 51  SER AAA CB  1 ? 
ATOM   91   O  OG  A SER A 1 12  ? -4.996  -13.189 -11.012 0.500 15.260 ? 51  SER AAA OG  1 ? 
ATOM   92   O  OG  B SER A 1 12  ? -4.226  -11.089 -11.332 0.500 22.848 ? 51  SER AAA OG  1 ? 
ATOM   93   N  N   . ASN A 1 13  ? -7.617  -12.531 -8.973  1.000 15.096 ? 52  ASN AAA N   1 ? 
ATOM   94   C  CA  . ASN A 1 13  ? -8.600  -13.511 -8.565  1.000 14.850 ? 52  ASN AAA CA  1 ? 
ATOM   95   C  C   . ASN A 1 13  ? -9.811  -13.352 -9.478  1.000 12.921 ? 52  ASN AAA C   1 ? 
ATOM   96   O  O   . ASN A 1 13  ? -10.628 -12.449 -9.265  1.000 12.831 ? 52  ASN AAA O   1 ? 
ATOM   97   C  CB  . ASN A 1 13  ? -9.100  -13.427 -7.114  1.000 17.849 ? 52  ASN AAA CB  1 ? 
ATOM   98   C  CG  . ASN A 1 13  ? -9.986  -14.603 -6.745  1.000 18.893 ? 52  ASN AAA CG  1 ? 
ATOM   99   O  OD1 . ASN A 1 13  ? -10.641 -15.221 -7.566  1.000 19.455 ? 52  ASN AAA OD1 1 ? 
ATOM   100  N  ND2 . ASN A 1 13  ? -10.024 -14.927 -5.462  1.000 23.984 ? 52  ASN AAA ND2 1 ? 
ATOM   101  N  N   . PRO A 1 14  ? -10.038 -14.231 -10.471 1.000 12.355 ? 53  PRO AAA N   1 ? 
ATOM   102  C  CA  . PRO A 1 14  ? -11.216 -14.100 -11.308 1.000 13.610 ? 53  PRO AAA CA  1 ? 
ATOM   103  C  C   . PRO A 1 14  ? -12.561 -14.160 -10.619 1.000 14.359 ? 53  PRO AAA C   1 ? 
ATOM   104  O  O   . PRO A 1 14  ? -13.530 -13.723 -11.208 1.000 17.195 ? 53  PRO AAA O   1 ? 
ATOM   105  C  CB  . PRO A 1 14  ? -11.105 -15.295 -12.275 1.000 13.894 ? 53  PRO AAA CB  1 ? 
ATOM   106  C  CG  . PRO A 1 14  ? -9.636  -15.483 -12.382 1.000 14.674 ? 53  PRO AAA CG  1 ? 
ATOM   107  C  CD  . PRO A 1 14  ? -9.111  -15.273 -10.969 1.000 13.576 ? 53  PRO AAA CD  1 ? 
ATOM   108  N  N   . ASN A 1 15  ? -12.623 -14.680 -9.410  1.000 15.793 ? 54  ASN AAA N   1 ? 
ATOM   109  C  CA  . ASN A 1 15  ? -13.939 -14.783 -8.782  1.000 16.634 ? 54  ASN AAA CA  1 ? 
ATOM   110  C  C   . ASN A 1 15  ? -14.372 -13.456 -8.168  1.000 17.645 ? 54  ASN AAA C   1 ? 
ATOM   111  O  O   . ASN A 1 15  ? -15.532 -13.313 -7.784  1.000 18.458 ? 54  ASN AAA O   1 ? 
ATOM   112  C  CB  . ASN A 1 15  ? -13.941 -15.868 -7.732  1.000 17.578 ? 54  ASN AAA CB  1 ? 
ATOM   113  C  CG  . ASN A 1 15  ? -13.816 -17.236 -8.357  1.000 17.287 ? 54  ASN AAA CG  1 ? 
ATOM   114  O  OD1 . ASN A 1 15  ? -14.434 -17.534 -9.381  1.000 20.679 ? 54  ASN AAA OD1 1 ? 
ATOM   115  N  ND2 . ASN A 1 15  ? -13.045 -18.076 -7.677  1.000 20.852 ? 54  ASN AAA ND2 1 ? 
ATOM   116  N  N   . LYS A 1 16  ? -13.430 -12.528 -7.983  1.000 16.125 ? 55  LYS AAA N   1 ? 
ATOM   117  C  CA  . LYS A 1 16  ? -13.771 -11.256 -7.354  1.000 15.287 ? 55  LYS AAA CA  1 ? 
ATOM   118  C  C   . LYS A 1 16  ? -14.274 -10.289 -8.422  1.000 16.405 ? 55  LYS AAA C   1 ? 
ATOM   119  O  O   . LYS A 1 16  ? -13.589 -10.023 -9.373  1.000 15.797 ? 55  LYS AAA O   1 ? 
ATOM   120  C  CB  . LYS A 1 16  ? -12.510 -10.706 -6.705  1.000 13.787 ? 55  LYS AAA CB  1 ? 
ATOM   121  C  CG  . LYS A 1 16  ? -12.724 -9.367  -5.982  1.000 14.964 ? 55  LYS AAA CG  1 ? 
ATOM   122  C  CD  . LYS A 1 16  ? -11.434 -8.744  -5.404  1.000 15.162 ? 55  LYS AAA CD  1 ? 
ATOM   123  C  CE  . LYS A 1 16  ? -11.634 -7.498  -4.529  1.000 15.434 ? 55  LYS AAA CE  1 ? 
ATOM   124  N  NZ  . LYS A 1 16  ? -12.240 -6.342  -5.257  1.000 12.534 ? 55  LYS AAA NZ  1 ? 
ATOM   125  N  N   . PRO A 1 17  ? -15.508 -9.705  -8.347  1.000 18.397 ? 56  PRO AAA N   1 ? 
ATOM   126  C  CA  . PRO A 1 17  ? -15.990 -8.810  -9.425  1.000 17.853 ? 56  PRO AAA CA  1 ? 
ATOM   127  C  C   . PRO A 1 17  ? -15.179 -7.510  -9.499  1.000 19.251 ? 56  PRO AAA C   1 ? 
ATOM   128  O  O   . PRO A 1 17  ? -14.702 -7.099  -8.458  1.000 15.554 ? 56  PRO AAA O   1 ? 
ATOM   129  C  CB  . PRO A 1 17  ? -17.455 -8.535  -9.052  1.000 19.196 ? 56  PRO AAA CB  1 ? 
ATOM   130  C  CG  . PRO A 1 17  ? -17.801 -9.579  -8.026  1.000 23.456 ? 56  PRO AAA CG  1 ? 
ATOM   131  C  CD  . PRO A 1 17  ? -16.523 -9.993  -7.320  1.000 16.417 ? 56  PRO AAA CD  1 ? 
ATOM   132  N  N   . LYS A 1 18  ? -14.944 -6.988  -10.717 1.000 17.785 ? 57  LYS AAA N   1 ? 
ATOM   133  C  CA  . LYS A 1 18  ? -13.996 -5.888  -10.907 1.000 17.413 ? 57  LYS AAA CA  1 ? 
ATOM   134  C  C   . LYS A 1 18  ? -14.777 -4.727  -11.458 1.000 16.662 ? 57  LYS AAA C   1 ? 
ATOM   135  O  O   . LYS A 1 18  ? -15.684 -4.986  -12.205 1.000 16.599 ? 57  LYS AAA O   1 ? 
ATOM   136  C  CB  . LYS A 1 18  ? -12.916 -6.322  -11.912 1.000 15.114 ? 57  LYS AAA CB  1 ? 
ATOM   137  C  CG  . LYS A 1 18  ? -12.301 -7.635  -11.541 1.000 15.558 ? 57  LYS AAA CG  1 ? 
ATOM   138  C  CD  . LYS A 1 18  ? -11.650 -7.541  -10.172 1.000 17.169 ? 57  LYS AAA CD  1 ? 
ATOM   139  C  CE  . LYS A 1 18  ? -10.624 -8.633  -10.055 1.000 17.164 ? 57  LYS AAA CE  1 ? 
ATOM   140  N  NZ  . LYS A 1 18  ? -11.165 -9.958  -10.443 1.000 13.234 ? 57  LYS AAA NZ  1 ? 
ATOM   141  N  N   . ARG A 1 19  ? -14.325 -3.507  -11.238 1.000 14.721 ? 58  ARG AAA N   1 ? 
ATOM   142  C  CA  . ARG A 1 19  ? -14.901 -2.408  -11.987 1.000 14.836 ? 58  ARG AAA CA  1 ? 
ATOM   143  C  C   . ARG A 1 19  ? -13.860 -1.319  -12.089 1.000 17.176 ? 58  ARG AAA C   1 ? 
ATOM   144  O  O   . ARG A 1 19  ? -13.188 -1.072  -11.117 1.000 21.952 ? 58  ARG AAA O   1 ? 
ATOM   145  C  CB  . ARG A 1 19  ? -16.180 -1.998  -11.233 1.000 18.548 ? 58  ARG AAA CB  1 ? 
ATOM   146  C  CG  . ARG A 1 19  ? -16.862 -0.706  -11.641 1.000 21.151 ? 58  ARG AAA CG  1 ? 
ATOM   147  C  CD  . ARG A 1 19  ? -18.002 -0.711  -10.613 1.000 15.941 ? 58  ARG AAA CD  1 ? 
ATOM   148  N  NE  . ARG A 1 19  ? -17.691 -0.228  -9.286  1.000 14.754 ? 58  ARG AAA NE  1 ? 
ATOM   149  C  CZ  . ARG A 1 19  ? -18.432 0.604   -8.605  1.000 13.261 ? 58  ARG AAA CZ  1 ? 
ATOM   150  N  NH1 . ARG A 1 19  ? -19.633 0.987   -9.041  1.000 16.645 ? 58  ARG AAA NH1 1 ? 
ATOM   151  N  NH2 . ARG A 1 19  ? -17.955 1.094   -7.465  1.000 15.069 ? 58  ARG AAA NH2 1 ? 
ATOM   152  N  N   . GLN A 1 20  ? -13.850 -0.638  -13.231 1.000 16.843 ? 59  GLN AAA N   1 ? 
ATOM   153  C  CA  . GLN A 1 20  ? -13.201 0.652   -13.383 1.000 20.331 ? 59  GLN AAA CA  1 ? 
ATOM   154  C  C   . GLN A 1 20  ? -14.142 1.738   -12.867 1.000 18.786 ? 59  GLN AAA C   1 ? 
ATOM   155  O  O   . GLN A 1 20  ? -15.353 1.709   -13.167 1.000 22.406 ? 59  GLN AAA O   1 ? 
ATOM   156  C  CB  . GLN A 1 20  ? -12.959 0.908   -14.865 1.000 23.062 ? 59  GLN AAA CB  1 ? 
ATOM   157  C  CG  . GLN A 1 20  ? -11.680 0.257   -15.338 1.000 27.946 ? 59  GLN AAA CG  1 ? 
ATOM   158  C  CD  . GLN A 1 20  ? -10.543 0.825   -14.515 1.000 36.764 ? 59  GLN AAA CD  1 ? 
ATOM   159  O  OE1 . GLN A 1 20  ? -10.484 2.014   -14.190 1.000 44.205 ? 59  GLN AAA OE1 1 ? 
ATOM   160  N  NE2 . GLN A 1 20  ? -9.648  -0.053  -14.104 1.000 38.686 ? 59  GLN AAA NE2 1 ? 
ATOM   161  N  N   . THR A 1 21  ? -13.628 2.667   -12.039 1.000 18.095 ? 60  THR AAA N   1 ? 
ATOM   162  C  CA  . THR A 1 21  ? -14.371 3.890   -11.771 1.000 15.477 ? 60  THR AAA CA  1 ? 
ATOM   163  C  C   . THR A 1 21  ? -13.422 5.055   -12.018 1.000 15.123 ? 60  THR AAA C   1 ? 
ATOM   164  O  O   . THR A 1 21  ? -12.193 4.909   -12.048 1.000 14.539 ? 60  THR AAA O   1 ? 
ATOM   165  C  CB  . THR A 1 21  ? -14.969 3.944   -10.360 1.000 15.796 ? 60  THR AAA CB  1 ? 
ATOM   166  O  OG1 . THR A 1 21  ? -13.920 4.177   -9.397  1.000 15.582 ? 60  THR AAA OG1 1 ? 
ATOM   167  C  CG2 . THR A 1 21  ? -15.740 2.689   -9.980  1.000 15.838 ? 60  THR AAA CG2 1 ? 
ATOM   168  N  N   . ASN A 1 22  ? -14.020 6.246   -12.199 1.000 14.875 ? 61  ASN AAA N   1 ? 
ATOM   169  C  CA  . ASN A 1 22  ? -13.219 7.453   -12.327 1.000 14.228 ? 61  ASN AAA CA  1 ? 
ATOM   170  C  C   . ASN A 1 22  ? -12.336 7.684   -11.093 1.000 12.870 ? 61  ASN AAA C   1 ? 
ATOM   171  O  O   . ASN A 1 22  ? -11.234 8.201   -11.197 1.000 12.815 ? 61  ASN AAA O   1 ? 
ATOM   172  C  CB  . ASN A 1 22  ? -14.040 8.710   -12.673 1.000 15.512 ? 61  ASN AAA CB  1 ? 
ATOM   173  C  CG  . ASN A 1 22  ? -14.963 9.125   -11.544 1.000 15.581 ? 61  ASN AAA CG  1 ? 
ATOM   174  O  OD1 . ASN A 1 22  ? -15.681 8.324   -10.962 1.000 17.731 ? 61  ASN AAA OD1 1 ? 
ATOM   175  N  ND2 . ASN A 1 22  ? -14.851 10.394  -11.181 1.000 18.171 ? 61  ASN AAA ND2 1 ? 
ATOM   176  N  N   . GLN A 1 23  ? -12.846 7.308   -9.922  1.000 13.080 ? 62  GLN AAA N   1 ? 
ATOM   177  C  CA  . GLN A 1 23  ? -12.041 7.459   -8.706  1.000 12.440 ? 62  GLN AAA CA  1 ? 
ATOM   178  C  C   . GLN A 1 23  ? -10.851 6.506   -8.683  1.000 11.952 ? 62  GLN AAA C   1 ? 
ATOM   179  O  O   . GLN A 1 23  ? -9.770  6.909   -8.289  1.000 12.392 ? 62  GLN AAA O   1 ? 
ATOM   180  C  CB  . GLN A 1 23  ? -12.902 7.213   -7.472  1.000 13.220 ? 62  GLN AAA CB  1 ? 
ATOM   181  C  CG  . GLN A 1 23  ? -14.047 8.232   -7.328  1.000 14.546 ? 62  GLN AAA CG  1 ? 
ATOM   182  C  CD  . GLN A 1 23  ? -14.807 8.011   -6.045  1.000 15.891 ? 62  GLN AAA CD  1 ? 
ATOM   183  O  OE1 . GLN A 1 23  ? -14.993 6.876   -5.598  1.000 16.369 ? 62  GLN AAA OE1 1 ? 
ATOM   184  N  NE2 . GLN A 1 23  ? -15.325 9.106   -5.500  1.000 15.413 ? 62  GLN AAA NE2 1 ? 
ATOM   185  N  N   . LEU A 1 24  ? -11.062 5.254   -9.116  1.000 12.307 ? 63  LEU AAA N   1 ? 
ATOM   186  C  CA  . LEU A 1 24  ? -9.933  4.313   -9.260  1.000 11.311 ? 63  LEU AAA CA  1 ? 
ATOM   187  C  C   . LEU A 1 24  ? -8.907  4.781   -10.286 1.000 12.113 ? 63  LEU AAA C   1 ? 
ATOM   188  O  O   . LEU A 1 24  ? -7.692  4.632   -10.080 1.000 12.609 ? 63  LEU AAA O   1 ? 
ATOM   189  C  CB  . LEU A 1 24  ? -10.428 2.890   -9.521  1.000 13.499 ? 63  LEU AAA CB  1 ? 
ATOM   190  C  CG  . LEU A 1 24  ? -11.025 2.215   -8.286  1.000 12.524 ? 63  LEU AAA CG  1 ? 
ATOM   191  C  CD1 . LEU A 1 24  ? -11.893 1.020   -8.674  1.000 15.718 ? 63  LEU AAA CD1 1 ? 
ATOM   192  C  CD2 . LEU A 1 24  ? -9.858  1.781   -7.367  1.000 12.810 ? 63  LEU AAA CD2 1 ? 
ATOM   193  N  N   . GLN A 1 25  ? -9.398  5.373   -11.380 1.000 13.353 ? 64  GLN AAA N   1 ? 
ATOM   194  C  CA  . GLN A 1 25  ? -8.479  5.940   -12.359 1.000 15.067 ? 64  GLN AAA CA  1 ? 
ATOM   195  C  C   . GLN A 1 25  ? -7.623  7.050   -11.747 1.000 14.029 ? 64  GLN AAA C   1 ? 
ATOM   196  O  O   . GLN A 1 25  ? -6.421  7.098   -11.971 1.000 15.294 ? 64  GLN AAA O   1 ? 
ATOM   197  C  CB  . GLN A 1 25  ? -9.263  6.428   -13.580 1.000 16.496 ? 64  GLN AAA CB  1 ? 
ATOM   198  C  CG  . GLN A 1 25  ? -9.686  5.281   -14.500 1.000 22.642 ? 64  GLN AAA CG  1 ? 
ATOM   199  C  CD  . GLN A 1 25  ? -10.807 5.686   -15.430 0.500 21.781 ? 64  GLN AAA CD  1 ? 
ATOM   200  O  OE1 . GLN A 1 25  ? -11.444 6.729   -15.265 0.500 23.385 ? 64  GLN AAA OE1 1 ? 
ATOM   201  N  NE2 . GLN A 1 25  ? -11.061 4.851   -16.423 0.500 26.429 ? 64  GLN AAA NE2 1 ? 
ATOM   202  N  N   . TYR A 1 26  ? -8.257  7.911   -10.938 1.000 13.856 ? 65  TYR AAA N   1 ? 
ATOM   203  C  CA  . TYR A 1 26  ? -7.523  8.955   -10.234 1.000 13.896 ? 65  TYR AAA CA  1 ? 
ATOM   204  C  C   . TYR A 1 26  ? -6.508  8.371   -9.248  1.000 13.639 ? 65  TYR AAA C   1 ? 
ATOM   205  O  O   . TYR A 1 26  ? -5.389  8.861   -9.119  1.000 13.829 ? 65  TYR AAA O   1 ? 
ATOM   206  C  CB  . TYR A 1 26  ? -8.555  9.855   -9.571  1.000 13.929 ? 65  TYR AAA CB  1 ? 
ATOM   207  C  CG  . TYR A 1 26  ? -7.963  10.943  -8.688  1.000 13.637 ? 65  TYR AAA CG  1 ? 
ATOM   208  C  CD1 . TYR A 1 26  ? -7.685  10.727  -7.346  1.000 14.703 ? 65  TYR AAA CD1 1 ? 
ATOM   209  C  CD2 . TYR A 1 26  ? -7.746  12.231  -9.193  1.000 16.057 ? 65  TYR AAA CD2 1 ? 
ATOM   210  C  CE1 . TYR A 1 26  ? -7.219  11.732  -6.517  1.000 14.742 ? 65  TYR AAA CE1 1 ? 
ATOM   211  C  CE2 . TYR A 1 26  ? -7.266  13.249  -8.373  1.000 15.940 ? 65  TYR AAA CE2 1 ? 
ATOM   212  C  CZ  . TYR A 1 26  ? -7.013  13.013  -7.024  1.000 14.461 ? 65  TYR AAA CZ  1 ? 
ATOM   213  O  OH  . TYR A 1 26  ? -6.576  14.030  -6.209  1.000 16.299 ? 65  TYR AAA OH  1 ? 
ATOM   214  N  N   . LEU A 1 27  ? -6.907  7.317   -8.535  1.000 12.746 ? 66  LEU AAA N   1 ? 
ATOM   215  C  CA  . LEU A 1 27  ? -5.971  6.666   -7.630  1.000 13.285 ? 66  LEU AAA CA  1 ? 
ATOM   216  C  C   . LEU A 1 27  ? -4.716  6.173   -8.329  1.000 12.995 ? 66  LEU AAA C   1 ? 
ATOM   217  O  O   . LEU A 1 27  ? -3.634  6.217   -7.740  1.000 14.718 ? 66  LEU AAA O   1 ? 
ATOM   218  C  CB  . LEU A 1 27  ? -6.665  5.570   -6.839  1.000 13.701 ? 66  LEU AAA CB  1 ? 
ATOM   219  C  CG  . LEU A 1 27  ? -7.512  6.127   -5.703  1.000 14.370 ? 66  LEU AAA CG  1 ? 
ATOM   220  C  CD1 . LEU A 1 27  ? -8.604  5.150   -5.300  1.000 15.753 ? 66  LEU AAA CD1 1 ? 
ATOM   221  C  CD2 . LEU A 1 27  ? -6.647  6.434   -4.501  1.000 18.080 ? 66  LEU AAA CD2 1 ? 
ATOM   222  N  N   . LEU A 1 28  ? -4.811  5.684   -9.557  1.000 12.350 ? 67  LEU AAA N   1 ? 
ATOM   223  C  CA  . LEU A 1 28  ? -3.636  5.232   -10.278 1.000 13.501 ? 67  LEU AAA CA  1 ? 
ATOM   224  C  C   . LEU A 1 28  ? -2.864  6.412   -10.873 1.000 14.226 ? 67  LEU AAA C   1 ? 
ATOM   225  O  O   . LEU A 1 28  ? -1.640  6.536   -10.681 1.000 15.990 ? 67  LEU AAA O   1 ? 
ATOM   226  C  CB  . LEU A 1 28  ? -4.034  4.235   -11.361 1.000 14.606 ? 67  LEU AAA CB  1 ? 
ATOM   227  C  CG  . LEU A 1 28  ? -2.862  3.733   -12.231 1.000 16.477 ? 67  LEU AAA CG  1 ? 
ATOM   228  C  CD1 . LEU A 1 28  ? -1.783  3.073   -11.405 1.000 17.096 ? 67  LEU AAA CD1 1 ? 
ATOM   229  C  CD2 . LEU A 1 28  ? -3.374  2.755   -13.268 1.000 18.984 ? 67  LEU AAA CD2 1 ? 
ATOM   230  N  N   . ARG A 1 29  ? -3.569  7.267   -11.626 1.000 14.863 ? 68  ARG AAA N   1 ? 
ATOM   231  C  CA  . ARG A 1 29  ? -2.918  8.270   -12.460 1.000 17.015 ? 68  ARG AAA CA  1 ? 
ATOM   232  C  C   . ARG A 1 29  ? -2.436  9.442   -11.624 1.000 15.678 ? 68  ARG AAA C   1 ? 
ATOM   233  O  O   . ARG A 1 29  ? -1.484  10.085  -12.061 1.000 19.810 ? 68  ARG AAA O   1 ? 
ATOM   234  C  CB  . ARG A 1 29  ? -3.864  8.732   -13.578 1.000 18.839 ? 68  ARG AAA CB  1 ? 
ATOM   235  C  CG  . ARG A 1 29  ? -4.254  7.660   -14.590 1.000 22.361 ? 68  ARG AAA CG  1 ? 
ATOM   236  C  CD  . ARG A 1 29  ? -5.229  8.236   -15.620 1.000 28.047 ? 68  ARG AAA CD  1 ? 
ATOM   237  N  NE  . ARG A 1 29  ? -6.084  7.264   -16.303 0.500 26.711 ? 68  ARG AAA NE  1 ? 
ATOM   238  C  CZ  . ARG A 1 29  ? -7.334  7.485   -16.723 0.500 26.954 ? 68  ARG AAA CZ  1 ? 
ATOM   239  N  NH1 . ARG A 1 29  ? -7.910  8.662   -16.546 0.500 31.299 ? 68  ARG AAA NH1 1 ? 
ATOM   240  N  NH2 . ARG A 1 29  ? -8.010  6.522   -17.320 0.500 29.002 ? 68  ARG AAA NH2 1 ? 
ATOM   241  N  N   . VAL A 1 30  ? -3.059  9.728   -10.491 1.000 15.023 ? 69  VAL AAA N   1 ? 
ATOM   242  C  CA  . VAL A 1 30  ? -2.650  10.877  -9.689  1.000 16.653 ? 69  VAL AAA CA  1 ? 
ATOM   243  C  C   . VAL A 1 30  ? -2.013  10.388  -8.389  1.000 16.838 ? 69  VAL AAA C   1 ? 
ATOM   244  O  O   . VAL A 1 30  ? -0.891  10.788  -8.014  1.000 17.427 ? 69  VAL AAA O   1 ? 
ATOM   245  C  CB  . VAL A 1 30  ? -3.817  11.847  -9.407  1.000 15.909 ? 69  VAL AAA CB  1 ? 
ATOM   246  C  CG1 . VAL A 1 30  ? -3.366  12.979  -8.490  1.000 16.812 ? 69  VAL AAA CG1 1 ? 
ATOM   247  C  CG2 . VAL A 1 30  ? -4.362  12.450  -10.699 1.000 17.507 ? 69  VAL AAA CG2 1 ? 
ATOM   248  N  N   . VAL A 1 31  ? -2.750  9.599   -7.614  1.000 14.701 ? 70  VAL AAA N   1 ? 
ATOM   249  C  CA  . VAL A 1 31  ? -2.290  9.259   -6.279  1.000 14.783 ? 70  VAL AAA CA  1 ? 
ATOM   250  C  C   . VAL A 1 31  ? -1.056  8.357   -6.279  1.000 14.500 ? 70  VAL AAA C   1 ? 
ATOM   251  O  O   . VAL A 1 31  ? -0.009  8.710   -5.695  1.000 16.338 ? 70  VAL AAA O   1 ? 
ATOM   252  C  CB  . VAL A 1 31  ? -3.403  8.694   -5.392  1.000 13.837 ? 70  VAL AAA CB  1 ? 
ATOM   253  C  CG1 . VAL A 1 31  ? -2.883  8.408   -3.970  1.000 16.403 ? 70  VAL AAA CG1 1 ? 
ATOM   254  C  CG2 . VAL A 1 31  ? -4.597  9.642   -5.352  1.000 15.843 ? 70  VAL AAA CG2 1 ? 
ATOM   255  N  N   . LEU A 1 32  ? -1.168  7.183   -6.912  1.000 15.653 ? 71  LEU AAA N   1 ? 
ATOM   256  C  CA  . LEU A 1 32  ? -0.061  6.238   -6.947  1.000 15.591 ? 71  LEU AAA CA  1 ? 
ATOM   257  C  C   . LEU A 1 32  ? 1.126   6.876   -7.656  1.000 16.743 ? 71  LEU AAA C   1 ? 
ATOM   258  O  O   . LEU A 1 32  ? 2.262   6.797   -7.164  1.000 15.940 ? 71  LEU AAA O   1 ? 
ATOM   259  C  CB  . LEU A 1 32  ? -0.480  4.913   -7.589  1.000 16.628 ? 71  LEU AAA CB  1 ? 
ATOM   260  C  CG  . LEU A 1 32  ? 0.648   3.879   -7.579  1.000 18.466 ? 71  LEU AAA CG  1 ? 
ATOM   261  C  CD1 . LEU A 1 32  ? 0.948   3.329   -6.193  1.000 19.725 ? 71  LEU AAA CD1 1 ? 
ATOM   262  C  CD2 . LEU A 1 32  ? 0.447   2.826   -8.655  1.000 21.540 ? 71  LEU AAA CD2 1 ? 
ATOM   263  N  N   . LYS A 1 33  ? 0.872   7.540   -8.776  1.000 17.310 ? 72  LYS AAA N   1 ? 
ATOM   264  C  CA  . LYS A 1 33  ? 1.944   8.189   -9.536  1.000 19.600 ? 72  LYS AAA CA  1 ? 
ATOM   265  C  C   . LYS A 1 33  ? 2.734   9.160   -8.654  1.000 18.657 ? 72  LYS AAA C   1 ? 
ATOM   266  O  O   . LYS A 1 33  ? 3.974   9.151   -8.713  1.000 23.026 ? 72  LYS AAA O   1 ? 
ATOM   267  C  CB  . LYS A 1 33  ? 1.384   8.949   -10.753 1.000 21.777 ? 72  LYS AAA CB  1 ? 
ATOM   268  C  CG  . LYS A 1 33  ? 2.440   9.574   -11.672 0.500 21.878 ? 72  LYS AAA CG  1 ? 
ATOM   269  C  CD  . LYS A 1 33  ? 1.882   10.449  -12.794 0.500 21.783 ? 72  LYS AAA CD  1 ? 
ATOM   270  C  CE  . LYS A 1 33  ? 1.308   11.772  -12.337 0.500 24.039 ? 72  LYS AAA CE  1 ? 
ATOM   271  N  NZ  . LYS A 1 33  ? 2.335   12.840  -12.295 0.500 23.514 ? 72  LYS AAA NZ  1 ? 
ATOM   272  N  N   . THR A 1 34  ? 2.045   9.982   -7.861  1.000 16.903 ? 73  THR AAA N   1 ? 
ATOM   273  C  CA  . THR A 1 34  ? 2.672   11.010  -7.040  1.000 20.078 ? 73  THR AAA CA  1 ? 
ATOM   274  C  C   . THR A 1 34  ? 3.544   10.317  -5.993  1.000 18.409 ? 73  THR AAA C   1 ? 
ATOM   275  O  O   . THR A 1 34  ? 4.691   10.680  -5.768  1.000 19.203 ? 73  THR AAA O   1 ? 
ATOM   276  C  CB  . THR A 1 34  ? 1.613   11.903  -6.366  1.000 20.169 ? 73  THR AAA CB  1 ? 
ATOM   277  O  OG1 . THR A 1 34  ? 0.965   12.693  -7.375  1.000 25.385 ? 73  THR AAA OG1 1 ? 
ATOM   278  C  CG2 . THR A 1 34  ? 2.146   12.797  -5.251  1.000 23.913 ? 73  THR AAA CG2 1 ? 
ATOM   279  N  N   . LEU A 1 35  ? 2.990   9.320   -5.297  1.000 16.088 ? 74  LEU AAA N   1 ? 
ATOM   280  C  CA  . LEU A 1 35  ? 3.704   8.717   -4.175  1.000 14.731 ? 74  LEU AAA CA  1 ? 
ATOM   281  C  C   . LEU A 1 35  ? 4.840   7.824   -4.680  1.000 13.881 ? 74  LEU AAA C   1 ? 
ATOM   282  O  O   . LEU A 1 35  ? 5.877   7.745   -4.031  1.000 15.781 ? 74  LEU AAA O   1 ? 
ATOM   283  C  CB  . LEU A 1 35  ? 2.741   7.899   -3.279  1.000 14.397 ? 74  LEU AAA CB  1 ? 
ATOM   284  C  CG  . LEU A 1 35  ? 2.045   8.649   -2.125  1.000 17.132 ? 74  LEU AAA CG  1 ? 
ATOM   285  C  CD1 . LEU A 1 35  ? 1.104   9.777   -2.548  1.000 17.876 ? 74  LEU AAA CD1 1 ? 
ATOM   286  C  CD2 . LEU A 1 35  ? 1.282   7.683   -1.218  1.000 17.024 ? 74  LEU AAA CD2 1 ? 
ATOM   287  N  N   . TRP A 1 36  ? 4.703   7.177   -5.825  1.000 15.187 ? 75  TRP AAA N   1 ? 
ATOM   288  C  CA  . TRP A 1 36  ? 5.676   6.195   -6.255  1.000 15.105 ? 75  TRP AAA CA  1 ? 
ATOM   289  C  C   . TRP A 1 36  ? 7.010   6.886   -6.529  1.000 16.173 ? 75  TRP AAA C   1 ? 
ATOM   290  O  O   . TRP A 1 36  ? 8.051   6.269   -6.288  1.000 17.578 ? 75  TRP AAA O   1 ? 
ATOM   291  C  CB  . TRP A 1 36  ? 5.194   5.494   -7.525  1.000 16.582 ? 75  TRP AAA CB  1 ? 
ATOM   292  C  CG  . TRP A 1 36  ? 6.030   4.340   -7.967  1.000 16.563 ? 75  TRP AAA CG  1 ? 
ATOM   293  C  CD1 . TRP A 1 36  ? 7.083   4.355   -8.843  1.000 18.422 ? 75  TRP AAA CD1 1 ? 
ATOM   294  C  CD2 . TRP A 1 36  ? 5.926   2.987   -7.497  1.000 14.140 ? 75  TRP AAA CD2 1 ? 
ATOM   295  N  NE1 . TRP A 1 36  ? 7.624   3.096   -8.934  1.000 19.295 ? 75  TRP AAA NE1 1 ? 
ATOM   296  C  CE2 . TRP A 1 36  ? 6.880   2.213   -8.179  1.000 15.662 ? 75  TRP AAA CE2 1 ? 
ATOM   297  C  CE3 . TRP A 1 36  ? 5.059   2.345   -6.594  1.000 14.193 ? 75  TRP AAA CE3 1 ? 
ATOM   298  C  CZ2 . TRP A 1 36  ? 7.042   0.856   -7.963  1.000 15.834 ? 75  TRP AAA CZ2 1 ? 
ATOM   299  C  CZ3 . TRP A 1 36  ? 5.210   1.002   -6.382  1.000 15.044 ? 75  TRP AAA CZ3 1 ? 
ATOM   300  C  CH2 . TRP A 1 36  ? 6.194   0.263   -7.044  1.000 15.683 ? 75  TRP AAA CH2 1 ? 
ATOM   301  N  N   . LYS A 1 37  ? 6.968   8.138   -7.027  1.000 16.706 ? 76  LYS AAA N   1 ? 
ATOM   302  C  CA  . LYS A 1 37  ? 8.187   8.823   -7.474  1.000 17.380 ? 76  LYS AAA CA  1 ? 
ATOM   303  C  C   . LYS A 1 37  ? 8.806   9.619   -6.339  1.000 18.620 ? 76  LYS AAA C   1 ? 
ATOM   304  O  O   . LYS A 1 37  ? 9.861   10.229  -6.512  1.000 21.622 ? 76  LYS AAA O   1 ? 
ATOM   305  C  CB  . LYS A 1 37  ? 7.911   9.734   -8.682  1.000 21.119 ? 76  LYS AAA CB  1 ? 
ATOM   306  C  CG  . LYS A 1 37  ? 7.011   10.931  -8.429  1.000 23.201 ? 76  LYS AAA CG  1 ? 
ATOM   307  C  CD  . LYS A 1 37  ? 6.751   11.679  -9.761  1.000 27.499 ? 76  LYS AAA CD  1 ? 
ATOM   308  C  CE  . LYS A 1 37  ? 5.687   12.760  -9.664  1.000 31.591 ? 76  LYS AAA CE  1 ? 
ATOM   309  N  NZ  . LYS A 1 37  ? 6.190   14.008  -9.040  1.000 36.620 ? 76  LYS AAA NZ  1 ? 
ATOM   310  N  N   . HIS A 1 38  ? 8.177   9.673   -5.183  1.000 18.017 ? 77  HIS AAA N   1 ? 
ATOM   311  C  CA  . HIS A 1 38  ? 8.721   10.413  -4.060  1.000 17.413 ? 77  HIS AAA CA  1 ? 
ATOM   312  C  C   . HIS A 1 38  ? 10.049  9.832   -3.592  1.000 16.186 ? 77  HIS AAA C   1 ? 
ATOM   313  O  O   . HIS A 1 38  ? 10.290  8.653   -3.676  1.000 14.806 ? 77  HIS AAA O   1 ? 
ATOM   314  C  CB  . HIS A 1 38  ? 7.710   10.353  -2.909  1.000 17.758 ? 77  HIS AAA CB  1 ? 
ATOM   315  C  CG  . HIS A 1 38  ? 7.995   11.335  -1.834  1.000 17.285 ? 77  HIS AAA CG  1 ? 
ATOM   316  N  ND1 . HIS A 1 38  ? 8.927   11.118  -0.824  1.000 16.102 ? 77  HIS AAA ND1 1 ? 
ATOM   317  C  CD2 . HIS A 1 38  ? 7.440   12.537  -1.582  1.000 19.245 ? 77  HIS AAA CD2 1 ? 
ATOM   318  C  CE1 . HIS A 1 38  ? 8.979   12.165  -0.044  1.000 16.687 ? 77  HIS AAA CE1 1 ? 
ATOM   319  N  NE2 . HIS A 1 38  ? 8.052   13.053  -0.496  1.000 18.744 ? 77  HIS AAA NE2 1 ? 
ATOM   320  N  N   . GLN A 1 39  ? 10.947  10.728  -3.126  1.000 15.292 ? 78  GLN AAA N   1 ? 
ATOM   321  C  CA  . GLN A 1 39  ? 12.283  10.337  -2.692  1.000 16.241 ? 78  GLN AAA CA  1 ? 
ATOM   322  C  C   . GLN A 1 39  ? 12.219  9.241   -1.635  1.000 14.231 ? 78  GLN AAA C   1 ? 
ATOM   323  O  O   . GLN A 1 39  ? 13.106  8.400   -1.579  1.000 15.698 ? 78  GLN AAA O   1 ? 
ATOM   324  C  CB  . GLN A 1 39  ? 13.060  11.535  -2.138  1.000 16.398 ? 78  GLN AAA CB  1 ? 
ATOM   325  C  CG  . GLN A 1 39  ? 14.489  11.205  -1.699  1.000 21.143 ? 78  GLN AAA CG  1 ? 
ATOM   326  C  CD  . GLN A 1 39  ? 15.196  12.436  -1.193  1.000 23.863 ? 78  GLN AAA CD  1 ? 
ATOM   327  O  OE1 . GLN A 1 39  ? 16.255  12.813  -1.717  1.000 25.966 ? 78  GLN AAA OE1 1 ? 
ATOM   328  N  NE2 . GLN A 1 39  ? 14.582  13.131  -0.240  1.000 19.817 ? 78  GLN AAA NE2 1 ? 
ATOM   329  N  N   . PHE A 1 40  ? 11.146  9.236   -0.828  1.000 14.112 ? 79  PHE AAA N   1 ? 
ATOM   330  C  CA  . PHE A 1 40  ? 11.068  8.293   0.277   1.000 13.602 ? 79  PHE AAA CA  1 ? 
ATOM   331  C  C   . PHE A 1 40  ? 10.175  7.082   -0.028  1.000 12.728 ? 79  PHE AAA C   1 ? 
ATOM   332  O  O   . PHE A 1 40  ? 9.826   6.311   0.913   1.000 13.630 ? 79  PHE AAA O   1 ? 
ATOM   333  C  CB  . PHE A 1 40  ? 10.478  9.009   1.485   1.000 14.177 ? 79  PHE AAA CB  1 ? 
ATOM   334  C  CG  . PHE A 1 40  ? 11.332  10.073  2.116   1.000 13.507 ? 79  PHE AAA CG  1 ? 
ATOM   335  C  CD1 . PHE A 1 40  ? 12.701  10.142  1.925   1.000 13.654 ? 79  PHE AAA CD1 1 ? 
ATOM   336  C  CD2 . PHE A 1 40  ? 10.733  10.995  2.961   1.000 14.518 ? 79  PHE AAA CD2 1 ? 
ATOM   337  C  CE1 . PHE A 1 40  ? 13.458  11.107  2.597   1.000 16.163 ? 79  PHE AAA CE1 1 ? 
ATOM   338  C  CE2 . PHE A 1 40  ? 11.483  11.945  3.634   1.000 16.600 ? 79  PHE AAA CE2 1 ? 
ATOM   339  C  CZ  . PHE A 1 40  ? 12.847  12.008  3.450   1.000 16.510 ? 79  PHE AAA CZ  1 ? 
ATOM   340  N  N   . ALA A 1 41  ? 9.846   6.853   -1.314  1.000 13.038 ? 80  ALA AAA N   1 ? 
ATOM   341  C  CA  . ALA A 1 41  ? 8.968   5.746   -1.657  1.000 12.876 ? 80  ALA AAA CA  1 ? 
ATOM   342  C  C   . ALA A 1 41  ? 9.587   4.373   -1.553  1.000 12.968 ? 80  ALA AAA C   1 ? 
ATOM   343  O  O   . ALA A 1 41  ? 8.853   3.381   -1.396  1.000 12.575 ? 80  ALA AAA O   1 ? 
ATOM   344  C  CB  . ALA A 1 41  ? 8.411   5.917   -3.042  1.000 14.676 ? 80  ALA AAA CB  1 ? 
ATOM   345  N  N   . TRP A 1 42  ? 10.910  4.266   -1.751  1.000 13.303 ? 81  TRP AAA N   1 ? 
ATOM   346  C  CA  . TRP A 1 42  ? 11.535  2.986   -2.007  1.000 12.718 ? 81  TRP AAA CA  1 ? 
ATOM   347  C  C   . TRP A 1 42  ? 11.227  1.904   -0.967  1.000 13.081 ? 81  TRP AAA C   1 ? 
ATOM   348  O  O   . TRP A 1 42  ? 11.016  0.750   -1.370  1.000 14.143 ? 81  TRP AAA O   1 ? 
ATOM   349  C  CB  . TRP A 1 42  ? 13.060  3.104   -2.321  1.000 14.033 ? 81  TRP AAA CB  1 ? 
ATOM   350  C  CG  . TRP A 1 42  ? 13.898  3.619   -1.186  1.000 14.282 ? 81  TRP AAA CG  1 ? 
ATOM   351  C  CD1 . TRP A 1 42  ? 14.180  4.946   -0.953  1.000 15.357 ? 81  TRP AAA CD1 1 ? 
ATOM   352  C  CD2 . TRP A 1 42  ? 14.467  2.885   -0.083  1.000 16.464 ? 81  TRP AAA CD2 1 ? 
ATOM   353  N  NE1 . TRP A 1 42  ? 14.922  5.087   0.179   1.000 15.593 ? 81  TRP AAA NE1 1 ? 
ATOM   354  C  CE2 . TRP A 1 42  ? 15.097  3.853   0.737   1.000 15.592 ? 81  TRP AAA CE2 1 ? 
ATOM   355  C  CE3 . TRP A 1 42  ? 14.536  1.531   0.292   1.000 17.643 ? 81  TRP AAA CE3 1 ? 
ATOM   356  C  CZ2 . TRP A 1 42  ? 15.794  3.515   1.894   1.000 18.729 ? 81  TRP AAA CZ2 1 ? 
ATOM   357  C  CZ3 . TRP A 1 42  ? 15.215  1.200   1.448   1.000 19.128 ? 81  TRP AAA CZ3 1 ? 
ATOM   358  C  CH2 . TRP A 1 42  ? 15.824  2.179   2.232   1.000 18.640 ? 81  TRP AAA CH2 1 ? 
ATOM   359  N  N   . PRO A 1 43  ? 11.165  2.146   0.349   1.000 12.089 ? 82  PRO AAA N   1 ? 
ATOM   360  C  CA  . PRO A 1 43  ? 10.863  1.044   1.264   1.000 12.270 ? 82  PRO AAA CA  1 ? 
ATOM   361  C  C   . PRO A 1 43  ? 9.439   0.503   1.110   1.000 11.806 ? 82  PRO AAA C   1 ? 
ATOM   362  O  O   . PRO A 1 43  ? 9.157   -0.558  1.672   1.000 12.727 ? 82  PRO AAA O   1 ? 
ATOM   363  C  CB  . PRO A 1 43  ? 10.958  1.675   2.664   1.000 12.637 ? 82  PRO AAA CB  1 ? 
ATOM   364  C  CG  . PRO A 1 43  ? 11.830  2.936   2.455   1.000 13.076 ? 82  PRO AAA CG  1 ? 
ATOM   365  C  CD  . PRO A 1 43  ? 11.427  3.411   1.061   1.000 12.790 ? 82  PRO AAA CD  1 ? 
ATOM   366  N  N   . PHE A 1 44  ? 8.587   1.291   0.436   1.000 11.329 ? 83  PHE AAA N   1 ? 
ATOM   367  C  CA  . PHE A 1 44  ? 7.174   0.959   0.353   1.000 11.113 ? 83  PHE AAA CA  1 ? 
ATOM   368  C  C   . PHE A 1 44  ? 6.829   0.398   -1.012  1.000 11.268 ? 83  PHE AAA C   1 ? 
ATOM   369  O  O   . PHE A 1 44  ? 5.633   0.096   -1.239  1.000 11.698 ? 83  PHE AAA O   1 ? 
ATOM   370  C  CB  . PHE A 1 44  ? 6.364   2.224   0.627   1.000 12.072 ? 83  PHE AAA CB  1 ? 
ATOM   371  C  CG  . PHE A 1 44  ? 6.669   2.856   1.940   1.000 11.896 ? 83  PHE AAA CG  1 ? 
ATOM   372  C  CD1 . PHE A 1 44  ? 6.187   2.275   3.123   1.000 13.956 ? 83  PHE AAA CD1 1 ? 
ATOM   373  C  CD2 . PHE A 1 44  ? 7.565   3.905   2.053   1.000 12.515 ? 83  PHE AAA CD2 1 ? 
ATOM   374  C  CE1 . PHE A 1 44  ? 6.528   2.805   4.370   1.000 16.558 ? 83  PHE AAA CE1 1 ? 
ATOM   375  C  CE2 . PHE A 1 44  ? 7.913   4.431   3.297   1.000 13.283 ? 83  PHE AAA CE2 1 ? 
ATOM   376  C  CZ  . PHE A 1 44  ? 7.385   3.893   4.450   1.000 15.125 ? 83  PHE AAA CZ  1 ? 
ATOM   377  N  N   . GLN A 1 45  ? 7.799   0.174   -1.914  1.000 11.488 ? 84  GLN AAA N   1 ? 
ATOM   378  C  CA  . GLN A 1 45  ? 7.465   -0.211  -3.276  1.000 11.780 ? 84  GLN AAA CA  1 ? 
ATOM   379  C  C   . GLN A 1 45  ? 7.360   -1.722  -3.486  1.000 11.610 ? 84  GLN AAA C   1 ? 
ATOM   380  O  O   . GLN A 1 45  ? 7.075   -2.161  -4.593  1.000 12.525 ? 84  GLN AAA O   1 ? 
ATOM   381  C  CB  . GLN A 1 45  ? 8.505   0.360   -4.251  1.000 12.350 ? 84  GLN AAA CB  1 ? 
ATOM   382  C  CG  . GLN A 1 45  ? 8.374   1.872   -4.473  1.000 14.170 ? 84  GLN AAA CG  1 ? 
ATOM   383  C  CD  . GLN A 1 45  ? 9.531   2.448   -5.287  1.000 14.055 ? 84  GLN AAA CD  1 ? 
ATOM   384  O  OE1 . GLN A 1 45  ? 10.638  1.888   -5.323  1.000 16.712 ? 84  GLN AAA OE1 1 ? 
ATOM   385  N  NE2 . GLN A 1 45  ? 9.279   3.569   -5.942  1.000 16.134 ? 84  GLN AAA NE2 1 ? 
ATOM   386  N  N   . GLN A 1 46  ? 7.521   -2.503  -2.434  1.000 11.087 ? 85  GLN AAA N   1 ? 
ATOM   387  C  CA  . GLN A 1 46  ? 7.418   -3.952  -2.492  1.000 10.962 ? 85  GLN AAA CA  1 ? 
ATOM   388  C  C   . GLN A 1 46  ? 7.093   -4.453  -1.093  1.000 11.404 ? 85  GLN AAA C   1 ? 
ATOM   389  O  O   . GLN A 1 46  ? 7.310   -3.765  -0.112  1.000 11.065 ? 85  GLN AAA O   1 ? 
ATOM   390  C  CB  . GLN A 1 46  ? 8.706   -4.575  -3.037  1.000 13.195 ? 85  GLN AAA CB  1 ? 
ATOM   391  C  CG  . GLN A 1 46  ? 9.936   -4.276  -2.179  1.000 14.348 ? 85  GLN AAA CG  1 ? 
ATOM   392  C  CD  . GLN A 1 46  ? 10.436  -2.849  -2.315  1.000 13.692 ? 85  GLN AAA CD  1 ? 
ATOM   393  O  OE1 . GLN A 1 46  ? 10.636  -2.360  -3.427  1.000 15.488 ? 85  GLN AAA OE1 1 ? 
ATOM   394  N  NE2 . GLN A 1 46  ? 10.621  -2.174  -1.183  1.000 14.146 ? 85  GLN AAA NE2 1 ? 
ATOM   395  N  N   . PRO A 1 47  ? 6.564   -5.689  -0.951  1.000 11.357 ? 86  PRO AAA N   1 ? 
ATOM   396  C  CA  . PRO A 1 47  ? 6.344   -6.301  0.367   1.000 12.262 ? 86  PRO AAA CA  1 ? 
ATOM   397  C  C   . PRO A 1 47  ? 7.622   -6.255  1.205   1.000 11.514 ? 86  PRO AAA C   1 ? 
ATOM   398  O  O   . PRO A 1 47  ? 8.742   -6.374  0.703   1.000 12.364 ? 86  PRO AAA O   1 ? 
ATOM   399  C  CB  . PRO A 1 47  ? 5.918   -7.755  0.049   1.000 12.835 ? 86  PRO AAA CB  1 ? 
ATOM   400  C  CG  . PRO A 1 47  ? 5.319   -7.609  -1.330  1.000 14.456 ? 86  PRO AAA CG  1 ? 
ATOM   401  C  CD  . PRO A 1 47  ? 6.173   -6.586  -2.076  1.000 13.802 ? 86  PRO AAA CD  1 ? 
ATOM   402  N  N   . VAL A 1 48  ? 7.471   -6.099  2.496   1.000 11.491 ? 87  VAL AAA N   1 ? 
ATOM   403  C  CA  . VAL A 1 48  ? 8.571   -6.169  3.433   1.000 13.350 ? 87  VAL AAA CA  1 ? 
ATOM   404  C  C   . VAL A 1 48  ? 9.187   -7.567  3.347   1.000 12.917 ? 87  VAL AAA C   1 ? 
ATOM   405  O  O   . VAL A 1 48  ? 8.518   -8.578  3.581   1.000 12.999 ? 87  VAL AAA O   1 ? 
ATOM   406  C  CB  . VAL A 1 48  ? 8.112   -5.833  4.857   1.000 13.794 ? 87  VAL AAA CB  1 ? 
ATOM   407  C  CG1 . VAL A 1 48  ? 9.224   -6.082  5.865   1.000 15.135 ? 87  VAL AAA CG1 1 ? 
ATOM   408  C  CG2 . VAL A 1 48  ? 7.627   -4.403  4.971   1.000 14.543 ? 87  VAL AAA CG2 1 ? 
ATOM   409  N  N   . ASP A 1 49  ? 10.485  -7.602  3.056   1.000 13.616 ? 88  ASP AAA N   1 ? 
ATOM   410  C  CA  . ASP A 1 49  ? 11.214  -8.861  3.025   1.000 13.003 ? 88  ASP AAA CA  1 ? 
ATOM   411  C  C   . ASP A 1 49  ? 11.876  -8.994  4.398   1.000 12.643 ? 88  ASP AAA C   1 ? 
ATOM   412  O  O   . ASP A 1 49  ? 12.936  -8.434  4.660   1.000 12.917 ? 88  ASP AAA O   1 ? 
ATOM   413  C  CB  . ASP A 1 49  ? 12.212  -8.924  1.864   1.000 15.108 ? 88  ASP AAA CB  1 ? 
ATOM   414  C  CG  . ASP A 1 49  ? 12.967  -10.251 1.793   1.000 15.034 ? 88  ASP AAA CG  1 ? 
ATOM   415  O  OD1 . ASP A 1 49  ? 13.023  -10.957 2.801   1.000 14.667 ? 88  ASP AAA OD1 1 ? 
ATOM   416  O  OD2 . ASP A 1 49  ? 13.521  -10.534 0.698   1.000 21.329 ? 88  ASP AAA OD2 1 ? 
ATOM   417  N  N   . ALA A 1 50  ? 11.145  -9.667  5.294   1.000 12.476 ? 89  ALA AAA N   1 ? 
ATOM   418  C  CA  . ALA A 1 50  ? 11.565  -9.787  6.675   1.000 13.218 ? 89  ALA AAA CA  1 ? 
ATOM   419  C  C   . ALA A 1 50  ? 12.862  -10.590 6.802   1.000 13.404 ? 89  ALA AAA C   1 ? 
ATOM   420  O  O   . ALA A 1 50  ? 13.584  -10.451 7.813   1.000 14.034 ? 89  ALA AAA O   1 ? 
ATOM   421  C  CB  . ALA A 1 50  ? 10.444  -10.369 7.514   1.000 15.627 ? 89  ALA AAA CB  1 ? 
ATOM   422  N  N   . VAL A 1 51  ? 13.127  -11.474 5.859   1.000 13.404 ? 90  VAL AAA N   1 ? 
ATOM   423  C  CA  . VAL A 1 51  ? 14.361  -12.240 5.911   1.000 14.762 ? 90  VAL AAA CA  1 ? 
ATOM   424  C  C   . VAL A 1 51  ? 15.536  -11.335 5.575   1.000 14.566 ? 90  VAL AAA C   1 ? 
ATOM   425  O  O   . VAL A 1 51  ? 16.490  -11.266 6.342   1.000 15.355 ? 90  VAL AAA O   1 ? 
ATOM   426  C  CB  . VAL A 1 51  ? 14.300  -13.482 4.984   1.000 14.491 ? 90  VAL AAA CB  1 ? 
ATOM   427  C  CG1 . VAL A 1 51  ? 15.624  -14.256 4.948   1.000 16.756 ? 90  VAL AAA CG1 1 ? 
ATOM   428  C  CG2 . VAL A 1 51  ? 13.126  -14.402 5.318   1.000 16.725 ? 90  VAL AAA CG2 1 ? 
ATOM   429  N  N   . LYS A 1 52  ? 15.424  -10.618 4.464   1.000 13.718 ? 91  LYS AAA N   1 ? 
ATOM   430  C  CA  . LYS A 1 52  ? 16.539  -9.777  4.050   1.000 15.595 ? 91  LYS AAA CA  1 ? 
ATOM   431  C  C   . LYS A 1 52  ? 16.829  -8.694  5.102   1.000 14.854 ? 91  LYS AAA C   1 ? 
ATOM   432  O  O   . LYS A 1 52  ? 17.988  -8.328  5.321   1.000 15.135 ? 91  LYS AAA O   1 ? 
ATOM   433  C  CB  . LYS A 1 52  ? 16.268  -9.125  2.702   1.000 19.174 ? 91  LYS AAA CB  1 ? 
ATOM   434  C  CG  . LYS A 1 52  ? 17.498  -8.476  2.069   1.000 23.122 ? 91  LYS AAA CG  1 ? 
ATOM   435  C  CD  . LYS A 1 52  ? 17.552  -8.383  0.557   1.000 24.462 ? 91  LYS AAA CD  1 ? 
ATOM   436  C  CE  . LYS A 1 52  ? 18.971  -8.274  0.002   1.000 24.467 ? 91  LYS AAA CE  1 ? 
ATOM   437  N  NZ  . LYS A 1 52  ? 18.920  -7.545  -1.272  1.000 25.211 ? 91  LYS AAA NZ  1 ? 
ATOM   438  N  N   . LEU A 1 53  ? 15.775  -8.147  5.726   1.000 13.748 ? 92  LEU AAA N   1 ? 
ATOM   439  C  CA  . LEU A 1 53  ? 15.896  -7.116  6.762   1.000 14.829 ? 92  LEU AAA CA  1 ? 
ATOM   440  C  C   . LEU A 1 53  ? 16.251  -7.646  8.147   1.000 16.618 ? 92  LEU AAA C   1 ? 
ATOM   441  O  O   . LEU A 1 53  ? 16.376  -6.867  9.094   1.000 17.196 ? 92  LEU AAA O   1 ? 
ATOM   442  C  CB  . LEU A 1 53  ? 14.620  -6.272  6.798   1.000 15.308 ? 92  LEU AAA CB  1 ? 
ATOM   443  C  CG  . LEU A 1 53  ? 14.384  -5.449  5.541   1.000 15.692 ? 92  LEU AAA CG  1 ? 
ATOM   444  C  CD1 . LEU A 1 53  ? 13.006  -4.825  5.486   1.000 19.554 ? 92  LEU AAA CD1 1 ? 
ATOM   445  C  CD2 . LEU A 1 53  ? 15.439  -4.383  5.339   1.000 19.562 ? 92  LEU AAA CD2 1 ? 
ATOM   446  N  N   . ASN A 1 54  ? 16.326  -8.957  8.296   1.000 15.145 ? 93  ASN AAA N   1 ? 
ATOM   447  C  CA  . ASN A 1 54  ? 16.569  -9.537  9.612   1.000 17.138 ? 93  ASN AAA CA  1 ? 
ATOM   448  C  C   . ASN A 1 54  ? 15.533  -9.058  10.624  1.000 16.845 ? 93  ASN AAA C   1 ? 
ATOM   449  O  O   . ASN A 1 54  ? 15.868  -8.596  11.730  1.000 19.041 ? 93  ASN AAA O   1 ? 
ATOM   450  C  CB  . ASN A 1 54  ? 18.000  -9.286  10.116  1.000 20.718 ? 93  ASN AAA CB  1 ? 
ATOM   451  C  CG  . ASN A 1 54  ? 18.257  -10.026 11.412  1.000 25.666 ? 93  ASN AAA CG  1 ? 
ATOM   452  O  OD1 . ASN A 1 54  ? 17.686  -11.100 11.657  1.000 28.402 ? 93  ASN AAA OD1 1 ? 
ATOM   453  N  ND2 . ASN A 1 54  ? 19.106  -9.451  12.257  1.000 29.560 ? 93  ASN AAA ND2 1 ? 
ATOM   454  N  N   . LEU A 1 55  ? 14.244  -9.136  10.263  1.000 14.976 ? 94  LEU AAA N   1 ? 
ATOM   455  C  CA  . LEU A 1 55  ? 13.149  -8.781  11.174  1.000 14.541 ? 94  LEU AAA CA  1 ? 
ATOM   456  C  C   . LEU A 1 55  ? 12.271  -10.004 11.340  1.000 14.918 ? 94  LEU AAA C   1 ? 
ATOM   457  O  O   . LEU A 1 55  ? 11.156  -10.047 10.809  1.000 13.272 ? 94  LEU AAA O   1 ? 
ATOM   458  C  CB  . LEU A 1 55  ? 12.343  -7.636  10.550  1.000 16.030 ? 94  LEU AAA CB  1 ? 
ATOM   459  C  CG  . LEU A 1 55  ? 13.111  -6.341  10.312  1.000 17.689 ? 94  LEU AAA CG  1 ? 
ATOM   460  C  CD1 . LEU A 1 55  ? 12.190  -5.344  9.603   1.000 19.228 ? 94  LEU AAA CD1 1 ? 
ATOM   461  C  CD2 . LEU A 1 55  ? 13.683  -5.781  11.606  1.000 20.260 ? 94  LEU AAA CD2 1 ? 
ATOM   462  N  N   . PRO A 1 56  ? 12.723  -11.054 12.055  1.000 14.017 ? 95  PRO AAA N   1 ? 
ATOM   463  C  CA  . PRO A 1 56  ? 11.976  -12.303 12.065  1.000 14.208 ? 95  PRO AAA CA  1 ? 
ATOM   464  C  C   . PRO A 1 56  ? 10.626  -12.149 12.730  1.000 14.506 ? 95  PRO AAA C   1 ? 
ATOM   465  O  O   . PRO A 1 56  ? 9.727   -12.918 12.461  1.000 17.125 ? 95  PRO AAA O   1 ? 
ATOM   466  C  CB  . PRO A 1 56  ? 12.871  -13.293 12.847  1.000 16.491 ? 95  PRO AAA CB  1 ? 
ATOM   467  C  CG  . PRO A 1 56  ? 13.728  -12.369 13.654  1.000 16.948 ? 95  PRO AAA CG  1 ? 
ATOM   468  C  CD  . PRO A 1 56  ? 14.016  -11.186 12.745  1.000 16.632 ? 95  PRO AAA CD  1 ? 
ATOM   469  N  N   . ASP A 1 57  ? 10.438  -11.122 13.554  1.000 13.872 ? 96  ASP AAA N   1 ? 
ATOM   470  C  CA  . ASP A 1 57  ? 9.146   -10.903 14.202  1.000 13.995 ? 96  ASP AAA CA  1 ? 
ATOM   471  C  C   . ASP A 1 57  ? 8.142   -10.113 13.340  1.000 13.255 ? 96  ASP AAA C   1 ? 
ATOM   472  O  O   . ASP A 1 57  ? 7.025   -9.881  13.795  1.000 14.199 ? 96  ASP AAA O   1 ? 
ATOM   473  C  CB  . ASP A 1 57  ? 9.281   -10.216 15.566  1.000 14.825 ? 96  ASP AAA CB  1 ? 
ATOM   474  C  CG  . ASP A 1 57  ? 9.693   -8.763  15.504  1.000 17.402 ? 96  ASP AAA CG  1 ? 
ATOM   475  O  OD1 . ASP A 1 57  ? 10.213  -8.316  14.447  1.000 17.899 ? 96  ASP AAA OD1 1 ? 
ATOM   476  O  OD2 . ASP A 1 57  ? 9.427   -8.079  16.515  1.000 21.550 ? 96  ASP AAA OD2 1 ? 
ATOM   477  N  N   . TYR A 1 58  ? 8.528   -9.634  12.138  1.000 12.940 ? 97  TYR AAA N   1 ? 
ATOM   478  C  CA  . TYR A 1 58  ? 7.709   -8.658  11.426  1.000 12.029 ? 97  TYR AAA CA  1 ? 
ATOM   479  C  C   . TYR A 1 58  ? 6.313   -9.220  11.193  1.000 12.648 ? 97  TYR AAA C   1 ? 
ATOM   480  O  O   . TYR A 1 58  ? 5.320   -8.541  11.485  1.000 12.510 ? 97  TYR AAA O   1 ? 
ATOM   481  C  CB  . TYR A 1 58  ? 8.385   -8.210  10.113  1.000 12.491 ? 97  TYR AAA CB  1 ? 
ATOM   482  C  CG  . TYR A 1 58  ? 7.591   -7.138  9.410   1.000 13.040 ? 97  TYR AAA CG  1 ? 
ATOM   483  C  CD1 . TYR A 1 58  ? 7.671   -5.794  9.829   1.000 12.202 ? 97  TYR AAA CD1 1 ? 
ATOM   484  C  CD2 . TYR A 1 58  ? 6.665   -7.473  8.449   1.000 13.200 ? 97  TYR AAA CD2 1 ? 
ATOM   485  C  CE1 . TYR A 1 58  ? 6.870   -4.819  9.234   1.000 12.516 ? 97  TYR AAA CE1 1 ? 
ATOM   486  C  CE2 . TYR A 1 58  ? 5.872   -6.514  7.850   1.000 13.405 ? 97  TYR AAA CE2 1 ? 
ATOM   487  C  CZ  . TYR A 1 58  ? 5.950   -5.194  8.253   1.000 12.918 ? 97  TYR AAA CZ  1 ? 
ATOM   488  O  OH  . TYR A 1 58  ? 5.112   -4.240  7.661   1.000 14.664 ? 97  TYR AAA OH  1 ? 
ATOM   489  N  N   . TYR A 1 59  ? 6.242   -10.418 10.581  1.000 13.032 ? 98  TYR AAA N   1 ? 
ATOM   490  C  CA  . TYR A 1 59  ? 4.964   -11.021 10.229  1.000 13.591 ? 98  TYR AAA CA  1 ? 
ATOM   491  C  C   . TYR A 1 59  ? 4.331   -11.707 11.445  1.000 15.407 ? 98  TYR AAA C   1 ? 
ATOM   492  O  O   . TYR A 1 59  ? 3.212   -12.204 11.312  1.000 17.282 ? 98  TYR AAA O   1 ? 
ATOM   493  C  CB  . TYR A 1 59  ? 5.108   -11.906 8.987   1.000 13.624 ? 98  TYR AAA CB  1 ? 
ATOM   494  C  CG  . TYR A 1 59  ? 5.351   -11.083 7.750   1.000 13.395 ? 98  TYR AAA CG  1 ? 
ATOM   495  C  CD1 . TYR A 1 59  ? 4.370   -10.218 7.261   1.000 13.912 ? 98  TYR AAA CD1 1 ? 
ATOM   496  C  CD2 . TYR A 1 59  ? 6.585   -11.097 7.112   1.000 12.756 ? 98  TYR AAA CD2 1 ? 
ATOM   497  C  CE1 . TYR A 1 59  ? 4.583   -9.461  6.127   1.000 13.409 ? 98  TYR AAA CE1 1 ? 
ATOM   498  C  CE2 . TYR A 1 59  ? 6.807   -10.334 5.971   1.000 13.052 ? 98  TYR AAA CE2 1 ? 
ATOM   499  C  CZ  . TYR A 1 59  ? 5.801   -9.490  5.499   1.000 12.727 ? 98  TYR AAA CZ  1 ? 
ATOM   500  O  OH  . TYR A 1 59  ? 5.981   -8.752  4.359   1.000 13.928 ? 98  TYR AAA OH  1 ? 
ATOM   501  N  N   . LYS A 1 60  ? 4.976   -11.690 12.610  1.000 15.681 ? 99  LYS AAA N   1 ? 
ATOM   502  C  CA  . LYS A 1 60  ? 4.331   -12.070 13.872  1.000 17.500 ? 99  LYS AAA CA  1 ? 
ATOM   503  C  C   . LYS A 1 60  ? 3.457   -10.899 14.333  1.000 17.374 ? 99  LYS AAA C   1 ? 
ATOM   504  O  O   . LYS A 1 60  ? 2.401   -11.125 14.890  1.000 20.699 ? 99  LYS AAA O   1 ? 
ATOM   505  C  CB  . LYS A 1 60  ? 5.406   -12.362 14.939  1.000 18.888 ? 99  LYS AAA CB  1 ? 
ATOM   506  C  CG  . LYS A 1 60  ? 4.986   -12.861 16.317  1.000 19.955 ? 99  LYS AAA CG  1 ? 
ATOM   507  C  CD  . LYS A 1 60  ? 4.435   -14.279 16.308  1.000 25.808 ? 99  LYS AAA CD  1 ? 
ATOM   508  C  CE  . LYS A 1 60  ? 3.918   -14.667 17.679  1.000 28.212 ? 99  LYS AAA CE  1 ? 
ATOM   509  N  NZ  . LYS A 1 60  ? 2.774   -15.605 17.610  1.000 31.696 ? 99  LYS AAA NZ  1 ? 
ATOM   510  N  N   A ILE A 1 61  ? 3.959   -9.658  14.153  0.500 15.243 ? 100 ILE AAA N   1 ? 
ATOM   511  N  N   B ILE A 1 61  ? 3.870   -9.640  14.071  0.500 15.645 ? 100 ILE AAA N   1 ? 
ATOM   512  C  CA  A ILE A 1 61  ? 3.272   -8.430  14.537  0.500 14.984 ? 100 ILE AAA CA  1 ? 
ATOM   513  C  CA  B ILE A 1 61  ? 3.197   -8.433  14.548  0.500 14.745 ? 100 ILE AAA CA  1 ? 
ATOM   514  C  C   A ILE A 1 61  ? 2.253   -8.000  13.471  0.500 13.874 ? 100 ILE AAA C   1 ? 
ATOM   515  C  C   B ILE A 1 61  ? 2.301   -7.798  13.482  0.500 13.656 ? 100 ILE AAA C   1 ? 
ATOM   516  O  O   A ILE A 1 61  ? 1.083   -7.744  13.779  0.500 15.213 ? 100 ILE AAA O   1 ? 
ATOM   517  O  O   B ILE A 1 61  ? 1.302   -7.154  13.806  0.500 14.003 ? 100 ILE AAA O   1 ? 
ATOM   518  C  CB  A ILE A 1 61  ? 4.338   -7.341  14.811  0.500 15.399 ? 100 ILE AAA CB  1 ? 
ATOM   519  C  CB  B ILE A 1 61  ? 4.300   -7.461  15.008  0.500 15.497 ? 100 ILE AAA CB  1 ? 
ATOM   520  C  CG1 A ILE A 1 61  ? 5.445   -7.839  15.754  0.500 17.303 ? 100 ILE AAA CG1 1 ? 
ATOM   521  C  CG1 B ILE A 1 61  ? 5.022   -8.018  16.238  0.500 16.956 ? 100 ILE AAA CG1 1 ? 
ATOM   522  C  CG2 A ILE A 1 61  ? 3.676   -6.087  15.366  0.500 16.408 ? 100 ILE AAA CG2 1 ? 
ATOM   523  C  CG2 B ILE A 1 61  ? 3.797   -6.040  15.247  0.500 16.542 ? 100 ILE AAA CG2 1 ? 
ATOM   524  C  CD1 A ILE A 1 61  ? 4.899   -8.445  17.022  0.500 17.560 ? 100 ILE AAA CD1 1 ? 
ATOM   525  C  CD1 B ILE A 1 61  ? 6.354   -7.381  16.435  0.500 17.713 ? 100 ILE AAA CD1 1 ? 
ATOM   526  N  N   . ILE A 1 62  ? 2.709   -7.914  12.220  1.000 12.833 ? 101 ILE AAA N   1 ? 
ATOM   527  C  CA  . ILE A 1 62  ? 1.919   -7.334  11.139  1.000 12.856 ? 101 ILE AAA CA  1 ? 
ATOM   528  C  C   . ILE A 1 62  ? 1.205   -8.478  10.428  1.000 12.505 ? 101 ILE AAA C   1 ? 
ATOM   529  O  O   . ILE A 1 62  ? 1.810   -9.254  9.691   1.000 13.782 ? 101 ILE AAA O   1 ? 
ATOM   530  C  CB  . ILE A 1 62  ? 2.838   -6.538  10.200  1.000 12.800 ? 101 ILE AAA CB  1 ? 
ATOM   531  C  CG1 . ILE A 1 62  ? 3.464   -5.346  10.956  1.000 13.410 ? 101 ILE AAA CG1 1 ? 
ATOM   532  C  CG2 . ILE A 1 62  ? 2.065   -6.066  8.965   1.000 13.091 ? 101 ILE AAA CG2 1 ? 
ATOM   533  C  CD1 . ILE A 1 62  ? 2.467   -4.409  11.660  1.000 14.472 ? 101 ILE AAA CD1 1 ? 
ATOM   534  N  N   . LYS A 1 63  ? -0.083  -8.589  10.703  1.000 12.829 ? 102 LYS AAA N   1 ? 
ATOM   535  C  CA  . LYS A 1 63  ? -0.896  -9.673  10.152  1.000 13.261 ? 102 LYS AAA CA  1 ? 
ATOM   536  C  C   . LYS A 1 63  ? -1.698  -9.212  8.953   1.000 14.480 ? 102 LYS AAA C   1 ? 
ATOM   537  O  O   . LYS A 1 63  ? -2.324  -10.054 8.318   1.000 16.572 ? 102 LYS AAA O   1 ? 
ATOM   538  C  CB  . LYS A 1 63  ? -1.860  -10.201 11.215  1.000 15.051 ? 102 LYS AAA CB  1 ? 
ATOM   539  C  CG  . LYS A 1 63  ? -1.170  -10.858 12.387  1.000 17.623 ? 102 LYS AAA CG  1 ? 
ATOM   540  C  CD  . LYS A 1 63  ? -0.213  -11.946 11.976  1.000 20.332 ? 102 LYS AAA CD  1 ? 
ATOM   541  C  CE  . LYS A 1 63  ? 0.228   -12.802 13.133  1.000 25.111 ? 102 LYS AAA CE  1 ? 
ATOM   542  N  NZ  . LYS A 1 63  ? 1.228   -13.744 12.604  1.000 20.291 ? 102 LYS AAA NZ  1 ? 
ATOM   543  N  N   A THR A 1 64  ? -1.752  -7.916  8.675   0.500 14.380 ? 103 THR AAA N   1 ? 
ATOM   544  N  N   B THR A 1 64  ? -1.660  -7.910  8.616   0.500 14.455 ? 103 THR AAA N   1 ? 
ATOM   545  C  CA  A THR A 1 64  ? -2.401  -7.459  7.464   0.500 15.295 ? 103 THR AAA CA  1 ? 
ATOM   546  C  CA  B THR A 1 64  ? -2.340  -7.354  7.450   0.500 15.539 ? 103 THR AAA CA  1 ? 
ATOM   547  C  C   A THR A 1 64  ? -1.382  -6.625  6.706   0.500 13.108 ? 103 THR AAA C   1 ? 
ATOM   548  C  C   B THR A 1 64  ? -1.365  -6.565  6.579   0.500 12.814 ? 103 THR AAA C   1 ? 
ATOM   549  O  O   A THR A 1 64  ? -1.484  -5.400  6.845   0.500 14.135 ? 103 THR AAA O   1 ? 
ATOM   550  O  O   B THR A 1 64  ? -1.428  -5.339  6.356   0.500 12.040 ? 103 THR AAA O   1 ? 
ATOM   551  C  CB  A THR A 1 64  ? -3.592  -6.540  7.774   0.500 17.626 ? 103 THR AAA CB  1 ? 
ATOM   552  C  CB  B THR A 1 64  ? -3.602  -6.571  7.806   0.500 18.771 ? 103 THR AAA CB  1 ? 
ATOM   553  O  OG1 A THR A 1 64  ? -4.345  -7.024  8.890   0.500 18.298 ? 103 THR AAA OG1 1 ? 
ATOM   554  O  OG1 B THR A 1 64  ? -3.235  -5.539  8.717   0.500 24.475 ? 103 THR AAA OG1 1 ? 
ATOM   555  C  CG2 A THR A 1 64  ? -4.508  -6.355  6.579   0.500 16.122 ? 103 THR AAA CG2 1 ? 
ATOM   556  C  CG2 B THR A 1 64  ? -4.701  -7.473  8.329   0.500 16.423 ? 103 THR AAA CG2 1 ? 
ATOM   557  N  N   . PRO A 1 65  ? -0.375  -7.247  6.008   1.000 12.630 ? 104 PRO AAA N   1 ? 
ATOM   558  C  CA  . PRO A 1 65  ? 0.638   -6.488  5.290   1.000 13.479 ? 104 PRO AAA CA  1 ? 
ATOM   559  C  C   . PRO A 1 65  ? 0.078   -5.828  4.040   1.000 11.569 ? 104 PRO AAA C   1 ? 
ATOM   560  O  O   . PRO A 1 65  ? -0.836  -6.328  3.403   1.000 12.363 ? 104 PRO AAA O   1 ? 
ATOM   561  C  CB  . PRO A 1 65  ? 1.682   -7.522  4.884   1.000 14.718 ? 104 PRO AAA CB  1 ? 
ATOM   562  C  CG  . PRO A 1 65  ? 1.131   -8.893  5.251   1.000 14.909 ? 104 PRO AAA CG  1 ? 
ATOM   563  C  CD  . PRO A 1 65  ? -0.183  -8.726  5.955   1.000 14.582 ? 104 PRO AAA CD  1 ? 
ATOM   564  N  N   . MET A 1 66  ? 0.674   -4.693  3.670   1.000 11.324 ? 105 MET AAA N   1 ? 
ATOM   565  C  CA  . MET A 1 66  ? 0.314   -4.046  2.407   1.000 10.136 ? 105 MET AAA CA  1 ? 
ATOM   566  C  C   . MET A 1 66  ? 1.476   -3.161  2.010   1.000 10.329 ? 105 MET AAA C   1 ? 
ATOM   567  O  O   . MET A 1 66  ? 2.176   -2.641  2.907   1.000 12.012 ? 105 MET AAA O   1 ? 
ATOM   568  C  CB  . MET A 1 66  ? -0.993  -3.237  2.564   1.000 10.480 ? 105 MET AAA CB  1 ? 
ATOM   569  C  CG  . MET A 1 66  ? -1.577  -2.660  1.270   1.000 10.964 ? 105 MET AAA CG  1 ? 
ATOM   570  S  SD  . MET A 1 66  ? -1.693  -3.865  -0.115  1.000 11.146 ? 105 MET AAA SD  1 ? 
ATOM   571  C  CE  . MET A 1 66  ? -2.768  -5.116  0.589   1.000 13.442 ? 105 MET AAA CE  1 ? 
ATOM   572  N  N   . ASP A 1 67  ? 1.616   -2.937  0.748   1.000 10.302 ? 106 ASP AAA N   1 ? 
ATOM   573  C  CA  . ASP A 1 67  ? 2.727   -2.160  0.197   1.000 10.449 ? 106 ASP AAA CA  1 ? 
ATOM   574  C  C   . ASP A 1 67  ? 2.262   -1.567  -1.124  1.000 10.389 ? 106 ASP AAA C   1 ? 
ATOM   575  O  O   . ASP A 1 67  ? 1.264   -2.025  -1.706  1.000 10.228 ? 106 ASP AAA O   1 ? 
ATOM   576  C  CB  . ASP A 1 67  ? 3.977   -3.037  -0.002  1.000 10.285 ? 106 ASP AAA CB  1 ? 
ATOM   577  C  CG  . ASP A 1 67  ? 3.755   -4.051  -1.114  1.000 10.206 ? 106 ASP AAA CG  1 ? 
ATOM   578  O  OD1 . ASP A 1 67  ? 3.093   -5.088  -0.772  1.000 10.917 ? 106 ASP AAA OD1 1 ? 
ATOM   579  O  OD2 . ASP A 1 67  ? 4.086   -3.791  -2.242  1.000 10.529 ? 106 ASP AAA OD2 1 ? 
ATOM   580  N  N   . MET A 1 68  ? 2.977   -0.552  -1.625  1.000 10.754 ? 107 MET AAA N   1 ? 
ATOM   581  C  CA  . MET A 1 68  ? 2.618   0.120   -2.851  1.000 10.931 ? 107 MET AAA CA  1 ? 
ATOM   582  C  C   . MET A 1 68  ? 2.881   -0.706  -4.095  1.000 10.904 ? 107 MET AAA C   1 ? 
ATOM   583  O  O   . MET A 1 68  ? 2.242   -0.450  -5.109  1.000 11.592 ? 107 MET AAA O   1 ? 
ATOM   584  C  CB  . MET A 1 68  ? 3.330   1.463   -3.048  1.000 12.174 ? 107 MET AAA CB  1 ? 
ATOM   585  C  CG  . MET A 1 68  ? 2.917   2.523   -2.044  1.000 13.116 ? 107 MET AAA CG  1 ? 
ATOM   586  S  SD  . MET A 1 68  ? 3.173   4.204   -2.583  1.000 14.076 ? 107 MET AAA SD  1 ? 
ATOM   587  C  CE  . MET A 1 68  ? 4.966   4.256   -2.681  1.000 13.532 ? 107 MET AAA CE  1 ? 
ATOM   588  N  N   . GLY A 1 69  ? 3.822   -1.671  -4.067  1.000 11.091 ? 108 GLY AAA N   1 ? 
ATOM   589  C  CA  . GLY A 1 69  ? 3.938   -2.569  -5.203  1.000 12.889 ? 108 GLY AAA CA  1 ? 
ATOM   590  C  C   . GLY A 1 69  ? 2.672   -3.399  -5.403  1.000 12.617 ? 108 GLY AAA C   1 ? 
ATOM   591  O  O   . GLY A 1 69  ? 2.194   -3.528  -6.553  1.000 12.885 ? 108 GLY AAA O   1 ? 
ATOM   592  N  N   . THR A 1 70  ? 2.132   -3.928  -4.308  1.000 11.208 ? 109 THR AAA N   1 ? 
ATOM   593  C  CA  . THR A 1 70  ? 0.852   -4.632  -4.367  1.000 11.495 ? 109 THR AAA CA  1 ? 
ATOM   594  C  C   . THR A 1 70  ? -0.261  -3.705  -4.845  1.000 11.078 ? 109 THR AAA C   1 ? 
ATOM   595  O  O   . THR A 1 70  ? -1.080  -4.081  -5.698  1.000 11.212 ? 109 THR AAA O   1 ? 
ATOM   596  C  CB  . THR A 1 70  ? 0.536   -5.235  -2.999  1.000 11.442 ? 109 THR AAA CB  1 ? 
ATOM   597  O  OG1 . THR A 1 70  ? 1.584   -6.159  -2.676  1.000 12.767 ? 109 THR AAA OG1 1 ? 
ATOM   598  C  CG2 . THR A 1 70  ? -0.822  -5.919  -2.981  1.000 12.510 ? 109 THR AAA CG2 1 ? 
ATOM   599  N  N   . ILE A 1 71  ? -0.326  -2.490  -4.293  1.000 10.615 ? 110 ILE AAA N   1 ? 
ATOM   600  C  CA  . ILE A 1 71  ? -1.382  -1.564  -4.703  1.000 10.925 ? 110 ILE AAA CA  1 ? 
ATOM   601  C  C   . ILE A 1 71  ? -1.260  -1.228  -6.189  1.000 11.251 ? 110 ILE AAA C   1 ? 
ATOM   602  O  O   . ILE A 1 71  ? -2.269  -1.186  -6.910  1.000 11.874 ? 110 ILE AAA O   1 ? 
ATOM   603  C  CB  . ILE A 1 71  ? -1.340  -0.274  -3.836  1.000 10.242 ? 110 ILE AAA CB  1 ? 
ATOM   604  C  CG1 . ILE A 1 71  ? -1.707  -0.612  -2.402  1.000 10.647 ? 110 ILE AAA CG1 1 ? 
ATOM   605  C  CG2 . ILE A 1 71  ? -2.289  0.807   -4.399  1.000 12.240 ? 110 ILE AAA CG2 1 ? 
ATOM   606  C  CD1 . ILE A 1 71  ? -1.408  0.488   -1.403  1.000 11.582 ? 110 ILE AAA CD1 1 ? 
ATOM   607  N  N   . LYS A 1 72  ? -0.026  -0.997  -6.656  1.000 12.056 ? 111 LYS AAA N   1 ? 
ATOM   608  C  CA  . LYS A 1 72  ? 0.173   -0.708  -8.075  1.000 13.613 ? 111 LYS AAA CA  1 ? 
ATOM   609  C  C   . LYS A 1 72  ? -0.339  -1.848  -8.951  1.000 13.829 ? 111 LYS AAA C   1 ? 
ATOM   610  O  O   . LYS A 1 72  ? -1.035  -1.596  -9.937  1.000 14.874 ? 111 LYS AAA O   1 ? 
ATOM   611  C  CB  . LYS A 1 72  ? 1.659   -0.473  -8.313  1.000 14.703 ? 111 LYS AAA CB  1 ? 
ATOM   612  C  CG  . LYS A 1 72  ? 2.014   -0.086  -9.754  1.000 16.779 ? 111 LYS AAA CG  1 ? 
ATOM   613  C  CD  . LYS A 1 72  ? 3.472   0.383   -9.807  1.000 21.504 ? 111 LYS AAA CD  1 ? 
ATOM   614  C  CE  . LYS A 1 72  ? 3.874   0.870   -11.187 1.000 27.926 ? 111 LYS AAA CE  1 ? 
ATOM   615  N  NZ  . LYS A 1 72  ? 4.133   -0.300  -12.037 1.000 28.440 ? 111 LYS AAA NZ  1 ? 
ATOM   616  N  N   . LYS A 1 73  ? -0.048  -3.079  -8.587  1.000 13.279 ? 112 LYS AAA N   1 ? 
ATOM   617  C  CA  . LYS A 1 73  ? -0.545  -4.229  -9.333  1.000 15.430 ? 112 LYS AAA CA  1 ? 
ATOM   618  C  C   . LYS A 1 73  ? -2.074  -4.308  -9.292  1.000 13.715 ? 112 LYS AAA C   1 ? 
ATOM   619  O  O   . LYS A 1 73  ? -2.730  -4.559  -10.321 1.000 14.137 ? 112 LYS AAA O   1 ? 
ATOM   620  C  CB  . LYS A 1 73  ? 0.046   -5.520  -8.755  1.000 17.020 ? 112 LYS AAA CB  1 ? 
ATOM   621  C  CG  . LYS A 1 73  ? 1.482   -5.845  -9.165  1.000 21.883 ? 112 LYS AAA CG  1 ? 
ATOM   622  C  CD  . LYS A 1 73  ? 1.931   -7.202  -8.546  1.000 25.950 ? 112 LYS AAA CD  1 ? 
ATOM   623  C  CE  . LYS A 1 73  ? 3.400   -7.542  -8.699  1.000 31.894 ? 112 LYS AAA CE  1 ? 
ATOM   624  N  NZ  . LYS A 1 73  ? 4.163   -7.202  -7.474  1.000 41.429 ? 112 LYS AAA NZ  1 ? 
ATOM   625  N  N   . ARG A 1 74  ? -2.645  -4.095  -8.095  1.000 12.269 ? 113 ARG AAA N   1 ? 
ATOM   626  C  CA  . ARG A 1 74  ? -4.098  -4.094  -7.962  1.000 12.193 ? 113 ARG AAA CA  1 ? 
ATOM   627  C  C   . ARG A 1 74  ? -4.726  -3.033  -8.860  1.000 12.691 ? 113 ARG AAA C   1 ? 
ATOM   628  O  O   . ARG A 1 74  ? -5.767  -3.298  -9.483  1.000 13.873 ? 113 ARG AAA O   1 ? 
ATOM   629  C  CB  . ARG A 1 74  ? -4.538  -3.950  -6.504  1.000 11.021 ? 113 ARG AAA CB  1 ? 
ATOM   630  C  CG  . ARG A 1 74  ? -4.286  -5.184  -5.655  1.000 11.209 ? 113 ARG AAA CG  1 ? 
ATOM   631  C  CD  . ARG A 1 74  ? -4.673  -4.983  -4.212  1.000 10.795 ? 113 ARG AAA CD  1 ? 
ATOM   632  N  NE  . ARG A 1 74  ? -4.584  -6.270  -3.512  1.000 10.847 ? 113 ARG AAA NE  1 ? 
ATOM   633  C  CZ  . ARG A 1 74  ? -5.154  -6.517  -2.334  1.000 10.765 ? 113 ARG AAA CZ  1 ? 
ATOM   634  N  NH1 . ARG A 1 74  ? -5.688  -5.556  -1.590  1.000 12.677 ? 113 ARG AAA NH1 1 ? 
ATOM   635  N  NH2 . ARG A 1 74  ? -5.107  -7.763  -1.853  1.000 12.825 ? 113 ARG AAA NH2 1 ? 
ATOM   636  N  N   . LEU A 1 75  ? -4.172  -1.843  -8.934  1.000 12.295 ? 114 LEU AAA N   1 ? 
ATOM   637  C  CA  . LEU A 1 75  ? -4.709  -0.784  -9.780  1.000 12.429 ? 114 LEU AAA CA  1 ? 
ATOM   638  C  C   . LEU A 1 75  ? -4.509  -1.128  -11.256 1.000 13.680 ? 114 LEU AAA C   1 ? 
ATOM   639  O  O   . LEU A 1 75  ? -5.453  -0.975  -12.063 1.000 15.635 ? 114 LEU AAA O   1 ? 
ATOM   640  C  CB  . LEU A 1 75  ? -4.054  0.555   -9.431  1.000 12.350 ? 114 LEU AAA CB  1 ? 
ATOM   641  C  CG  . LEU A 1 75  ? -4.549  1.157   -8.115  1.000 11.466 ? 114 LEU AAA CG  1 ? 
ATOM   642  C  CD1 . LEU A 1 75  ? -3.642  2.316   -7.716  1.000 12.792 ? 114 LEU AAA CD1 1 ? 
ATOM   643  C  CD2 . LEU A 1 75  ? -6.004  1.677   -8.255  1.000 11.604 ? 114 LEU AAA CD2 1 ? 
ATOM   644  N  N   . GLU A 1 76  ? -3.304  -1.550  -11.648 1.000 14.039 ? 115 GLU AAA N   1 ? 
ATOM   645  C  CA  . GLU A 1 76  ? -2.984  -1.791  -13.056 1.000 16.620 ? 115 GLU AAA CA  1 ? 
ATOM   646  C  C   . GLU A 1 76  ? -3.744  -3.002  -13.581 1.000 18.412 ? 115 GLU AAA C   1 ? 
ATOM   647  O  O   . GLU A 1 76  ? -4.127  -3.013  -14.756 1.000 21.279 ? 115 GLU AAA O   1 ? 
ATOM   648  C  CB  . GLU A 1 76  ? -1.487  -1.931  -13.300 1.000 17.781 ? 115 GLU AAA CB  1 ? 
ATOM   649  C  CG  . GLU A 1 76  ? -0.768  -0.612  -13.048 1.000 19.641 ? 115 GLU AAA CG  1 ? 
ATOM   650  C  CD  . GLU A 1 76  ? 0.734   -0.686  -13.135 1.000 21.358 ? 115 GLU AAA CD  1 ? 
ATOM   651  O  OE1 . GLU A 1 76  ? 1.234   -1.773  -13.118 1.000 25.757 ? 115 GLU AAA OE1 1 ? 
ATOM   652  O  OE2 . GLU A 1 76  ? 1.343   0.369   -13.103 1.000 25.811 ? 115 GLU AAA OE2 1 ? 
ATOM   653  N  N   . ASN A 1 77  ? -4.002  -3.990  -12.710 1.000 17.379 ? 116 ASN AAA N   1 ? 
ATOM   654  C  CA  . ASN A 1 77  ? -4.658  -5.234  -13.077 1.000 20.008 ? 116 ASN AAA CA  1 ? 
ATOM   655  C  C   . ASN A 1 77  ? -6.130  -5.198  -12.721 1.000 18.506 ? 116 ASN AAA C   1 ? 
ATOM   656  O  O   . ASN A 1 77  ? -6.734  -6.281  -12.723 1.000 23.747 ? 116 ASN AAA O   1 ? 
ATOM   657  C  CB  . ASN A 1 77  ? -4.014  -6.464  -12.424 1.000 24.459 ? 116 ASN AAA CB  1 ? 
ATOM   658  C  CG  . ASN A 1 77  ? -2.613  -6.698  -12.943 1.000 32.680 ? 116 ASN AAA CG  1 ? 
ATOM   659  O  OD1 . ASN A 1 77  ? -2.386  -6.632  -14.145 1.000 42.129 ? 116 ASN AAA OD1 1 ? 
ATOM   660  N  ND2 . ASN A 1 77  ? -1.667  -6.962  -12.051 1.000 39.412 ? 116 ASN AAA ND2 1 ? 
ATOM   661  N  N   . ASN A 1 78  ? -6.727  -4.030  -12.520 1.000 18.799 ? 117 ASN AAA N   1 ? 
ATOM   662  C  CA  . ASN A 1 78  ? -8.123  -3.821  -12.150 1.000 18.206 ? 117 ASN AAA CA  1 ? 
ATOM   663  C  C   . ASN A 1 78  ? -8.600  -4.910  -11.177 1.000 18.670 ? 117 ASN AAA C   1 ? 
ATOM   664  O  O   . ASN A 1 78  ? -9.444  -5.771  -11.484 1.000 20.310 ? 117 ASN AAA O   1 ? 
ATOM   665  C  CB  . ASN A 1 78  ? -8.960  -3.752  -13.436 1.000 27.622 ? 117 ASN AAA CB  1 ? 
ATOM   666  C  CG  . ASN A 1 78  ? -8.387  -2.774  -14.447 1.000 29.339 ? 117 ASN AAA CG  1 ? 
ATOM   667  O  OD1 . ASN A 1 78  ? -8.531  -1.568  -14.278 1.000 34.419 ? 117 ASN AAA OD1 1 ? 
ATOM   668  N  ND2 . ASN A 1 78  ? -7.722  -3.277  -15.487 1.000 29.975 ? 117 ASN AAA ND2 1 ? 
ATOM   669  N  N   . TYR A 1 79  ? -8.088  -4.871  -9.957  1.000 14.102 ? 118 TYR AAA N   1 ? 
ATOM   670  C  CA  . TYR A 1 79  ? -8.510  -5.800  -8.917  1.000 13.629 ? 118 TYR AAA CA  1 ? 
ATOM   671  C  C   . TYR A 1 79  ? -9.690  -5.283  -8.098  1.000 12.188 ? 118 TYR AAA C   1 ? 
ATOM   672  O  O   . TYR A 1 79  ? -10.385 -6.052  -7.464  1.000 12.401 ? 118 TYR AAA O   1 ? 
ATOM   673  C  CB  . TYR A 1 79  ? -7.283  -6.043  -8.043  1.000 14.101 ? 118 TYR AAA CB  1 ? 
ATOM   674  C  CG  . TYR A 1 79  ? -7.513  -6.925  -6.852  1.000 13.158 ? 118 TYR AAA CG  1 ? 
ATOM   675  C  CD1 . TYR A 1 79  ? -7.502  -8.299  -6.984  1.000 13.188 ? 118 TYR AAA CD1 1 ? 
ATOM   676  C  CD2 . TYR A 1 79  ? -7.723  -6.393  -5.582  1.000 13.102 ? 118 TYR AAA CD2 1 ? 
ATOM   677  C  CE1 . TYR A 1 79  ? -7.699  -9.142  -5.921  1.000 13.403 ? 118 TYR AAA CE1 1 ? 
ATOM   678  C  CE2 . TYR A 1 79  ? -7.899  -7.200  -4.491  1.000 13.173 ? 118 TYR AAA CE2 1 ? 
ATOM   679  C  CZ  . TYR A 1 79  ? -7.857  -8.588  -4.649  1.000 13.419 ? 118 TYR AAA CZ  1 ? 
ATOM   680  O  OH  . TYR A 1 79  ? -8.097  -9.371  -3.554  1.000 15.524 ? 118 TYR AAA OH  1 ? 
ATOM   681  N  N   . TYR A 1 80  ? -9.840  -3.953  -8.069  1.000 12.409 ? 119 TYR AAA N   1 ? 
ATOM   682  C  CA  . TYR A 1 80  ? -10.754 -3.320  -7.130  1.000 12.779 ? 119 TYR AAA CA  1 ? 
ATOM   683  C  C   . TYR A 1 80  ? -12.155 -3.195  -7.714  1.000 13.521 ? 119 TYR AAA C   1 ? 
ATOM   684  O  O   . TYR A 1 80  ? -12.309 -3.118  -8.939  1.000 14.893 ? 119 TYR AAA O   1 ? 
ATOM   685  C  CB  . TYR A 1 80  ? -10.220 -1.941  -6.773  1.000 13.411 ? 119 TYR AAA CB  1 ? 
ATOM   686  C  CG  . TYR A 1 80  ? -8.920  -1.941  -6.013  1.000 11.895 ? 119 TYR AAA CG  1 ? 
ATOM   687  C  CD1 . TYR A 1 80  ? -8.796  -2.487  -4.740  1.000 11.731 ? 119 TYR AAA CD1 1 ? 
ATOM   688  C  CD2 . TYR A 1 80  ? -7.796  -1.346  -6.569  1.000 12.110 ? 119 TYR AAA CD2 1 ? 
ATOM   689  C  CE1 . TYR A 1 80  ? -7.627  -2.388  -3.996  1.000 10.905 ? 119 TYR AAA CE1 1 ? 
ATOM   690  C  CE2 . TYR A 1 80  ? -6.620  -1.244  -5.845  1.000 11.627 ? 119 TYR AAA CE2 1 ? 
ATOM   691  C  CZ  . TYR A 1 80  ? -6.555  -1.735  -4.561  1.000 11.705 ? 119 TYR AAA CZ  1 ? 
ATOM   692  O  OH  . TYR A 1 80  ? -5.367  -1.585  -3.914  1.000 12.100 ? 119 TYR AAA OH  1 ? 
ATOM   693  N  N   . TRP A 1 81  ? -13.131 -3.131  -6.791  1.000 12.764 ? 120 TRP AAA N   1 ? 
ATOM   694  C  CA  . TRP A 1 81  ? -14.491 -2.707  -7.145  1.000 13.103 ? 120 TRP AAA CA  1 ? 
ATOM   695  C  C   . TRP A 1 81  ? -14.682 -1.201  -6.907  1.000 13.059 ? 120 TRP AAA C   1 ? 
ATOM   696  O  O   . TRP A 1 81  ? -15.433 -0.539  -7.648  1.000 13.540 ? 120 TRP AAA O   1 ? 
ATOM   697  C  CB  . TRP A 1 81  ? -15.551 -3.483  -6.330  1.000 13.842 ? 120 TRP AAA CB  1 ? 
ATOM   698  C  CG  . TRP A 1 81  ? -16.977 -3.168  -6.743  1.000 14.258 ? 120 TRP AAA CG  1 ? 
ATOM   699  C  CD1 . TRP A 1 81  ? -17.841 -2.305  -6.109  1.000 15.054 ? 120 TRP AAA CD1 1 ? 
ATOM   700  C  CD2 . TRP A 1 81  ? -17.661 -3.689  -7.887  1.000 13.082 ? 120 TRP AAA CD2 1 ? 
ATOM   701  N  NE1 . TRP A 1 81  ? -19.038 -2.326  -6.782  1.000 15.047 ? 120 TRP AAA NE1 1 ? 
ATOM   702  C  CE2 . TRP A 1 81  ? -18.956 -3.118  -7.881  1.000 14.442 ? 120 TRP AAA CE2 1 ? 
ATOM   703  C  CE3 . TRP A 1 81  ? -17.349 -4.600  -8.900  1.000 14.415 ? 120 TRP AAA CE3 1 ? 
ATOM   704  C  CZ2 . TRP A 1 81  ? -19.904 -3.424  -8.841  1.000 14.959 ? 120 TRP AAA CZ2 1 ? 
ATOM   705  C  CZ3 . TRP A 1 81  ? -18.291 -4.903  -9.869  1.000 13.217 ? 120 TRP AAA CZ3 1 ? 
ATOM   706  C  CH2 . TRP A 1 81  ? -19.569 -4.299  -9.837  1.000 14.421 ? 120 TRP AAA CH2 1 ? 
ATOM   707  N  N   . ASN A 1 82  ? -14.044 -0.641  -5.875  1.000 13.499 ? 121 ASN AAA N   1 ? 
ATOM   708  C  CA  . ASN A 1 82  ? -14.257 0.772   -5.592  1.000 13.235 ? 121 ASN AAA CA  1 ? 
ATOM   709  C  C   . ASN A 1 82  ? -13.004 1.412   -5.015  1.000 13.086 ? 121 ASN AAA C   1 ? 
ATOM   710  O  O   . ASN A 1 82  ? -12.015 0.737   -4.646  1.000 13.558 ? 121 ASN AAA O   1 ? 
ATOM   711  C  CB  . ASN A 1 82  ? -15.491 0.985   -4.686  1.000 13.157 ? 121 ASN AAA CB  1 ? 
ATOM   712  C  CG  . ASN A 1 82  ? -15.362 0.384   -3.307  1.000 12.867 ? 121 ASN AAA CG  1 ? 
ATOM   713  O  OD1 . ASN A 1 82  ? -14.244 0.355   -2.749  1.000 14.007 ? 121 ASN AAA OD1 1 ? 
ATOM   714  N  ND2 . ASN A 1 82  ? -16.436 -0.115  -2.712  1.000 14.546 ? 121 ASN AAA ND2 1 ? 
ATOM   715  N  N   . ALA A 1 83  ? -13.050 2.738   -4.912  1.000 12.861 ? 122 ALA AAA N   1 ? 
ATOM   716  C  CA  . ALA A 1 83  ? -11.911 3.487   -4.397  1.000 12.556 ? 122 ALA AAA CA  1 ? 
ATOM   717  C  C   . ALA A 1 83  ? -11.674 3.197   -2.927  1.000 12.948 ? 122 ALA AAA C   1 ? 
ATOM   718  O  O   . ALA A 1 83  ? -10.519 3.230   -2.500  1.000 12.614 ? 122 ALA AAA O   1 ? 
ATOM   719  C  CB  . ALA A 1 83  ? -12.161 4.973   -4.602  1.000 15.998 ? 122 ALA AAA CB  1 ? 
ATOM   720  N  N   . GLN A 1 84  ? -12.684 2.941   -2.125  1.000 12.310 ? 123 GLN AAA N   1 ? 
ATOM   721  C  CA  . GLN A 1 84  ? -12.509 2.704   -0.710  1.000 13.313 ? 123 GLN AAA CA  1 ? 
ATOM   722  C  C   . GLN A 1 84  ? -11.603 1.498   -0.484  1.000 11.099 ? 123 GLN AAA C   1 ? 
ATOM   723  O  O   . GLN A 1 84  ? -10.803 1.524   0.465   1.000 11.732 ? 123 GLN AAA O   1 ? 
ATOM   724  C  CB  . GLN A 1 84  ? -13.843 2.443   -0.004  1.000 15.005 ? 123 GLN AAA CB  1 ? 
ATOM   725  C  CG  . GLN A 1 84  ? -13.703 2.407   1.522   1.000 20.185 ? 123 GLN AAA CG  1 ? 
ATOM   726  C  CD  . GLN A 1 84  ? -12.779 3.513   2.020   0.500 21.608 ? 123 GLN AAA CD  1 ? 
ATOM   727  O  OE1 . GLN A 1 84  ? -12.988 4.693   1.731   0.500 24.694 ? 123 GLN AAA OE1 1 ? 
ATOM   728  N  NE2 . GLN A 1 84  ? -11.675 3.150   2.685   0.500 23.124 ? 123 GLN AAA NE2 1 ? 
ATOM   729  N  N   . GLU A 1 85  ? -11.716 0.438   -1.306  1.000 10.862 ? 124 GLU AAA N   1 ? 
ATOM   730  C  CA  . GLU A 1 85  ? -10.837 -0.709  -1.117  1.000 11.335 ? 124 GLU AAA CA  1 ? 
ATOM   731  C  C   . GLU A 1 85  ? -9.372  -0.297  -1.281  1.000 10.805 ? 124 GLU AAA C   1 ? 
ATOM   732  O  O   . GLU A 1 85  ? -8.482  -0.767  -0.549  1.000 11.390 ? 124 GLU AAA O   1 ? 
ATOM   733  C  CB  . GLU A 1 85  ? -11.148 -1.779  -2.171  1.000 11.276 ? 124 GLU AAA CB  1 ? 
ATOM   734  C  CG  . GLU A 1 85  ? -12.474 -2.530  -1.984  1.000 12.422 ? 124 GLU AAA CG  1 ? 
ATOM   735  C  CD  . GLU A 1 85  ? -12.514 -3.487  -3.206  1.000 14.144 ? 124 GLU AAA CD  1 ? 
ATOM   736  O  OE1 . GLU A 1 85  ? -12.082 -4.659  -3.111  1.000 18.575 ? 124 GLU AAA OE1 1 ? 
ATOM   737  O  OE2 . GLU A 1 85  ? -12.825 -3.055  -4.252  1.000 18.718 ? 124 GLU AAA OE2 1 ? 
ATOM   738  N  N   . CYS A 1 86  ? -9.094  0.555   -2.246  1.000 10.380 ? 125 CYS AAA N   1 ? 
ATOM   739  C  CA  . CYS A 1 86  ? -7.721  0.960   -2.508  1.000 11.311 ? 125 CYS AAA CA  1 ? 
ATOM   740  C  C   . CYS A 1 86  ? -7.227  1.931   -1.430  1.000 10.573 ? 125 CYS AAA C   1 ? 
ATOM   741  O  O   . CYS A 1 86  ? -6.090  1.790   -0.949  1.000 10.839 ? 125 CYS AAA O   1 ? 
ATOM   742  C  CB  . CYS A 1 86  ? -7.671  1.590   -3.895  1.000 11.554 ? 125 CYS AAA CB  1 ? 
ATOM   743  S  SG  . CYS A 1 86  ? -6.043  2.246   -4.347  1.000 12.558 ? 125 CYS AAA SG  1 ? 
ATOM   744  N  N   . ILE A 1 87  ? -8.047  2.909   -1.057  1.000 10.410 ? 126 ILE AAA N   1 ? 
ATOM   745  C  CA  . ILE A 1 87  ? -7.699  3.812   0.020   1.000 10.393 ? 126 ILE AAA CA  1 ? 
ATOM   746  C  C   . ILE A 1 87  ? -7.401  3.023   1.284   1.000 10.870 ? 126 ILE AAA C   1 ? 
ATOM   747  O  O   . ILE A 1 87  ? -6.451  3.338   2.031   1.000 12.010 ? 126 ILE AAA O   1 ? 
ATOM   748  C  CB  . ILE A 1 87  ? -8.821  4.831   0.201   1.000 11.602 ? 126 ILE AAA CB  1 ? 
ATOM   749  C  CG1 . ILE A 1 87  ? -8.868  5.789   -0.980  1.000 12.581 ? 126 ILE AAA CG1 1 ? 
ATOM   750  C  CG2 . ILE A 1 87  ? -8.664  5.604   1.502   1.000 12.990 ? 126 ILE AAA CG2 1 ? 
ATOM   751  C  CD1 . ILE A 1 87  ? -10.182 6.598   -1.079  1.000 13.751 ? 126 ILE AAA CD1 1 ? 
ATOM   752  N  N   . GLN A 1 88  ? -8.175  1.987   1.566   1.000 11.116 ? 127 GLN AAA N   1 ? 
ATOM   753  C  CA  . GLN A 1 88  ? -7.937  1.174   2.746   1.000 11.879 ? 127 GLN AAA CA  1 ? 
ATOM   754  C  C   . GLN A 1 88  ? -6.571  0.492   2.636   1.000 9.930  ? 127 GLN AAA C   1 ? 
ATOM   755  O  O   . GLN A 1 88  ? -5.894  0.373   3.654   1.000 11.012 ? 127 GLN AAA O   1 ? 
ATOM   756  C  CB  . GLN A 1 88  ? -9.020  0.096   2.905   1.000 13.827 ? 127 GLN AAA CB  1 ? 
ATOM   757  C  CG  . GLN A 1 88  ? -8.733  -0.888  4.038   1.000 19.630 ? 127 GLN AAA CG  1 ? 
ATOM   758  C  CD  . GLN A 1 88  ? -8.689  -0.168  5.364   1.000 24.696 ? 127 GLN AAA CD  1 ? 
ATOM   759  O  OE1 . GLN A 1 88  ? -7.629  0.046   5.982   1.000 28.134 ? 127 GLN AAA OE1 1 ? 
ATOM   760  N  NE2 . GLN A 1 88  ? -9.850  0.311   5.776   1.000 27.483 ? 127 GLN AAA NE2 1 ? 
ATOM   761  N  N   . ASP A 1 89  ? -6.166  0.036   1.456   1.000 10.079 ? 128 ASP AAA N   1 ? 
ATOM   762  C  CA  . ASP A 1 89  ? -4.830  -0.547  1.272   1.000 9.758  ? 128 ASP AAA CA  1 ? 
ATOM   763  C  C   . ASP A 1 89  ? -3.749  0.459   1.627   1.000 9.474  ? 128 ASP AAA C   1 ? 
ATOM   764  O  O   . ASP A 1 89  ? -2.801  0.117   2.337   1.000 10.281 ? 128 ASP AAA O   1 ? 
ATOM   765  C  CB  . ASP A 1 89  ? -4.652  -1.117  -0.129  1.000 10.102 ? 128 ASP AAA CB  1 ? 
ATOM   766  C  CG  . ASP A 1 89  ? -5.413  -2.431  -0.388  1.000 10.564 ? 128 ASP AAA CG  1 ? 
ATOM   767  O  OD1 . ASP A 1 89  ? -5.836  -3.066  0.586   1.000 12.007 ? 128 ASP AAA OD1 1 ? 
ATOM   768  O  OD2 . ASP A 1 89  ? -5.530  -2.740  -1.583  1.000 11.176 ? 128 ASP AAA OD2 1 ? 
ATOM   769  N  N   . PHE A 1 90  ? -3.838  1.689   1.119   1.000 9.465  ? 129 PHE AAA N   1 ? 
ATOM   770  C  CA  . PHE A 1 90  ? -2.882  2.715   1.527   1.000 9.969  ? 129 PHE AAA CA  1 ? 
ATOM   771  C  C   . PHE A 1 90  ? -2.864  2.906   3.046   1.000 10.381 ? 129 PHE AAA C   1 ? 
ATOM   772  O  O   . PHE A 1 90  ? -1.791  2.981   3.655   1.000 10.758 ? 129 PHE AAA O   1 ? 
ATOM   773  C  CB  . PHE A 1 90  ? -3.143  4.034   0.813   1.000 11.225 ? 129 PHE AAA CB  1 ? 
ATOM   774  C  CG  . PHE A 1 90  ? -2.619  4.131   -0.589  1.000 10.687 ? 129 PHE AAA CG  1 ? 
ATOM   775  C  CD1 . PHE A 1 90  ? -1.274  4.409   -0.824  1.000 11.818 ? 129 PHE AAA CD1 1 ? 
ATOM   776  C  CD2 . PHE A 1 90  ? -3.479  3.991   -1.667  1.000 11.409 ? 129 PHE AAA CD2 1 ? 
ATOM   777  C  CE1 . PHE A 1 90  ? -0.804  4.515   -2.125  1.000 12.067 ? 129 PHE AAA CE1 1 ? 
ATOM   778  C  CE2 . PHE A 1 90  ? -2.998  4.107   -2.971  1.000 12.205 ? 129 PHE AAA CE2 1 ? 
ATOM   779  C  CZ  . PHE A 1 90  ? -1.655  4.392   -3.192  1.000 13.222 ? 129 PHE AAA CZ  1 ? 
ATOM   780  N  N   . ASN A 1 91  ? -4.033  3.033   3.649   1.000 10.660 ? 130 ASN AAA N   1 ? 
ATOM   781  C  CA  . ASN A 1 91  ? -4.066  3.284   5.072   1.000 11.653 ? 130 ASN AAA CA  1 ? 
ATOM   782  C  C   . ASN A 1 91  ? -3.465  2.107   5.833   1.000 12.114 ? 130 ASN AAA C   1 ? 
ATOM   783  O  O   . ASN A 1 91  ? -2.810  2.310   6.865   1.000 12.271 ? 130 ASN AAA O   1 ? 
ATOM   784  C  CB  . ASN A 1 91  ? -5.483  3.630   5.534   1.000 13.749 ? 130 ASN AAA CB  1 ? 
ATOM   785  C  CG  . ASN A 1 91  ? -5.871  5.035   5.065   1.000 18.445 ? 130 ASN AAA CG  1 ? 
ATOM   786  O  OD1 . ASN A 1 91  ? -5.014  5.914   4.982   1.000 25.362 ? 130 ASN AAA OD1 1 ? 
ATOM   787  N  ND2 . ASN A 1 91  ? -7.122  5.241   4.745   1.000 23.125 ? 130 ASN AAA ND2 1 ? 
ATOM   788  N  N   . THR A 1 92  ? -3.737  0.880   5.394   1.000 11.149 ? 131 THR AAA N   1 ? 
ATOM   789  C  CA  . THR A 1 92  ? -3.149  -0.286  6.045   1.000 12.101 ? 131 THR AAA CA  1 ? 
ATOM   790  C  C   . THR A 1 92  ? -1.624  -0.187  5.977   1.000 10.797 ? 131 THR AAA C   1 ? 
ATOM   791  O  O   . THR A 1 92  ? -0.934  -0.477  6.971   1.000 11.083 ? 131 THR AAA O   1 ? 
ATOM   792  C  CB  . THR A 1 92  ? -3.628  -1.565  5.373   1.000 11.732 ? 131 THR AAA CB  1 ? 
ATOM   793  O  OG1 . THR A 1 92  ? -5.023  -1.658  5.607   1.000 14.198 ? 131 THR AAA OG1 1 ? 
ATOM   794  C  CG2 . THR A 1 92  ? -2.943  -2.830  5.862   1.000 12.613 ? 131 THR AAA CG2 1 ? 
ATOM   795  N  N   . MET A 1 93  ? -1.071  0.136   4.798   1.000 10.426 ? 132 MET AAA N   1 ? 
ATOM   796  C  CA  . MET A 1 93  ? 0.375   0.254   4.647   1.000 11.412 ? 132 MET AAA CA  1 ? 
ATOM   797  C  C   . MET A 1 93  ? 0.963   1.275   5.627   1.000 10.652 ? 132 MET AAA C   1 ? 
ATOM   798  O  O   . MET A 1 93  ? 1.952   0.997   6.339   1.000 10.753 ? 132 MET AAA O   1 ? 
ATOM   799  C  CB  . MET A 1 93  ? 0.676   0.680   3.222   1.000 10.789 ? 132 MET AAA CB  1 ? 
ATOM   800  C  CG  . MET A 1 93  ? 2.159   0.895   2.968   1.000 11.918 ? 132 MET AAA CG  1 ? 
ATOM   801  S  SD  . MET A 1 93  ? 2.469   1.506   1.282   1.000 11.352 ? 132 MET AAA SD  1 ? 
ATOM   802  C  CE  . MET A 1 93  ? 2.087   3.241   1.496   1.000 13.304 ? 132 MET AAA CE  1 ? 
ATOM   803  N  N   . PHE A 1 94  ? 0.304   2.437   5.742   1.000 10.618 ? 133 PHE AAA N   1 ? 
ATOM   804  C  CA  . PHE A 1 94  ? 0.832   3.436   6.684   1.000 11.069 ? 133 PHE AAA CA  1 ? 
ATOM   805  C  C   . PHE A 1 94  ? 0.708   2.936   8.123   1.000 11.131 ? 133 PHE AAA C   1 ? 
ATOM   806  O  O   . PHE A 1 94  ? 1.667   3.069   8.909   1.000 11.568 ? 133 PHE AAA O   1 ? 
ATOM   807  C  CB  . PHE A 1 94  ? 0.121   4.785   6.536   1.000 11.940 ? 133 PHE AAA CB  1 ? 
ATOM   808  C  CG  . PHE A 1 94  ? 0.338   5.444   5.197   1.000 11.913 ? 133 PHE AAA CG  1 ? 
ATOM   809  C  CD1 . PHE A 1 94  ? 1.624   5.609   4.743   1.000 14.228 ? 133 PHE AAA CD1 1 ? 
ATOM   810  C  CD2 . PHE A 1 94  ? -0.722  5.881   4.386   1.000 12.690 ? 133 PHE AAA CD2 1 ? 
ATOM   811  C  CE1 . PHE A 1 94  ? 1.862   6.235   3.533   1.000 15.709 ? 133 PHE AAA CE1 1 ? 
ATOM   812  C  CE2 . PHE A 1 94  ? -0.454  6.459   3.144   1.000 14.324 ? 133 PHE AAA CE2 1 ? 
ATOM   813  C  CZ  . PHE A 1 94  ? 0.838   6.654   2.734   1.000 15.121 ? 133 PHE AAA CZ  1 ? 
ATOM   814  N  N   . THR A 1 95  ? -0.458  2.409   8.492   1.000 11.954 ? 134 THR AAA N   1 ? 
ATOM   815  C  CA  A THR A 1 95  ? -0.618  1.991   9.868   0.500 13.737 ? 134 THR AAA CA  1 ? 
ATOM   816  C  CA  B THR A 1 95  ? -0.691  1.902   9.836   0.500 12.433 ? 134 THR AAA CA  1 ? 
ATOM   817  C  C   . THR A 1 95  ? 0.348   0.858   10.213  1.000 12.559 ? 134 THR AAA C   1 ? 
ATOM   818  O  O   . THR A 1 95  ? 0.855   0.841   11.336  1.000 13.622 ? 134 THR AAA O   1 ? 
ATOM   819  C  CB  A THR A 1 95  ? -2.093  1.829   10.229  0.500 14.616 ? 134 THR AAA CB  1 ? 
ATOM   820  C  CB  B THR A 1 95  ? -2.075  1.258   9.970   0.500 11.723 ? 134 THR AAA CB  1 ? 
ATOM   821  O  OG1 A THR A 1 95  ? -2.542  0.877   9.276   0.500 22.170 ? 134 THR AAA OG1 1 ? 
ATOM   822  O  OG1 B THR A 1 95  ? -2.960  2.344   9.740   0.500 12.761 ? 134 THR AAA OG1 1 ? 
ATOM   823  C  CG2 A THR A 1 95  ? -2.845  3.129   10.067  0.500 15.272 ? 134 THR AAA CG2 1 ? 
ATOM   824  C  CG2 B THR A 1 95  ? -2.347  0.701   11.347  0.500 12.851 ? 134 THR AAA CG2 1 ? 
ATOM   825  N  N   . ASN A 1 96  ? 0.620   -0.081  9.327   1.000 12.325 ? 135 ASN AAA N   1 ? 
ATOM   826  C  CA  . ASN A 1 96  ? 1.599   -1.103  9.618   1.000 12.505 ? 135 ASN AAA CA  1 ? 
ATOM   827  C  C   . ASN A 1 96  ? 2.931   -0.502  10.033  1.000 11.938 ? 135 ASN AAA C   1 ? 
ATOM   828  O  O   . ASN A 1 96  ? 3.573   -0.973  10.979  1.000 12.489 ? 135 ASN AAA O   1 ? 
ATOM   829  C  CB  . ASN A 1 96  ? 1.815   -1.996  8.411   1.000 13.661 ? 135 ASN AAA CB  1 ? 
ATOM   830  C  CG  . ASN A 1 96  ? 0.633   -2.898  8.052   1.000 13.949 ? 135 ASN AAA CG  1 ? 
ATOM   831  O  OD1 . ASN A 1 96  ? -0.266  -3.055  8.856   1.000 16.076 ? 135 ASN AAA OD1 1 ? 
ATOM   832  N  ND2 . ASN A 1 96  ? 0.706   -3.393  6.853   1.000 17.842 ? 135 ASN AAA ND2 1 ? 
ATOM   833  N  N   . CYS A 1 97  ? 3.337   0.519   9.297   1.000 10.968 ? 136 CYS AAA N   1 ? 
ATOM   834  C  CA  . CYS A 1 97  ? 4.619   1.170   9.558   1.000 10.688 ? 136 CYS AAA CA  1 ? 
ATOM   835  C  C   . CYS A 1 97  ? 4.611   1.803   10.955  1.000 10.359 ? 136 CYS AAA C   1 ? 
ATOM   836  O  O   . CYS A 1 97  ? 5.559   1.653   11.727  1.000 11.180 ? 136 CYS AAA O   1 ? 
ATOM   837  C  CB  . CYS A 1 97  ? 4.860   2.204   8.476   1.000 11.744 ? 136 CYS AAA CB  1 ? 
ATOM   838  S  SG  . CYS A 1 97  ? 6.457   3.012   8.612   1.000 13.484 ? 136 CYS AAA SG  1 ? 
ATOM   839  N  N   . TYR A 1 98  ? 3.507   2.471   11.289  1.000 10.502 ? 137 TYR AAA N   1 ? 
ATOM   840  C  CA  . TYR A 1 98  ? 3.411   3.185   12.544  1.000 11.955 ? 137 TYR AAA CA  1 ? 
ATOM   841  C  C   . TYR A 1 98  ? 3.295   2.212   13.712  1.000 12.999 ? 137 TYR AAA C   1 ? 
ATOM   842  O  O   . TYR A 1 98  ? 3.743   2.551   14.827  1.000 14.776 ? 137 TYR AAA O   1 ? 
ATOM   843  C  CB  . TYR A 1 98  ? 2.242   4.171   12.548  1.000 12.153 ? 137 TYR AAA CB  1 ? 
ATOM   844  C  CG  . TYR A 1 98  ? 2.303   5.149   11.402  1.000 11.569 ? 137 TYR AAA CG  1 ? 
ATOM   845  C  CD1 . TYR A 1 98  ? 3.507   5.622   10.902  1.000 11.661 ? 137 TYR AAA CD1 1 ? 
ATOM   846  C  CD2 . TYR A 1 98  ? 1.130   5.614   10.841  1.000 12.198 ? 137 TYR AAA CD2 1 ? 
ATOM   847  C  CE1 . TYR A 1 98  ? 3.539   6.553   9.875   1.000 12.676 ? 137 TYR AAA CE1 1 ? 
ATOM   848  C  CE2 . TYR A 1 98  ? 1.138   6.546   9.826   1.000 12.720 ? 137 TYR AAA CE2 1 ? 
ATOM   849  C  CZ  . TYR A 1 98  ? 2.344   6.997   9.329   1.000 12.724 ? 137 TYR AAA CZ  1 ? 
ATOM   850  O  OH  . TYR A 1 98  ? 2.412   7.917   8.307   1.000 15.744 ? 137 TYR AAA OH  1 ? 
ATOM   851  N  N   . ILE A 1 99  ? 2.714   1.035   13.518  1.000 12.279 ? 138 ILE AAA N   1 ? 
ATOM   852  C  CA  . ILE A 1 99  ? 2.580   0.038   14.583  1.000 13.411 ? 138 ILE AAA CA  1 ? 
ATOM   853  C  C   . ILE A 1 99  ? 3.918   -0.648  14.780  1.000 12.959 ? 138 ILE AAA C   1 ? 
ATOM   854  O  O   . ILE A 1 99  ? 4.302   -0.880  15.939  1.000 15.526 ? 138 ILE AAA O   1 ? 
ATOM   855  C  CB  . ILE A 1 99  ? 1.472   -0.973  14.202  1.000 15.226 ? 138 ILE AAA CB  1 ? 
ATOM   856  C  CG1 . ILE A 1 99  ? 0.122   -0.274  14.357  1.000 18.450 ? 138 ILE AAA CG1 1 ? 
ATOM   857  C  CG2 . ILE A 1 99  ? 1.560   -2.286  15.005  1.000 17.313 ? 138 ILE AAA CG2 1 ? 
ATOM   858  C  CD1 . ILE A 1 99  ? -1.070  -1.058  13.943  1.000 22.733 ? 138 ILE AAA CD1 1 ? 
ATOM   859  N  N   . TYR A 1 100 ? 4.623   -1.029  13.722  1.000 12.345 ? 139 TYR AAA N   1 ? 
ATOM   860  C  CA  . TYR A 1 100 ? 5.808   -1.847  13.893  1.000 12.488 ? 139 TYR AAA CA  1 ? 
ATOM   861  C  C   . TYR A 1 100 ? 6.999   -1.035  14.398  1.000 12.608 ? 139 TYR AAA C   1 ? 
ATOM   862  O  O   . TYR A 1 100 ? 7.831   -1.581  15.151  1.000 13.637 ? 139 TYR AAA O   1 ? 
ATOM   863  C  CB  . TYR A 1 100 ? 6.179   -2.573  12.593  1.000 13.116 ? 139 TYR AAA CB  1 ? 
ATOM   864  C  CG  . TYR A 1 100 ? 7.336   -3.515  12.766  1.000 12.211 ? 139 TYR AAA CG  1 ? 
ATOM   865  C  CD1 . TYR A 1 100 ? 7.149   -4.747  13.386  1.000 12.700 ? 139 TYR AAA CD1 1 ? 
ATOM   866  C  CD2 . TYR A 1 100 ? 8.609   -3.157  12.373  1.000 13.382 ? 139 TYR AAA CD2 1 ? 
ATOM   867  C  CE1 . TYR A 1 100 ? 8.229   -5.567  13.648  1.000 13.873 ? 139 TYR AAA CE1 1 ? 
ATOM   868  C  CE2 . TYR A 1 100 ? 9.683   -4.003  12.578  1.000 13.719 ? 139 TYR AAA CE2 1 ? 
ATOM   869  C  CZ  . TYR A 1 100 ? 9.503   -5.210  13.254  1.000 13.921 ? 139 TYR AAA CZ  1 ? 
ATOM   870  O  OH  . TYR A 1 100 ? 10.581  -6.052  13.481  1.000 16.142 ? 139 TYR AAA OH  1 ? 
ATOM   871  N  N   . ASN A 1 101 ? 7.121   0.212   13.960  1.000 12.633 ? 140 ASN AAA N   1 ? 
ATOM   872  C  CA  . ASN A 1 101 ? 8.350   0.974   14.154  1.000 12.932 ? 140 ASN AAA CA  1 ? 
ATOM   873  C  C   . ASN A 1 101 ? 8.159   2.002   15.263  1.000 13.845 ? 140 ASN AAA C   1 ? 
ATOM   874  O  O   . ASN A 1 101 ? 7.060   2.478   15.529  1.000 17.201 ? 140 ASN AAA O   1 ? 
ATOM   875  C  CB  . ASN A 1 101 ? 8.768   1.652   12.845  1.000 12.164 ? 140 ASN AAA CB  1 ? 
ATOM   876  C  CG  . ASN A 1 101 ? 9.033   0.630   11.784  1.000 11.788 ? 140 ASN AAA CG  1 ? 
ATOM   877  O  OD1 . ASN A 1 101 ? 10.103  0.031   11.739  1.000 13.645 ? 140 ASN AAA OD1 1 ? 
ATOM   878  N  ND2 . ASN A 1 101 ? 8.092   0.456   10.878  1.000 12.603 ? 140 ASN AAA ND2 1 ? 
ATOM   879  N  N   . LYS A 1 102 ? 9.255   2.477   15.833  1.000 15.713 ? 141 LYS AAA N   1 ? 
ATOM   880  C  CA  . LYS A 1 102 ? 9.227   3.502   16.875  1.000 16.863 ? 141 LYS AAA CA  1 ? 
ATOM   881  C  C   . LYS A 1 102 ? 8.926   4.864   16.258  1.000 16.023 ? 141 LYS AAA C   1 ? 
ATOM   882  O  O   . LYS A 1 102 ? 9.405   5.199   15.169  1.000 15.797 ? 141 LYS AAA O   1 ? 
ATOM   883  C  CB  . LYS A 1 102 ? 10.604  3.551   17.560  1.000 18.774 ? 141 LYS AAA CB  1 ? 
ATOM   884  C  CG  . LYS A 1 102 ? 10.934  2.329   18.415  1.000 25.835 ? 141 LYS AAA CG  1 ? 
ATOM   885  C  CD  . LYS A 1 102 ? 12.277  2.383   19.107  0.500 25.355 ? 141 LYS AAA CD  1 ? 
ATOM   886  C  CE  . LYS A 1 102 ? 13.367  1.752   18.272  0.500 30.684 ? 141 LYS AAA CE  1 ? 
ATOM   887  N  NZ  . LYS A 1 102 ? 14.390  1.135   19.140  1.000 37.625 ? 141 LYS AAA NZ  1 ? 
ATOM   888  N  N   . PRO A 1 103 ? 8.171   5.755   16.934  1.000 16.140 ? 142 PRO AAA N   1 ? 
ATOM   889  C  CA  . PRO A 1 103 ? 7.887   7.076   16.384  1.000 17.115 ? 142 PRO AAA CA  1 ? 
ATOM   890  C  C   . PRO A 1 103 ? 9.191   7.821   16.136  1.000 18.817 ? 142 PRO AAA C   1 ? 
ATOM   891  O  O   . PRO A 1 103 ? 10.154  7.669   16.869  1.000 21.102 ? 142 PRO AAA O   1 ? 
ATOM   892  C  CB  . PRO A 1 103 ? 7.051   7.771   17.477  1.000 19.795 ? 142 PRO AAA CB  1 ? 
ATOM   893  C  CG  . PRO A 1 103 ? 7.311   6.964   18.716  1.000 22.744 ? 142 PRO AAA CG  1 ? 
ATOM   894  C  CD  . PRO A 1 103 ? 7.508   5.540   18.244  1.000 16.815 ? 142 PRO AAA CD  1 ? 
ATOM   895  N  N   . GLY A 1 104 ? 9.263   8.582   15.051  1.000 22.905 ? 143 GLY AAA N   1 ? 
ATOM   896  C  CA  . GLY A 1 104 ? 10.567  9.201   14.846  1.000 22.043 ? 143 GLY AAA CA  1 ? 
ATOM   897  C  C   . GLY A 1 104 ? 11.678  8.322   14.219  1.000 21.651 ? 143 GLY AAA C   1 ? 
ATOM   898  O  O   . GLY A 1 104 ? 12.690  8.904   13.787  1.000 22.233 ? 143 GLY AAA O   1 ? 
ATOM   899  N  N   . ASP A 1 105 ? 11.552  6.971   14.134  1.000 17.786 ? 144 ASP AAA N   1 ? 
ATOM   900  C  CA  . ASP A 1 105 ? 12.424  6.205   13.257  1.000 16.698 ? 144 ASP AAA CA  1 ? 
ATOM   901  C  C   . ASP A 1 105 ? 12.366  6.725   11.812  1.000 14.575 ? 144 ASP AAA C   1 ? 
ATOM   902  O  O   . ASP A 1 105 ? 11.343  7.261   11.365  1.000 13.554 ? 144 ASP AAA O   1 ? 
ATOM   903  C  CB  . ASP A 1 105 ? 12.035  4.720   13.182  1.000 18.210 ? 144 ASP AAA CB  1 ? 
ATOM   904  C  CG  . ASP A 1 105 ? 12.415  3.819   14.349  1.000 21.461 ? 144 ASP AAA CG  1 ? 
ATOM   905  O  OD1 . ASP A 1 105 ? 13.106  4.307   15.251  1.000 25.601 ? 144 ASP AAA OD1 1 ? 
ATOM   906  O  OD2 . ASP A 1 105 ? 11.990  2.647   14.335  1.000 22.691 ? 144 ASP AAA OD2 1 ? 
ATOM   907  N  N   . ASP A 1 106 ? 13.464  6.588   11.059  1.000 13.747 ? 145 ASP AAA N   1 ? 
ATOM   908  C  CA  . ASP A 1 106 ? 13.492  7.104   9.705   1.000 13.317 ? 145 ASP AAA CA  1 ? 
ATOM   909  C  C   . ASP A 1 106 ? 12.310  6.574   8.896   1.000 12.142 ? 145 ASP AAA C   1 ? 
ATOM   910  O  O   . ASP A 1 106 ? 11.708  7.342   8.148   1.000 12.352 ? 145 ASP AAA O   1 ? 
ATOM   911  C  CB  . ASP A 1 106 ? 14.792  6.692   9.016   1.000 13.476 ? 145 ASP AAA CB  1 ? 
ATOM   912  C  CG  . ASP A 1 106 ? 15.985  7.553   9.428   1.000 14.595 ? 145 ASP AAA CG  1 ? 
ATOM   913  O  OD1 . ASP A 1 106 ? 15.814  8.608   10.005  1.000 14.784 ? 145 ASP AAA OD1 1 ? 
ATOM   914  O  OD2 . ASP A 1 106 ? 17.097  7.095   9.125   1.000 16.165 ? 145 ASP AAA OD2 1 ? 
ATOM   915  N  N   . ILE A 1 107 ? 12.011  5.283   8.983   1.000 11.693 ? 146 ILE AAA N   1 ? 
ATOM   916  C  CA  . ILE A 1 107 ? 10.935  4.764   8.136   1.000 12.461 ? 146 ILE AAA CA  1 ? 
ATOM   917  C  C   . ILE A 1 107 ? 9.575   5.430   8.469   1.000 11.011 ? 146 ILE AAA C   1 ? 
ATOM   918  O  O   . ILE A 1 107 ? 8.748   5.615   7.575   1.000 11.080 ? 146 ILE AAA O   1 ? 
ATOM   919  C  CB  . ILE A 1 107 ? 10.884  3.233   8.250   1.000 13.439 ? 146 ILE AAA CB  1 ? 
ATOM   920  C  CG1 . ILE A 1 107 ? 9.983   2.614   7.184   1.000 15.833 ? 146 ILE AAA CG1 1 ? 
ATOM   921  C  CG2 . ILE A 1 107 ? 10.477  2.741   9.628   1.000 13.742 ? 146 ILE AAA CG2 1 ? 
ATOM   922  C  CD1 . ILE A 1 107 ? 10.479  2.733   5.797   1.000 16.941 ? 146 ILE AAA CD1 1 ? 
ATOM   923  N  N   . VAL A 1 108 ? 9.367   5.766   9.750   1.000 11.020 ? 147 VAL AAA N   1 ? 
ATOM   924  C  CA  . VAL A 1 108 ? 8.144   6.450   10.131  1.000 10.781 ? 147 VAL AAA CA  1 ? 
ATOM   925  C  C   . VAL A 1 108 ? 8.129   7.847   9.527   1.000 10.994 ? 147 VAL AAA C   1 ? 
ATOM   926  O  O   . VAL A 1 108 ? 7.084   8.299   9.059   1.000 11.813 ? 147 VAL AAA O   1 ? 
ATOM   927  C  CB  . VAL A 1 108 ? 8.019   6.476   11.652  1.000 11.356 ? 147 VAL AAA CB  1 ? 
ATOM   928  C  CG1 . VAL A 1 108 ? 6.870   7.378   12.094  1.000 12.280 ? 147 VAL AAA CG1 1 ? 
ATOM   929  C  CG2 . VAL A 1 108 ? 7.830   5.064   12.175  1.000 12.505 ? 147 VAL AAA CG2 1 ? 
ATOM   930  N  N   . LEU A 1 109 ? 9.254   8.591   9.612   1.000 11.486 ? 148 LEU AAA N   1 ? 
ATOM   931  C  CA  . LEU A 1 109 ? 9.263   9.916   8.977   1.000 11.889 ? 148 LEU AAA CA  1 ? 
ATOM   932  C  C   . LEU A 1 109 ? 8.983   9.804   7.482   1.000 12.004 ? 148 LEU AAA C   1 ? 
ATOM   933  O  O   . LEU A 1 109 ? 8.327   10.663  6.893   1.000 12.101 ? 148 LEU AAA O   1 ? 
ATOM   934  C  CB  . LEU A 1 109 ? 10.633  10.578  9.186   1.000 13.789 ? 148 LEU AAA CB  1 ? 
ATOM   935  C  CG  . LEU A 1 109 ? 10.982  10.863  10.648  1.000 16.767 ? 148 LEU AAA CG  1 ? 
ATOM   936  C  CD1 . LEU A 1 109 ? 12.467  11.200  10.776  1.000 19.620 ? 148 LEU AAA CD1 1 ? 
ATOM   937  C  CD2 . LEU A 1 109 ? 10.125  12.007  11.159  1.000 21.820 ? 148 LEU AAA CD2 1 ? 
ATOM   938  N  N   . MET A 1 110 ? 9.491   8.735   6.848   1.000 11.464 ? 149 MET AAA N   1 ? 
ATOM   939  C  CA  . MET A 1 110 ? 9.262   8.534   5.421   1.000 11.350 ? 149 MET AAA CA  1 ? 
ATOM   940  C  C   . MET A 1 110 ? 7.791   8.284   5.121   1.000 11.200 ? 149 MET AAA C   1 ? 
ATOM   941  O  O   . MET A 1 110 ? 7.198   8.915   4.244   1.000 11.390 ? 149 MET AAA O   1 ? 
ATOM   942  C  CB  . MET A 1 110 ? 10.143  7.389   4.922   1.000 10.962 ? 149 MET AAA CB  1 ? 
ATOM   943  C  CG  . MET A 1 110 ? 11.636  7.736   5.040   1.000 11.932 ? 149 MET AAA CG  1 ? 
ATOM   944  S  SD  . MET A 1 110 ? 12.750  6.347   4.801   1.000 13.095 ? 149 MET AAA SD  1 ? 
ATOM   945  C  CE  . MET A 1 110 ? 12.813  6.389   3.032   1.000 15.025 ? 149 MET AAA CE  1 ? 
ATOM   946  N  N   . ALA A 1 111 ? 7.217   7.391   5.908   1.000 10.831 ? 150 ALA AAA N   1 ? 
ATOM   947  C  CA  . ALA A 1 111 ? 5.800   7.121   5.776   1.000 10.599 ? 150 ALA AAA CA  1 ? 
ATOM   948  C  C   . ALA A 1 111 ? 4.981   8.386   5.991   1.000 11.466 ? 150 ALA AAA C   1 ? 
ATOM   949  O  O   . ALA A 1 111 ? 3.989   8.610   5.299   1.000 12.170 ? 150 ALA AAA O   1 ? 
ATOM   950  C  CB  . ALA A 1 111 ? 5.364   6.023   6.742   1.000 11.243 ? 150 ALA AAA CB  1 ? 
ATOM   951  N  N   . GLU A 1 112 ? 5.316   9.163   7.010   1.000 11.795 ? 151 GLU AAA N   1 ? 
ATOM   952  C  CA  . GLU A 1 112 ? 4.534   10.350  7.275   1.000 12.930 ? 151 GLU AAA CA  1 ? 
ATOM   953  C  C   . GLU A 1 112 ? 4.584   11.345  6.127   1.000 12.345 ? 151 GLU AAA C   1 ? 
ATOM   954  O  O   . GLU A 1 112 ? 3.574   12.003  5.869   1.000 13.261 ? 151 GLU AAA O   1 ? 
ATOM   955  C  CB  . GLU A 1 112 ? 5.052   11.046  8.525   1.000 14.327 ? 151 GLU AAA CB  1 ? 
ATOM   956  C  CG  . GLU A 1 112 ? 4.649   10.297  9.757   1.000 17.470 ? 151 GLU AAA CG  1 ? 
ATOM   957  C  CD  . GLU A 1 112 ? 5.186   10.799  11.079  1.000 21.823 ? 151 GLU AAA CD  1 ? 
ATOM   958  O  OE1 . GLU A 1 112 ? 6.242   11.438  11.066  1.000 24.188 ? 151 GLU AAA OE1 1 ? 
ATOM   959  O  OE2 . GLU A 1 112 ? 4.561   10.481  12.122  1.000 28.234 ? 151 GLU AAA OE2 1 ? 
ATOM   960  N  N   . ALA A 1 113 ? 5.732   11.473  5.430   1.000 12.464 ? 152 ALA AAA N   1 ? 
ATOM   961  C  CA  . ALA A 1 113 ? 5.807   12.357  4.274   1.000 13.018 ? 152 ALA AAA CA  1 ? 
ATOM   962  C  C   . ALA A 1 113 ? 4.904   11.857  3.154   1.000 13.072 ? 152 ALA AAA C   1 ? 
ATOM   963  O  O   . ALA A 1 113 ? 4.230   12.656  2.493   1.000 12.768 ? 152 ALA AAA O   1 ? 
ATOM   964  C  CB  . ALA A 1 113 ? 7.243   12.479  3.831   1.000 12.995 ? 152 ALA AAA CB  1 ? 
ATOM   965  N  N   . LEU A 1 114 ? 4.932   10.537  2.874   1.000 11.717 ? 153 LEU AAA N   1 ? 
ATOM   966  C  CA  . LEU A 1 114 ? 4.015   9.989   1.870   1.000 11.986 ? 153 LEU AAA CA  1 ? 
ATOM   967  C  C   . LEU A 1 114 ? 2.552   10.138  2.271   1.000 11.143 ? 153 LEU AAA C   1 ? 
ATOM   968  O  O   . LEU A 1 114 ? 1.726   10.440  1.398   1.000 11.613 ? 153 LEU AAA O   1 ? 
ATOM   969  C  CB  . LEU A 1 114 ? 4.310   8.507   1.639   1.000 12.570 ? 153 LEU AAA CB  1 ? 
ATOM   970  C  CG  . LEU A 1 114 ? 5.719   8.179   1.147   1.000 16.578 ? 153 LEU AAA CG  1 ? 
ATOM   971  C  CD1 . LEU A 1 114 ? 6.026   6.710   1.176   1.000 18.164 ? 153 LEU AAA CD1 1 ? 
ATOM   972  C  CD2 . LEU A 1 114 ? 5.973   8.735   -0.231  1.000 18.415 ? 153 LEU AAA CD2 1 ? 
ATOM   973  N  N   . GLU A 1 115 ? 2.249   9.962   3.555   1.000 11.111 ? 154 GLU AAA N   1 ? 
ATOM   974  C  CA  . GLU A 1 115 ? 0.867   10.074  4.016   1.000 12.326 ? 154 GLU AAA CA  1 ? 
ATOM   975  C  C   . GLU A 1 115 ? 0.354   11.501  3.876   1.000 12.318 ? 154 GLU AAA C   1 ? 
ATOM   976  O  O   . GLU A 1 115 ? -0.805  11.707  3.527   1.000 12.391 ? 154 GLU AAA O   1 ? 
ATOM   977  C  CB  . GLU A 1 115 ? 0.739   9.570   5.441   1.000 12.769 ? 154 GLU AAA CB  1 ? 
ATOM   978  C  CG  . GLU A 1 115 ? -0.728  9.493   5.875   1.000 14.766 ? 154 GLU AAA CG  1 ? 
ATOM   979  C  CD  . GLU A 1 115 ? -0.892  9.060   7.297   1.000 18.427 ? 154 GLU AAA CD  1 ? 
ATOM   980  O  OE1 . GLU A 1 115 ? 0.046   9.155   8.083   1.000 17.370 ? 154 GLU AAA OE1 1 ? 
ATOM   981  O  OE2 . GLU A 1 115 ? -2.075  8.706   7.613   1.000 23.278 ? 154 GLU AAA OE2 1 ? 
ATOM   982  N  N   . LYS A 1 116 ? 1.213   12.479  4.142   1.000 11.824 ? 155 LYS AAA N   1 ? 
ATOM   983  C  CA  . LYS A 1 116 ? 0.764   13.855  3.986   1.000 13.085 ? 155 LYS AAA CA  1 ? 
ATOM   984  C  C   . LYS A 1 116 ? 0.383   14.112  2.531   1.000 12.789 ? 155 LYS AAA C   1 ? 
ATOM   985  O  O   . LYS A 1 116 ? -0.627  14.762  2.247   1.000 13.123 ? 155 LYS AAA O   1 ? 
ATOM   986  C  CB  . LYS A 1 116 ? 1.898   14.769  4.444   1.000 14.598 ? 155 LYS AAA CB  1 ? 
ATOM   987  C  CG  . LYS A 1 116 ? 1.576   16.248  4.239   1.000 17.211 ? 155 LYS AAA CG  1 ? 
ATOM   988  C  CD  . LYS A 1 116 ? 2.614   17.128  4.869   1.000 20.159 ? 155 LYS AAA CD  1 ? 
ATOM   989  C  CE  . LYS A 1 116 ? 2.172   18.578  4.935   1.000 23.817 ? 155 LYS AAA CE  1 ? 
ATOM   990  N  NZ  . LYS A 1 116 ? 3.293   19.442  5.362   1.000 33.650 ? 155 LYS AAA NZ  1 ? 
ATOM   991  N  N   . LEU A 1 117 ? 1.178   13.615  1.588   1.000 12.551 ? 156 LEU AAA N   1 ? 
ATOM   992  C  CA  . LEU A 1 117 ? 0.872   13.770  0.179   1.000 13.462 ? 156 LEU AAA CA  1 ? 
ATOM   993  C  C   . LEU A 1 117 ? -0.423  13.033  -0.138  1.000 12.478 ? 156 LEU AAA C   1 ? 
ATOM   994  O  O   . LEU A 1 117 ? -1.241  13.536  -0.928  1.000 13.310 ? 156 LEU AAA O   1 ? 
ATOM   995  C  CB  . LEU A 1 117 ? 2.046   13.281  -0.701  1.000 15.904 ? 156 LEU AAA CB  1 ? 
ATOM   996  C  CG  . LEU A 1 117 ? 3.286   14.174  -0.739  1.000 21.990 ? 156 LEU AAA CG  1 ? 
ATOM   997  C  CD1 . LEU A 1 117 ? 4.375   13.510  -1.564  1.000 27.195 ? 156 LEU AAA CD1 1 ? 
ATOM   998  C  CD2 . LEU A 1 117 ? 3.005   15.542  -1.340  1.000 26.750 ? 156 LEU AAA CD2 1 ? 
ATOM   999  N  N   . PHE A 1 118 ? -0.505  11.790  0.337   1.000 12.077 ? 157 PHE AAA N   1 ? 
ATOM   1000 C  CA  . PHE A 1 118 ? -1.700  10.993  0.115   1.000 11.536 ? 157 PHE AAA CA  1 ? 
ATOM   1001 C  C   . PHE A 1 118 ? -2.953  11.747  0.543   1.000 11.407 ? 157 PHE AAA C   1 ? 
ATOM   1002 O  O   . PHE A 1 118 ? -3.919  11.753  -0.231  1.000 13.100 ? 157 PHE AAA O   1 ? 
ATOM   1003 C  CB  . PHE A 1 118 ? -1.540  9.651   0.856   1.000 11.640 ? 157 PHE AAA CB  1 ? 
ATOM   1004 C  CG  . PHE A 1 118 ? -2.741  8.745   0.762   1.000 12.504 ? 157 PHE AAA CG  1 ? 
ATOM   1005 C  CD1 . PHE A 1 118 ? -2.991  8.057   -0.402  1.000 12.785 ? 157 PHE AAA CD1 1 ? 
ATOM   1006 C  CD2 . PHE A 1 118 ? -3.583  8.579   1.855   1.000 15.268 ? 157 PHE AAA CD2 1 ? 
ATOM   1007 C  CE1 . PHE A 1 118 ? -4.093  7.203   -0.479  1.000 13.952 ? 157 PHE AAA CE1 1 ? 
ATOM   1008 C  CE2 . PHE A 1 118 ? -4.659  7.699   1.783   1.000 17.446 ? 157 PHE AAA CE2 1 ? 
ATOM   1009 C  CZ  . PHE A 1 118 ? -4.901  7.045   0.602   1.000 17.557 ? 157 PHE AAA CZ  1 ? 
ATOM   1010 N  N   . LEU A 1 119 ? -2.961  12.273  1.757   1.000 12.181 ? 158 LEU AAA N   1 ? 
ATOM   1011 C  CA  . LEU A 1 119 ? -4.139  12.971  2.278   1.000 14.272 ? 158 LEU AAA CA  1 ? 
ATOM   1012 C  C   . LEU A 1 119 ? -4.540  14.142  1.369   1.000 13.056 ? 158 LEU AAA C   1 ? 
ATOM   1013 O  O   . LEU A 1 119 ? -5.739  14.357  1.065   1.000 14.006 ? 158 LEU AAA O   1 ? 
ATOM   1014 C  CB  . LEU A 1 119 ? -3.896  13.398  3.729   1.000 17.305 ? 158 LEU AAA CB  1 ? 
ATOM   1015 C  CG  . LEU A 1 119 ? -5.016  14.183  4.429   1.000 21.606 ? 158 LEU AAA CG  1 ? 
ATOM   1016 C  CD1 . LEU A 1 119 ? -6.325  13.403  4.359   1.000 23.559 ? 158 LEU AAA CD1 1 ? 
ATOM   1017 C  CD2 . LEU A 1 119 ? -4.627  14.490  5.882   1.000 23.925 ? 158 LEU AAA CD2 1 ? 
ATOM   1018 N  N   . GLN A 1 120 ? -3.547  14.906  0.926   1.000 12.444 ? 159 GLN AAA N   1 ? 
ATOM   1019 C  CA  . GLN A 1 120 ? -3.805  16.068  0.070   1.000 14.118 ? 159 GLN AAA CA  1 ? 
ATOM   1020 C  C   . GLN A 1 120 ? -4.521  15.564  -1.178  1.000 14.579 ? 159 GLN AAA C   1 ? 
ATOM   1021 O  O   . GLN A 1 120 ? -5.533  16.159  -1.602  1.000 16.131 ? 159 GLN AAA O   1 ? 
ATOM   1022 C  CB  . GLN A 1 120 ? -2.485  16.675  -0.404  1.000 17.428 ? 159 GLN AAA CB  1 ? 
ATOM   1023 C  CG  . GLN A 1 120 ? -1.549  17.330  0.604   1.000 25.755 ? 159 GLN AAA CG  1 ? 
ATOM   1024 C  CD  . GLN A 1 120 ? -0.296  17.868  -0.061  0.500 24.209 ? 159 GLN AAA CD  1 ? 
ATOM   1025 O  OE1 . GLN A 1 120 ? -0.180  17.960  -1.291  0.500 27.265 ? 159 GLN AAA OE1 1 ? 
ATOM   1026 N  NE2 . GLN A 1 120 ? 0.682   18.226  0.756   0.500 27.160 ? 159 GLN AAA NE2 1 ? 
ATOM   1027 N  N   . LYS A 1 121 ? -3.991  14.497  -1.793  1.000 13.793 ? 160 LYS AAA N   1 ? 
ATOM   1028 C  CA  . LYS A 1 121 ? -4.593  13.965  -3.014  1.000 15.391 ? 160 LYS AAA CA  1 ? 
ATOM   1029 C  C   . LYS A 1 121 ? -5.968  13.368  -2.771  1.000 14.598 ? 160 LYS AAA C   1 ? 
ATOM   1030 O  O   . LYS A 1 121 ? -6.854  13.528  -3.629  1.000 15.849 ? 160 LYS AAA O   1 ? 
ATOM   1031 C  CB  . LYS A 1 121 ? -3.669  12.959  -3.715  1.000 16.559 ? 160 LYS AAA CB  1 ? 
ATOM   1032 C  CG  . LYS A 1 121 ? -2.299  13.494  -4.077  1.000 20.092 ? 160 LYS AAA CG  1 ? 
ATOM   1033 C  CD  . LYS A 1 121 ? -2.430  14.695  -4.985  1.000 24.032 ? 160 LYS AAA CD  1 ? 
ATOM   1034 C  CE  . LYS A 1 121 ? -1.149  14.942  -5.742  1.000 27.336 ? 160 LYS AAA CE  1 ? 
ATOM   1035 N  NZ  . LYS A 1 121 ? -1.081  16.359  -6.166  1.000 31.534 ? 160 LYS AAA NZ  1 ? 
ATOM   1036 N  N   . ILE A 1 122 ? -6.188  12.662  -1.655  1.000 13.866 ? 161 ILE AAA N   1 ? 
ATOM   1037 C  CA  . ILE A 1 122 ? -7.488  12.027  -1.431  1.000 14.510 ? 161 ILE AAA CA  1 ? 
ATOM   1038 C  C   . ILE A 1 122 ? -8.555  13.062  -1.088  1.000 14.034 ? 161 ILE AAA C   1 ? 
ATOM   1039 O  O   . ILE A 1 122 ? -9.735  12.856  -1.377  1.000 14.847 ? 161 ILE AAA O   1 ? 
ATOM   1040 C  CB  . ILE A 1 122 ? -7.402  10.932  -0.349  1.000 17.263 ? 161 ILE AAA CB  1 ? 
ATOM   1041 C  CG1 . ILE A 1 122 ? -6.629  9.717   -0.868  1.000 20.601 ? 161 ILE AAA CG1 1 ? 
ATOM   1042 C  CG2 . ILE A 1 122 ? -8.803  10.535  0.141   1.000 22.163 ? 161 ILE AAA CG2 1 ? 
ATOM   1043 C  CD1 . ILE A 1 122 ? -7.231  9.109   -2.116  1.000 19.808 ? 161 ILE AAA CD1 1 ? 
ATOM   1044 N  N   . ASN A 1 123 ? -8.160  14.194  -0.498  1.000 14.504 ? 162 ASN AAA N   1 ? 
ATOM   1045 C  CA  . ASN A 1 123 ? -9.095  15.287  -0.267  1.000 16.142 ? 162 ASN AAA CA  1 ? 
ATOM   1046 C  C   . ASN A 1 123 ? -9.673  15.787  -1.586  1.000 16.303 ? 162 ASN AAA C   1 ? 
ATOM   1047 O  O   . ASN A 1 123 ? -10.788 16.324  -1.590  1.000 17.271 ? 162 ASN AAA O   1 ? 
ATOM   1048 C  CB  . ASN A 1 123 ? -8.448  16.403  0.575   1.000 18.173 ? 162 ASN AAA CB  1 ? 
ATOM   1049 C  CG  . ASN A 1 123 ? -8.327  16.024  2.043   1.000 17.835 ? 162 ASN AAA CG  1 ? 
ATOM   1050 O  OD1 . ASN A 1 123 ? -8.970  15.105  2.536   1.000 22.075 ? 162 ASN AAA OD1 1 ? 
ATOM   1051 N  ND2 . ASN A 1 123 ? -7.517  16.763  2.780   1.000 21.323 ? 162 ASN AAA ND2 1 ? 
ATOM   1052 N  N   . GLU A 1 124 ? -8.955  15.610  -2.694  1.000 15.524 ? 163 GLU AAA N   1 ? 
ATOM   1053 C  CA  . GLU A 1 124 ? -9.384  16.001  -4.026  1.000 17.354 ? 163 GLU AAA CA  1 ? 
ATOM   1054 C  C   . GLU A 1 124 ? -9.904  14.830  -4.866  1.000 17.099 ? 163 GLU AAA C   1 ? 
ATOM   1055 O  O   . GLU A 1 124 ? -10.101 14.929  -6.077  1.000 19.723 ? 163 GLU AAA O   1 ? 
ATOM   1056 C  CB  . GLU A 1 124 ? -8.232  16.694  -4.755  1.000 18.833 ? 163 GLU AAA CB  1 ? 
ATOM   1057 C  CG  . GLU A 1 124 ? -7.969  18.086  -4.139  1.000 22.021 ? 163 GLU AAA CG  1 ? 
ATOM   1058 C  CD  . GLU A 1 124 ? -8.972  19.199  -4.430  1.000 22.853 ? 163 GLU AAA CD  1 ? 
ATOM   1059 O  OE1 . GLU A 1 124 ? -10.011 18.949  -5.069  1.000 23.479 ? 163 GLU AAA OE1 1 ? 
ATOM   1060 O  OE2 . GLU A 1 124 ? -8.685  20.363  -4.029  1.000 27.109 ? 163 GLU AAA OE2 1 ? 
ATOM   1061 N  N   . LEU A 1 125 ? -10.120 13.666  -4.237  1.000 15.034 ? 164 LEU AAA N   1 ? 
ATOM   1062 C  CA  . LEU A 1 125 ? -10.643 12.527  -4.967  1.000 16.258 ? 164 LEU AAA CA  1 ? 
ATOM   1063 C  C   . LEU A 1 125 ? -11.911 13.008  -5.642  1.000 15.701 ? 164 LEU AAA C   1 ? 
ATOM   1064 O  O   . LEU A 1 125 ? -12.810 13.509  -4.976  1.000 15.698 ? 164 LEU AAA O   1 ? 
ATOM   1065 C  CB  . LEU A 1 125 ? -10.920 11.383  -4.002  1.000 16.108 ? 164 LEU AAA CB  1 ? 
ATOM   1066 C  CG  . LEU A 1 125 ? -11.483 10.099  -4.617  1.000 13.992 ? 164 LEU AAA CG  1 ? 
ATOM   1067 C  CD1 . LEU A 1 125 ? -10.328 9.340   -5.286  1.000 16.301 ? 164 LEU AAA CD1 1 ? 
ATOM   1068 C  CD2 . LEU A 1 125 ? -12.130 9.242   -3.525  1.000 16.224 ? 164 LEU AAA CD2 1 ? 
ATOM   1069 N  N   . PRO A 1 126 ? -12.060 12.823  -6.969  1.000 16.268 ? 165 PRO AAA N   1 ? 
ATOM   1070 C  CA  . PRO A 1 126 ? -13.197 13.370  -7.670  1.000 17.573 ? 165 PRO AAA CA  1 ? 
ATOM   1071 C  C   . PRO A 1 126 ? -14.481 12.663  -7.300  1.000 15.913 ? 165 PRO AAA C   1 ? 
ATOM   1072 O  O   . PRO A 1 126 ? -14.570 11.470  -6.933  1.000 16.068 ? 165 PRO AAA O   1 ? 
ATOM   1073 C  CB  . PRO A 1 126 ? -12.911 13.118  -9.156  1.000 19.299 ? 165 PRO AAA CB  1 ? 
ATOM   1074 C  CG  . PRO A 1 126 ? -12.081 11.882  -9.100  1.000 22.568 ? 165 PRO AAA CG  1 ? 
ATOM   1075 C  CD  . PRO A 1 126 ? -11.179 12.084  -7.893  1.000 20.056 ? 165 PRO AAA CD  1 ? 
ATOM   1076 N  N   . THR A 1 127 ? -15.555 13.462  -7.413  1.000 17.874 ? 166 THR AAA N   1 ? 
ATOM   1077 C  CA  . THR A 1 127 ? -16.889 12.923  -7.242  1.000 18.019 ? 166 THR AAA CA  1 ? 
ATOM   1078 C  C   . THR A 1 127 ? -17.037 11.741  -8.205  1.000 18.866 ? 166 THR AAA C   1 ? 
ATOM   1079 O  O   . THR A 1 127 ? -16.605 11.804  -9.354  1.000 20.256 ? 166 THR AAA O   1 ? 
ATOM   1080 C  CB  . THR A 1 127 ? -17.925 13.983  -7.633  1.000 20.664 ? 166 THR AAA CB  1 ? 
ATOM   1081 O  OG1 . THR A 1 127 ? -17.615 15.130  -6.841  1.000 21.961 ? 166 THR AAA OG1 1 ? 
ATOM   1082 C  CG2 . THR A 1 127 ? -19.347 13.487  -7.472  1.000 22.454 ? 166 THR AAA CG2 1 ? 
ATOM   1083 N  N   . GLU A 1 128 ? -17.590 10.641  -7.711  1.000 19.471 ? 167 GLU AAA N   1 ? 
ATOM   1084 C  CA  . GLU A 1 128 ? -17.794 9.471   -8.560  1.000 22.787 ? 167 GLU AAA CA  1 ? 
ATOM   1085 C  C   . GLU A 1 128 ? -18.792 9.784   -9.672  1.000 27.038 ? 167 GLU AAA C   1 ? 
ATOM   1086 O  O   . GLU A 1 128 ? -19.860 10.329  -9.419  1.000 31.862 ? 167 GLU AAA O   1 ? 
ATOM   1087 C  CB  . GLU A 1 128 ? -18.262 8.267   -7.739  1.000 26.273 ? 167 GLU AAA CB  1 ? 
ATOM   1088 C  CG  . GLU A 1 128 ? -18.434 6.989   -8.551  1.000 32.393 ? 167 GLU AAA CG  1 ? 
ATOM   1089 C  CD  . GLU A 1 128 ? -18.761 5.815   -7.655  1.000 35.817 ? 167 GLU AAA CD  1 ? 
ATOM   1090 O  OE1 . GLU A 1 128 ? -19.241 6.071   -6.521  1.000 39.525 ? 167 GLU AAA OE1 1 ? 
ATOM   1091 O  OE2 . GLU A 1 128 ? -18.532 4.663   -8.072  1.000 37.643 ? 167 GLU AAA OE2 1 ? 
ATOM   1092 N  N   . GLU A 1 129 ? -18.454 9.443   -10.917 1.000 28.654 ? 168 GLU AAA N   1 ? 
ATOM   1093 C  CA  . GLU A 1 129 ? -19.444 9.699   -11.946 1.000 33.910 ? 168 GLU AAA CA  1 ? 
ATOM   1094 C  C   . GLU A 1 129 ? -19.760 8.373   -12.628 1.000 40.696 ? 168 GLU AAA C   1 ? 
ATOM   1095 O  O   . GLU A 1 129 ? -19.227 7.322   -12.232 1.000 42.123 ? 168 GLU AAA O   1 ? 
ATOM   1096 C  CB  . GLU A 1 129 ? -18.984 10.814  -12.879 1.000 40.381 ? 168 GLU AAA CB  1 ? 
ATOM   1097 C  CG  . GLU A 1 129 ? -18.077 10.304  -13.978 1.000 46.048 ? 168 GLU AAA CG  1 ? 
ATOM   1098 C  CD  . GLU A 1 129 ? -16.874 11.188  -14.217 1.000 48.271 ? 168 GLU AAA CD  1 ? 
ATOM   1099 O  OE1 . GLU A 1 129 ? -16.846 12.318  -13.660 1.000 54.478 ? 168 GLU AAA OE1 1 ? 
ATOM   1100 O  OE2 . GLU A 1 129 ? -15.962 10.742  -14.945 1.000 51.401 ? 168 GLU AAA OE2 1 ? 
ATOM   1101 O  OXT . GLU A 1 129 ? -20.575 8.381   -13.541 1.000 41.955 ? 168 GLU AAA OXT 1 ? 
HETATM 1102 C  C1  . GOL B 2 .   ? -1.297  -3.414  11.546  1.000 31.278 ? 201 GOL AAA C1  1 ? 
HETATM 1103 O  O1  . GOL B 2 .   ? -1.692  -2.787  10.325  1.000 37.589 ? 201 GOL AAA O1  1 ? 
HETATM 1104 C  C2  . GOL B 2 .   ? -1.258  -4.931  11.473  1.000 31.267 ? 201 GOL AAA C2  1 ? 
HETATM 1105 O  O2  . GOL B 2 .   ? -1.168  -5.463  10.146  1.000 19.724 ? 201 GOL AAA O2  1 ? 
HETATM 1106 C  C3  . GOL B 2 .   ? -2.226  -5.648  12.382  1.000 32.062 ? 201 GOL AAA C3  1 ? 
HETATM 1107 O  O3  . GOL B 2 .   ? -1.895  -7.031  12.524  1.000 24.932 ? 201 GOL AAA O3  1 ? 
HETATM 1108 C  C4  . UUS C 3 .   ? 9.767   -1.099  5.219   1.000 31.071 ? 202 UUS AAA C4  1 ? 
HETATM 1109 C  C5  . UUS C 3 .   ? 8.537   -0.472  5.428   1.000 29.294 ? 202 UUS AAA C5  1 ? 
HETATM 1110 C  C6  . UUS C 3 .   ? 7.918   -0.528  6.639   1.000 30.791 ? 202 UUS AAA C6  1 ? 
HETATM 1111 N  N   . UUS C 3 .   ? 9.719   -1.885  7.435   1.000 25.299 ? 202 UUS AAA N   1 ? 
HETATM 1112 C  C   . UUS C 3 .   ? 8.523   -1.233  7.682   1.000 26.399 ? 202 UUS AAA C   1 ? 
HETATM 1113 O  O   . UUS C 3 .   ? 8.049   -1.342  8.768   1.000 19.690 ? 202 UUS AAA O   1 ? 
HETATM 1114 C  C1  . UUS C 3 .   ? 10.297  -2.599  8.594   1.000 24.908 ? 202 UUS AAA C1  1 ? 
HETATM 1115 C  C2  . UUS C 3 .   ? 11.312  -1.747  9.323   1.000 23.641 ? 202 UUS AAA C2  1 ? 
HETATM 1116 C  C3  . UUS C 3 .   ? 10.355  -1.810  6.224   1.000 24.801 ? 202 UUS AAA C3  1 ? 
HETATM 1117 O  O1  . UUS C 3 .   ? 12.457  -1.511  8.446   1.000 28.717 ? 202 UUS AAA O1  1 ? 
HETATM 1118 BR BR  . UUS C 3 .   ? 7.662   0.542   4.078   1.000 39.642 ? 202 UUS AAA BR  1 ? 
HETATM 1119 O  O   . HOH D 4 .   ? 17.614  -5.689  -1.741  1.000 28.001 ? 301 HOH AAA O   1 ? 
HETATM 1120 O  O   . HOH D 4 .   ? -10.475 18.913  -7.441  1.000 38.047 ? 302 HOH AAA O   1 ? 
HETATM 1121 O  O   . HOH D 4 .   ? 6.910   13.550  10.029  1.000 34.580 ? 303 HOH AAA O   1 ? 
HETATM 1122 O  O   . HOH D 4 .   ? 8.349   -16.946 -3.031  1.000 32.566 ? 304 HOH AAA O   1 ? 
HETATM 1123 O  O   . HOH D 4 .   ? 5.332   -1.824  8.199   1.000 18.789 ? 305 HOH AAA O   1 ? 
HETATM 1124 O  O   . HOH D 4 .   ? -3.239  6.503   6.634   1.000 37.503 ? 306 HOH AAA O   1 ? 
HETATM 1125 O  O   . HOH D 4 .   ? -9.050  2.551   6.564   1.000 37.028 ? 307 HOH AAA O   1 ? 
HETATM 1126 O  O   . HOH D 4 .   ? -2.251  7.060   9.517   1.000 31.264 ? 308 HOH AAA O   1 ? 
HETATM 1127 O  O   . HOH D 4 .   ? -16.168 -17.370 -11.298 1.000 36.502 ? 309 HOH AAA O   1 ? 
HETATM 1128 O  O   . HOH D 4 .   ? -20.634 3.203   -7.671  1.000 45.449 ? 310 HOH AAA O   1 ? 
HETATM 1129 O  O   . HOH D 4 .   ? -17.487 3.604   -5.945  1.000 21.981 ? 311 HOH AAA O   1 ? 
HETATM 1130 O  O   . HOH D 4 .   ? -9.287  3.788   4.704   1.000 34.303 ? 312 HOH AAA O   1 ? 
HETATM 1131 O  O   . HOH D 4 .   ? 9.446   -13.372 7.496   1.000 21.981 ? 313 HOH AAA O   1 ? 
HETATM 1132 O  O   . HOH D 4 .   ? -10.962 16.840  -7.633  1.000 43.680 ? 314 HOH AAA O   1 ? 
HETATM 1133 O  O   . HOH D 4 .   ? 16.587  -4.268  9.330   1.000 25.938 ? 315 HOH AAA O   1 ? 
HETATM 1134 O  O   . HOH D 4 .   ? 20.141  -9.648  4.614   1.000 25.409 ? 316 HOH AAA O   1 ? 
HETATM 1135 O  O   . HOH D 4 .   ? 5.444   -5.949  -5.547  1.000 32.241 ? 317 HOH AAA O   1 ? 
HETATM 1136 O  O   . HOH D 4 .   ? -5.816  16.358  -7.198  1.000 26.664 ? 318 HOH AAA O   1 ? 
HETATM 1137 O  O   . HOH D 4 .   ? 4.599   -3.114  17.326  1.000 29.696 ? 319 HOH AAA O   1 ? 
HETATM 1138 O  O   . HOH D 4 .   ? 5.366   7.679   -10.415 1.000 31.548 ? 320 HOH AAA O   1 ? 
HETATM 1139 O  O   . HOH D 4 .   ? 7.678   10.323  13.838  1.000 29.483 ? 321 HOH AAA O   1 ? 
HETATM 1140 O  O   . HOH D 4 .   ? 0.360   -5.723  15.831  1.000 38.721 ? 322 HOH AAA O   1 ? 
HETATM 1141 O  O   . HOH D 4 .   ? 9.695   -7.890  -1.289  1.000 19.450 ? 323 HOH AAA O   1 ? 
HETATM 1142 O  O   . HOH D 4 .   ? 17.686  10.411  10.655  1.000 14.692 ? 324 HOH AAA O   1 ? 
HETATM 1143 O  O   . HOH D 4 .   ? 5.308   4.683   15.324  1.000 17.985 ? 325 HOH AAA O   1 ? 
HETATM 1144 O  O   . HOH D 4 .   ? -5.296  -15.804 -10.440 1.000 34.157 ? 326 HOH AAA O   1 ? 
HETATM 1145 O  O   . HOH D 4 .   ? 12.716  -9.227  14.896  1.000 27.292 ? 327 HOH AAA O   1 ? 
HETATM 1146 O  O   . HOH D 4 .   ? 1.436   -10.852 2.654   1.000 14.921 ? 328 HOH AAA O   1 ? 
HETATM 1147 O  O   . HOH D 4 .   ? 15.137  9.046   12.631  1.000 28.136 ? 329 HOH AAA O   1 ? 
HETATM 1148 O  O   . HOH D 4 .   ? 19.471  -6.819  7.019   1.000 27.829 ? 330 HOH AAA O   1 ? 
HETATM 1149 O  O   . HOH D 4 .   ? -0.445  -14.266 -3.026  1.000 31.751 ? 331 HOH AAA O   1 ? 
HETATM 1150 O  O   . HOH D 4 .   ? 3.548   -4.041  5.444   1.000 18.015 ? 332 HOH AAA O   1 ? 
HETATM 1151 O  O   . HOH D 4 .   ? -0.043  -11.165 -5.411  1.000 22.595 ? 333 HOH AAA O   1 ? 
HETATM 1152 O  O   . HOH D 4 .   ? -15.019 -6.898  -5.754  1.000 17.880 ? 334 HOH AAA O   1 ? 
HETATM 1153 O  O   . HOH D 4 .   ? 4.684   -1.912  3.702   1.000 14.132 ? 335 HOH AAA O   1 ? 
HETATM 1154 O  O   . HOH D 4 .   ? -12.284 20.471  -5.076  1.000 27.638 ? 336 HOH AAA O   1 ? 
HETATM 1155 O  O   . HOH D 4 .   ? 1.534   -8.626  -3.867  1.000 30.242 ? 337 HOH AAA O   1 ? 
HETATM 1156 O  O   . HOH D 4 .   ? 12.689  1.417   11.985  1.000 25.300 ? 338 HOH AAA O   1 ? 
HETATM 1157 O  O   . HOH D 4 .   ? 5.378   1.668   17.538  1.000 31.874 ? 339 HOH AAA O   1 ? 
HETATM 1158 O  O   . HOH D 4 .   ? 12.244  13.939  0.945   1.000 32.507 ? 340 HOH AAA O   1 ? 
HETATM 1159 O  O   . HOH D 4 .   ? -16.113 13.856  -11.110 1.000 27.394 ? 341 HOH AAA O   1 ? 
HETATM 1160 O  O   . HOH D 4 .   ? -14.755 -6.529  -4.166  1.000 21.667 ? 342 HOH AAA O   1 ? 
HETATM 1161 O  O   . HOH D 4 .   ? 8.275   -2.541  -7.037  1.000 39.511 ? 343 HOH AAA O   1 ? 
HETATM 1162 O  O   . HOH D 4 .   ? -2.286  -8.640  3.759   1.000 22.106 ? 344 HOH AAA O   1 ? 
HETATM 1163 O  O   . HOH D 4 .   ? 17.601  4.583   8.118   1.000 27.020 ? 345 HOH AAA O   1 ? 
HETATM 1164 O  O   . HOH D 4 .   ? -19.554 16.112  -5.149  1.000 24.921 ? 346 HOH AAA O   1 ? 
HETATM 1165 O  O   . HOH D 4 .   ? 1.763   12.608  7.854   1.000 18.280 ? 347 HOH AAA O   1 ? 
HETATM 1166 O  O   . HOH D 4 .   ? -5.957  -3.278  3.333   1.000 18.966 ? 348 HOH AAA O   1 ? 
HETATM 1167 O  O   . HOH D 4 .   ? -1.872  16.496  3.994   1.000 21.140 ? 349 HOH AAA O   1 ? 
HETATM 1168 O  O   . HOH D 4 .   ? -4.058  8.441   5.584   1.000 32.915 ? 350 HOH AAA O   1 ? 
HETATM 1169 O  O   . HOH D 4 .   ? -13.190 12.057  -12.646 1.000 29.994 ? 351 HOH AAA O   1 ? 
HETATM 1170 O  O   . HOH D 4 .   ? -16.906 5.903   -12.760 1.000 22.507 ? 352 HOH AAA O   1 ? 
HETATM 1171 O  O   . HOH D 4 .   ? 10.965  -13.604 -0.101  1.000 49.342 ? 353 HOH AAA O   1 ? 
HETATM 1172 O  O   . HOH D 4 .   ? -10.389 10.093  -13.041 1.000 26.000 ? 354 HOH AAA O   1 ? 
HETATM 1173 O  O   . HOH D 4 .   ? 12.225  -0.300  -4.405  1.000 22.231 ? 355 HOH AAA O   1 ? 
HETATM 1174 O  O   . HOH D 4 .   ? 10.038  2.351   -10.095 1.000 36.698 ? 356 HOH AAA O   1 ? 
HETATM 1175 O  O   . HOH D 4 .   ? 10.132  -3.486  1.221   1.000 24.171 ? 357 HOH AAA O   1 ? 
HETATM 1176 O  O   . HOH D 4 .   ? -12.096 -17.271 -5.186  1.000 23.040 ? 358 HOH AAA O   1 ? 
HETATM 1177 O  O   . HOH D 4 .   ? -18.432 10.692  -5.058  1.000 27.412 ? 359 HOH AAA O   1 ? 
HETATM 1178 O  O   . HOH D 4 .   ? 1.597   -16.567 19.945  1.000 67.656 ? 360 HOH AAA O   1 ? 
HETATM 1179 O  O   . HOH D 4 .   ? 10.716  -2.163  3.339   1.000 27.004 ? 361 HOH AAA O   1 ? 
HETATM 1180 O  O   . HOH D 4 .   ? -9.731  -5.424  -1.815  1.000 19.814 ? 362 HOH AAA O   1 ? 
HETATM 1181 O  O   . HOH D 4 .   ? 7.832   13.290  7.699   1.000 22.977 ? 363 HOH AAA O   1 ? 
HETATM 1182 O  O   . HOH D 4 .   ? 5.099   15.290  2.158   1.000 19.066 ? 364 HOH AAA O   1 ? 
HETATM 1183 O  O   . HOH D 4 .   ? 16.399  -13.166 10.284  1.000 37.934 ? 365 HOH AAA O   1 ? 
HETATM 1184 O  O   . HOH D 4 .   ? 7.370   15.366  0.917   1.000 30.423 ? 366 HOH AAA O   1 ? 
HETATM 1185 O  O   . HOH D 4 .   ? 6.829   -2.138  2.111   1.000 13.893 ? 367 HOH AAA O   1 ? 
HETATM 1186 O  O   . HOH D 4 .   ? 17.191  -6.286  12.587  1.000 36.702 ? 368 HOH AAA O   1 ? 
HETATM 1187 O  O   . HOH D 4 .   ? 2.725   -6.487  1.631   1.000 12.692 ? 369 HOH AAA O   1 ? 
HETATM 1188 O  O   . HOH D 4 .   ? 7.812   -10.665 1.840   1.000 15.316 ? 370 HOH AAA O   1 ? 
HETATM 1189 O  O   . HOH D 4 .   ? 5.133   -11.157 1.078   1.000 15.759 ? 371 HOH AAA O   1 ? 
HETATM 1190 O  O   . HOH D 4 .   ? -14.939 4.307   -6.741  1.000 16.608 ? 372 HOH AAA O   1 ? 
HETATM 1191 O  O   . HOH D 4 .   ? -8.529  -3.590  -0.041  1.000 17.742 ? 373 HOH AAA O   1 ? 
HETATM 1192 O  O   . HOH D 4 .   ? 11.704  -5.420  1.742   1.000 24.734 ? 374 HOH AAA O   1 ? 
HETATM 1193 O  O   . HOH D 4 .   ? 4.466   -0.213  5.896   1.000 16.234 ? 375 HOH AAA O   1 ? 
HETATM 1194 O  O   . HOH D 4 .   ? -7.093  2.391   -11.693 1.000 25.737 ? 376 HOH AAA O   1 ? 
HETATM 1195 O  O   . HOH D 4 .   ? 10.839  -3.520  -6.003  1.000 37.971 ? 377 HOH AAA O   1 ? 
HETATM 1196 O  O   . HOH D 4 .   ? 4.152   -3.360  -8.594  1.000 27.347 ? 378 HOH AAA O   1 ? 
HETATM 1197 O  O   . HOH D 4 .   ? 15.818  5.476   12.181  1.000 25.725 ? 379 HOH AAA O   1 ? 
HETATM 1198 O  O   . HOH D 4 .   ? 1.338   -14.617 15.374  1.000 41.446 ? 380 HOH AAA O   1 ? 
HETATM 1199 O  O   . HOH D 4 .   ? 11.727  9.073   -8.320  1.000 31.663 ? 381 HOH AAA O   1 ? 
HETATM 1200 O  O   . HOH D 4 .   ? -6.797  -8.394  -10.583 1.000 18.837 ? 382 HOH AAA O   1 ? 
HETATM 1201 O  O   . HOH D 4 .   ? 13.129  11.618  14.533  1.000 32.273 ? 383 HOH AAA O   1 ? 
HETATM 1202 O  O   . HOH D 4 .   ? 0.584   5.573   -12.185 1.000 29.343 ? 384 HOH AAA O   1 ? 
HETATM 1203 O  O   . HOH D 4 .   ? -9.673  -8.076  -1.545  1.000 24.210 ? 385 HOH AAA O   1 ? 
HETATM 1204 O  O   . HOH D 4 .   ? 3.167   -7.363  -4.741  1.000 26.637 ? 386 HOH AAA O   1 ? 
HETATM 1205 O  O   . HOH D 4 .   ? 10.869  6.821   -5.808  1.000 25.835 ? 387 HOH AAA O   1 ? 
HETATM 1206 O  O   . HOH D 4 .   ? 8.883   -15.108 -0.538  1.000 26.499 ? 388 HOH AAA O   1 ? 
HETATM 1207 O  O   . HOH D 4 .   ? 13.733  3.279   10.140  1.000 18.201 ? 389 HOH AAA O   1 ? 
HETATM 1208 O  O   . HOH D 4 .   ? -13.355 -6.148  -0.988  1.000 30.793 ? 390 HOH AAA O   1 ? 
HETATM 1209 O  O   . HOH D 4 .   ? -16.453 8.927   -2.846  1.000 32.209 ? 391 HOH AAA O   1 ? 
HETATM 1210 O  O   . HOH D 4 .   ? -7.605  8.064   4.315   1.000 26.956 ? 392 HOH AAA O   1 ? 
HETATM 1211 O  O   . HOH D 4 .   ? 4.730   -5.581  3.293   1.000 17.782 ? 393 HOH AAA O   1 ? 
HETATM 1212 O  O   . HOH D 4 .   ? 9.323   -13.396 -4.495  1.000 43.924 ? 394 HOH AAA O   1 ? 
HETATM 1213 O  O   . HOH D 4 .   ? 6.579   -14.088 -0.671  1.000 26.895 ? 395 HOH AAA O   1 ? 
HETATM 1214 O  O   . HOH D 4 .   ? -16.202 -0.648  0.135   1.000 27.816 ? 396 HOH AAA O   1 ? 
HETATM 1215 O  O   . HOH D 4 .   ? -6.316  -7.091  0.798   1.000 28.758 ? 397 HOH AAA O   1 ? 
HETATM 1216 O  O   . HOH D 4 .   ? 13.946  -12.812 9.475   1.000 27.095 ? 398 HOH AAA O   1 ? 
HETATM 1217 O  O   . HOH D 4 .   ? 8.354   -12.346 9.957   1.000 19.615 ? 399 HOH AAA O   1 ? 
HETATM 1218 O  O   . HOH D 4 .   ? -2.863  -13.091 -6.483  1.000 22.918 ? 400 HOH AAA O   1 ? 
HETATM 1219 O  O   . HOH D 4 .   ? 11.249  4.581   -7.852  1.000 32.849 ? 401 HOH AAA O   1 ? 
HETATM 1220 O  O   . HOH D 4 .   ? -1.690  -13.248 1.217   1.000 17.996 ? 402 HOH AAA O   1 ? 
HETATM 1221 O  O   . HOH D 4 .   ? -8.912  -8.061  -13.547 1.000 32.287 ? 403 HOH AAA O   1 ? 
HETATM 1222 O  O   . HOH D 4 .   ? 12.307  6.292   -3.492  1.000 21.072 ? 404 HOH AAA O   1 ? 
HETATM 1223 O  O   . HOH D 4 .   ? -15.508 3.682   -2.662  1.000 18.431 ? 405 HOH AAA O   1 ? 
HETATM 1224 O  O   . HOH D 4 .   ? -1.296  -10.676 -10.473 1.000 41.904 ? 406 HOH AAA O   1 ? 
HETATM 1225 O  O   . HOH D 4 .   ? 10.380  13.643  -3.340  1.000 23.961 ? 407 HOH AAA O   1 ? 
HETATM 1226 O  O   . HOH D 4 .   ? -5.628  1.332   8.889   1.000 34.931 ? 408 HOH AAA O   1 ? 
HETATM 1227 O  O   . HOH D 4 .   ? 3.520   17.390  1.106   1.000 29.158 ? 409 HOH AAA O   1 ? 
HETATM 1228 O  O   . HOH D 4 .   ? -9.585  22.381  -6.049  1.000 41.539 ? 410 HOH AAA O   1 ? 
HETATM 1229 O  O   . HOH D 4 .   ? -21.109 -0.457  -5.691  1.000 15.933 ? 411 HOH AAA O   1 ? 
HETATM 1230 O  O   . HOH D 4 .   ? -12.272 0.257   4.002   1.000 33.453 ? 412 HOH AAA O   1 ? 
HETATM 1231 O  O   . HOH D 4 .   ? -4.989  -10.606 0.086   1.000 24.230 ? 413 HOH AAA O   1 ? 
HETATM 1232 O  O   . HOH D 4 .   ? -9.377  -17.928 -7.969  1.000 31.893 ? 414 HOH AAA O   1 ? 
HETATM 1233 O  O   . HOH D 4 .   ? -11.081 -12.357 -3.113  1.000 28.846 ? 415 HOH AAA O   1 ? 
HETATM 1234 O  O   . HOH D 4 .   ? -3.659  4.928   8.240   1.000 33.389 ? 416 HOH AAA O   1 ? 
HETATM 1235 O  O   . HOH D 4 .   ? 9.447   13.279  -6.777  1.000 25.743 ? 417 HOH AAA O   1 ? 
HETATM 1236 O  O   . HOH D 4 .   ? -0.328  16.613  -9.155  1.000 27.380 ? 418 HOH AAA O   1 ? 
HETATM 1237 O  O   . HOH D 4 .   ? 6.125   18.680  4.363   1.000 35.890 ? 419 HOH AAA O   1 ? 
HETATM 1238 O  O   . HOH D 4 .   ? -7.417  16.857  5.899   1.000 31.517 ? 420 HOH AAA O   1 ? 
HETATM 1239 O  O   . HOH D 4 .   ? -15.777 -1.567  -15.537 1.000 27.226 ? 421 HOH AAA O   1 ? 
HETATM 1240 O  O   . HOH D 4 .   ? 3.637   -9.178  2.231   1.000 15.320 ? 422 HOH AAA O   1 ? 
HETATM 1241 O  O   . HOH D 4 .   ? -10.159 6.325   4.777   1.000 37.889 ? 423 HOH AAA O   1 ? 
HETATM 1242 O  O   . HOH D 4 .   ? -4.443  17.353  3.637   1.000 30.519 ? 424 HOH AAA O   1 ? 
HETATM 1243 O  O   . HOH D 4 .   ? 10.895  14.911  -0.691  1.000 51.841 ? 425 HOH AAA O   1 ? 
HETATM 1244 O  O   . HOH D 4 .   ? 2.278   -9.680  -5.801  1.000 28.736 ? 426 HOH AAA O   1 ? 
HETATM 1245 O  O   . HOH D 4 .   ? -0.734  13.382  7.064   1.000 23.171 ? 427 HOH AAA O   1 ? 
HETATM 1246 O  O   . HOH D 4 .   ? 5.642   14.923  6.689   1.000 24.460 ? 428 HOH AAA O   1 ? 
HETATM 1247 O  O   . HOH D 4 .   ? -18.688 2.734   -3.258  1.000 30.407 ? 429 HOH AAA O   1 ? 
HETATM 1248 O  O   . HOH D 4 .   ? 3.531   -3.843  -11.054 1.000 42.140 ? 430 HOH AAA O   1 ? 
HETATM 1249 O  O   . HOH D 4 .   ? -4.689  -14.871 -1.797  1.000 25.119 ? 431 HOH AAA O   1 ? 
HETATM 1250 O  O   . HOH D 4 .   ? -11.915 -3.727  -14.253 1.000 31.584 ? 432 HOH AAA O   1 ? 
HETATM 1251 O  O   . HOH D 4 .   ? 3.088   14.964  8.196   1.000 25.382 ? 433 HOH AAA O   1 ? 
HETATM 1252 O  O   . HOH D 4 .   ? -0.831  -13.667 -8.228  1.000 32.499 ? 434 HOH AAA O   1 ? 
HETATM 1253 O  O   . HOH D 4 .   ? -4.110  -15.494 -5.070  1.000 39.043 ? 435 HOH AAA O   1 ? 
HETATM 1254 O  O   . HOH D 4 .   ? 11.722  -14.155 8.802   1.000 20.866 ? 436 HOH AAA O   1 ? 
HETATM 1255 O  O   . HOH D 4 .   ? -21.600 2.264   -5.774  1.000 38.501 ? 437 HOH AAA O   1 ? 
HETATM 1256 O  O   . HOH D 4 .   ? -8.768  -3.346  4.073   1.000 33.433 ? 438 HOH AAA O   1 ? 
HETATM 1257 O  O   . HOH D 4 .   ? -22.330 5.738   -9.127  1.000 39.084 ? 439 HOH AAA O   1 ? 
HETATM 1258 O  O   . HOH D 4 .   ? -5.497  -6.090  3.285   1.000 29.240 ? 440 HOH AAA O   1 ? 
HETATM 1259 O  O   . HOH D 4 .   ? 2.696   -10.262 -9.731  1.000 50.232 ? 441 HOH AAA O   1 ? 
HETATM 1260 O  O   . HOH D 4 .   ? -7.936  16.955  -8.878  1.000 39.243 ? 442 HOH AAA O   1 ? 
HETATM 1261 O  O   . HOH D 4 .   ? 5.169   -20.453 1.870   1.000 35.155 ? 443 HOH AAA O   1 ? 
HETATM 1262 O  O   . HOH D 4 .   ? 11.748  11.369  -9.977  1.000 28.396 ? 444 HOH AAA O   1 ? 
HETATM 1263 O  O   . HOH D 4 .   ? 6.351   -11.280 -1.325  1.000 24.987 ? 445 HOH AAA O   1 ? 
HETATM 1264 O  O   . HOH D 4 .   ? 9.125   -10.467 -0.568  1.000 24.521 ? 446 HOH AAA O   1 ? 
HETATM 1265 O  O   . HOH D 4 .   ? 3.607   4.630   -10.799 1.000 34.818 ? 447 HOH AAA O   1 ? 
HETATM 1266 O  O   . HOH D 4 .   ? 6.341   16.043  4.521   1.000 23.842 ? 448 HOH AAA O   1 ? 
HETATM 1267 O  O   . HOH D 4 .   ? 9.075   -8.233  -4.109  1.000 37.166 ? 449 HOH AAA O   1 ? 
HETATM 1268 O  O   . HOH D 4 .   ? 12.149  13.753  7.134   1.000 24.490 ? 450 HOH AAA O   1 ? 
HETATM 1269 O  O   . HOH D 4 .   ? 5.886   -10.394 -3.858  1.000 32.435 ? 451 HOH AAA O   1 ? 
HETATM 1270 O  O   . HOH D 4 .   ? 9.226   15.426  4.541   1.000 31.564 ? 452 HOH AAA O   1 ? 
# 
